data_1X1S
# 
_entry.id   1X1S 
# 
_audit_conform.dict_name       mmcif_pdbx.dic 
_audit_conform.dict_version    5.380 
_audit_conform.dict_location   http://mmcif.pdb.org/dictionaries/ascii/mmcif_pdbx.dic 
# 
loop_
_database_2.database_id 
_database_2.database_code 
_database_2.pdbx_database_accession 
_database_2.pdbx_DOI 
PDB   1X1S         pdb_00001x1s 10.2210/pdb1x1s/pdb 
RCSB  RCSB024270   ?            ?                   
WWPDB D_1000024270 ?            ?                   
# 
_pdbx_database_related.db_name        PDB 
_pdbx_database_related.db_id          1X1R 
_pdbx_database_related.details        'crystal structure of the same protein complexed with GDP' 
_pdbx_database_related.content_type   unspecified 
# 
_pdbx_database_status.status_code                     REL 
_pdbx_database_status.entry_id                        1X1S 
_pdbx_database_status.recvd_initial_deposition_date   2005-04-13 
_pdbx_database_status.deposit_site                    PDBJ 
_pdbx_database_status.process_site                    PDBJ 
_pdbx_database_status.status_code_sf                  REL 
_pdbx_database_status.status_code_mr                  ? 
_pdbx_database_status.SG_entry                        ? 
_pdbx_database_status.pdb_format_compatible           Y 
_pdbx_database_status.status_code_cs                  ? 
_pdbx_database_status.status_code_nmr_data            ? 
_pdbx_database_status.methods_development_category    ? 
# 
loop_
_audit_author.name 
_audit_author.pdbx_ordinal 
'Ye, M.'       1  
'Shima, F.'    2  
'Muraoka, S.'  3  
'Liao, J.'     4  
'Okamoto, H.'  5  
'Yamamoto, M.' 6  
'Tamura, A.'   7  
'Yagi, N.'     8  
'Ueki, T.'     9  
'Kataoka, T.'  10 
# 
_citation.id                        primary 
_citation.title                     
;Crystal Structure of M-Ras Reveals a GTP-bound "Off" State Conformation of Ras Family Small GTPases
;
_citation.journal_abbrev            J.Biol.Chem. 
_citation.journal_volume            280 
_citation.page_first                31267 
_citation.page_last                 31275 
_citation.year                      2005 
_citation.journal_id_ASTM           JBCHA3 
_citation.country                   US 
_citation.journal_id_ISSN           0021-9258 
_citation.journal_id_CSD            0071 
_citation.book_publisher            ? 
_citation.pdbx_database_id_PubMed   15994326 
_citation.pdbx_database_id_DOI      10.1074/jbc.M505503200 
# 
loop_
_citation_author.citation_id 
_citation_author.name 
_citation_author.ordinal 
_citation_author.identifier_ORCID 
primary 'Ye, M.'       1  ? 
primary 'Shima, F.'    2  ? 
primary 'Muraoka, S.'  3  ? 
primary 'Liao, J.'     4  ? 
primary 'Okamoto, H.'  5  ? 
primary 'Yamamoto, M.' 6  ? 
primary 'Tamura, A.'   7  ? 
primary 'Yagi, N.'     8  ? 
primary 'Ueki, T.'     9  ? 
primary 'Kataoka, T.'  10 ? 
# 
_cell.entry_id           1X1S 
_cell.length_a           109.711 
_cell.length_b           109.711 
_cell.length_c           69.426 
_cell.angle_alpha        90.00 
_cell.angle_beta         90.00 
_cell.angle_gamma        120.00 
_cell.Z_PDB              12 
_cell.pdbx_unique_axis   ? 
# 
_symmetry.entry_id                         1X1S 
_symmetry.space_group_name_H-M             'P 6 2 2' 
_symmetry.pdbx_full_space_group_name_H-M   ? 
_symmetry.cell_setting                     ? 
_symmetry.Int_Tables_number                177 
_symmetry.space_group_name_Hall            ? 
# 
loop_
_entity.id 
_entity.type 
_entity.src_method 
_entity.pdbx_description 
_entity.formula_weight 
_entity.pdbx_number_of_molecules 
_entity.pdbx_ec 
_entity.pdbx_mutation 
_entity.pdbx_fragment 
_entity.details 
1 polymer     man 'Ras-related protein M-Ras'                   20425.275 1  ? ? 'Residues 1-178' ? 
2 non-polymer syn 'MAGNESIUM ION'                               24.305    1  ? ? ?                ? 
3 non-polymer syn 'PHOSPHOAMINOPHOSPHONIC ACID-GUANYLATE ESTER' 522.196   1  ? ? ?                ? 
4 water       nat water                                         18.015    98 ? ? ?                ? 
# 
_entity_name_com.entity_id   1 
_entity_name_com.name        'Ras-related protein R-Ras3, Muscle and microspikes Ras, X-Ras, GTPase' 
# 
_entity_poly.entity_id                      1 
_entity_poly.type                           'polypeptide(L)' 
_entity_poly.nstd_linkage                   no 
_entity_poly.nstd_monomer                   no 
_entity_poly.pdbx_seq_one_letter_code       
;MATSAVPSENLPTYKLVVVGDGGVGKSALTIQFFQKIFVPDYDPTIEDSYLKHTEIDNQWAILDVLDTAGQEEFSAMREQ
YMRTGDGFLIVYSVTDKASFEHVDRFHQLILRVKDRESFPMILVANKVDLMHLRKVTRDQGKEMATKYNIPYIETSAKDP
PLNVDKTFHDLVRVIRQQ
;
_entity_poly.pdbx_seq_one_letter_code_can   
;MATSAVPSENLPTYKLVVVGDGGVGKSALTIQFFQKIFVPDYDPTIEDSYLKHTEIDNQWAILDVLDTAGQEEFSAMREQ
YMRTGDGFLIVYSVTDKASFEHVDRFHQLILRVKDRESFPMILVANKVDLMHLRKVTRDQGKEMATKYNIPYIETSAKDP
PLNVDKTFHDLVRVIRQQ
;
_entity_poly.pdbx_strand_id                 A 
_entity_poly.pdbx_target_identifier         ? 
# 
loop_
_entity_poly_seq.entity_id 
_entity_poly_seq.num 
_entity_poly_seq.mon_id 
_entity_poly_seq.hetero 
1 1   MET n 
1 2   ALA n 
1 3   THR n 
1 4   SER n 
1 5   ALA n 
1 6   VAL n 
1 7   PRO n 
1 8   SER n 
1 9   GLU n 
1 10  ASN n 
1 11  LEU n 
1 12  PRO n 
1 13  THR n 
1 14  TYR n 
1 15  LYS n 
1 16  LEU n 
1 17  VAL n 
1 18  VAL n 
1 19  VAL n 
1 20  GLY n 
1 21  ASP n 
1 22  GLY n 
1 23  GLY n 
1 24  VAL n 
1 25  GLY n 
1 26  LYS n 
1 27  SER n 
1 28  ALA n 
1 29  LEU n 
1 30  THR n 
1 31  ILE n 
1 32  GLN n 
1 33  PHE n 
1 34  PHE n 
1 35  GLN n 
1 36  LYS n 
1 37  ILE n 
1 38  PHE n 
1 39  VAL n 
1 40  PRO n 
1 41  ASP n 
1 42  TYR n 
1 43  ASP n 
1 44  PRO n 
1 45  THR n 
1 46  ILE n 
1 47  GLU n 
1 48  ASP n 
1 49  SER n 
1 50  TYR n 
1 51  LEU n 
1 52  LYS n 
1 53  HIS n 
1 54  THR n 
1 55  GLU n 
1 56  ILE n 
1 57  ASP n 
1 58  ASN n 
1 59  GLN n 
1 60  TRP n 
1 61  ALA n 
1 62  ILE n 
1 63  LEU n 
1 64  ASP n 
1 65  VAL n 
1 66  LEU n 
1 67  ASP n 
1 68  THR n 
1 69  ALA n 
1 70  GLY n 
1 71  GLN n 
1 72  GLU n 
1 73  GLU n 
1 74  PHE n 
1 75  SER n 
1 76  ALA n 
1 77  MET n 
1 78  ARG n 
1 79  GLU n 
1 80  GLN n 
1 81  TYR n 
1 82  MET n 
1 83  ARG n 
1 84  THR n 
1 85  GLY n 
1 86  ASP n 
1 87  GLY n 
1 88  PHE n 
1 89  LEU n 
1 90  ILE n 
1 91  VAL n 
1 92  TYR n 
1 93  SER n 
1 94  VAL n 
1 95  THR n 
1 96  ASP n 
1 97  LYS n 
1 98  ALA n 
1 99  SER n 
1 100 PHE n 
1 101 GLU n 
1 102 HIS n 
1 103 VAL n 
1 104 ASP n 
1 105 ARG n 
1 106 PHE n 
1 107 HIS n 
1 108 GLN n 
1 109 LEU n 
1 110 ILE n 
1 111 LEU n 
1 112 ARG n 
1 113 VAL n 
1 114 LYS n 
1 115 ASP n 
1 116 ARG n 
1 117 GLU n 
1 118 SER n 
1 119 PHE n 
1 120 PRO n 
1 121 MET n 
1 122 ILE n 
1 123 LEU n 
1 124 VAL n 
1 125 ALA n 
1 126 ASN n 
1 127 LYS n 
1 128 VAL n 
1 129 ASP n 
1 130 LEU n 
1 131 MET n 
1 132 HIS n 
1 133 LEU n 
1 134 ARG n 
1 135 LYS n 
1 136 VAL n 
1 137 THR n 
1 138 ARG n 
1 139 ASP n 
1 140 GLN n 
1 141 GLY n 
1 142 LYS n 
1 143 GLU n 
1 144 MET n 
1 145 ALA n 
1 146 THR n 
1 147 LYS n 
1 148 TYR n 
1 149 ASN n 
1 150 ILE n 
1 151 PRO n 
1 152 TYR n 
1 153 ILE n 
1 154 GLU n 
1 155 THR n 
1 156 SER n 
1 157 ALA n 
1 158 LYS n 
1 159 ASP n 
1 160 PRO n 
1 161 PRO n 
1 162 LEU n 
1 163 ASN n 
1 164 VAL n 
1 165 ASP n 
1 166 LYS n 
1 167 THR n 
1 168 PHE n 
1 169 HIS n 
1 170 ASP n 
1 171 LEU n 
1 172 VAL n 
1 173 ARG n 
1 174 VAL n 
1 175 ILE n 
1 176 ARG n 
1 177 GLN n 
1 178 GLN n 
# 
_entity_src_gen.entity_id                          1 
_entity_src_gen.pdbx_src_id                        1 
_entity_src_gen.pdbx_alt_source_flag               sample 
_entity_src_gen.pdbx_seq_type                      ? 
_entity_src_gen.pdbx_beg_seq_num                   ? 
_entity_src_gen.pdbx_end_seq_num                   ? 
_entity_src_gen.gene_src_common_name               'house mouse' 
_entity_src_gen.gene_src_genus                     Mus 
_entity_src_gen.pdbx_gene_src_gene                 ? 
_entity_src_gen.gene_src_species                   ? 
_entity_src_gen.gene_src_strain                    ? 
_entity_src_gen.gene_src_tissue                    ? 
_entity_src_gen.gene_src_tissue_fraction           ? 
_entity_src_gen.gene_src_details                   ? 
_entity_src_gen.pdbx_gene_src_fragment             ? 
_entity_src_gen.pdbx_gene_src_scientific_name      'Mus musculus' 
_entity_src_gen.pdbx_gene_src_ncbi_taxonomy_id     10090 
_entity_src_gen.pdbx_gene_src_variant              ? 
_entity_src_gen.pdbx_gene_src_cell_line            ? 
_entity_src_gen.pdbx_gene_src_atcc                 ? 
_entity_src_gen.pdbx_gene_src_organ                ? 
_entity_src_gen.pdbx_gene_src_organelle            ? 
_entity_src_gen.pdbx_gene_src_cell                 ? 
_entity_src_gen.pdbx_gene_src_cellular_location    ? 
_entity_src_gen.host_org_common_name               ? 
_entity_src_gen.pdbx_host_org_scientific_name      'Escherichia coli' 
_entity_src_gen.pdbx_host_org_ncbi_taxonomy_id     562 
_entity_src_gen.host_org_genus                     Escherichia 
_entity_src_gen.pdbx_host_org_gene                 ? 
_entity_src_gen.pdbx_host_org_organ                ? 
_entity_src_gen.host_org_species                   ? 
_entity_src_gen.pdbx_host_org_tissue               ? 
_entity_src_gen.pdbx_host_org_tissue_fraction      ? 
_entity_src_gen.pdbx_host_org_strain               ? 
_entity_src_gen.pdbx_host_org_variant              ? 
_entity_src_gen.pdbx_host_org_cell_line            ? 
_entity_src_gen.pdbx_host_org_atcc                 ? 
_entity_src_gen.pdbx_host_org_culture_collection   ? 
_entity_src_gen.pdbx_host_org_cell                 ? 
_entity_src_gen.pdbx_host_org_organelle            ? 
_entity_src_gen.pdbx_host_org_cellular_location    ? 
_entity_src_gen.pdbx_host_org_vector_type          Plasmid 
_entity_src_gen.pdbx_host_org_vector               ? 
_entity_src_gen.host_org_details                   ? 
_entity_src_gen.expression_system_id               ? 
_entity_src_gen.plasmid_name                       pGEX-6p-1 
_entity_src_gen.plasmid_details                    ? 
_entity_src_gen.pdbx_description                   ? 
# 
_struct_ref.id                         1 
_struct_ref.db_name                    UNP 
_struct_ref.db_code                    RASM_MOUSE 
_struct_ref.pdbx_db_accession          O08989 
_struct_ref.entity_id                  1 
_struct_ref.pdbx_seq_one_letter_code   
;MATSAVPSENLPTYKLVVVGDGGVGKSALTIQFFQKIFVPDYDPTIEDSYLKHTEIDNQWAILDVLDTAGQEEFSAMREQ
YMRTGDGFLIVYSVTDKASFEHVDRFHQLILRVKDRESFPMILVANKVDLMHLRKVTRDQGKEMATKYNIPYIETSAKDP
PLNVDKTFHDLVRVIRQQ
;
_struct_ref.pdbx_align_begin           1 
_struct_ref.pdbx_db_isoform            ? 
# 
_struct_ref_seq.align_id                      1 
_struct_ref_seq.ref_id                        1 
_struct_ref_seq.pdbx_PDB_id_code              1X1S 
_struct_ref_seq.pdbx_strand_id                A 
_struct_ref_seq.seq_align_beg                 1 
_struct_ref_seq.pdbx_seq_align_beg_ins_code   ? 
_struct_ref_seq.seq_align_end                 178 
_struct_ref_seq.pdbx_seq_align_end_ins_code   ? 
_struct_ref_seq.pdbx_db_accession             O08989 
_struct_ref_seq.db_align_beg                  1 
_struct_ref_seq.pdbx_db_align_beg_ins_code    ? 
_struct_ref_seq.db_align_end                  178 
_struct_ref_seq.pdbx_db_align_end_ins_code    ? 
_struct_ref_seq.pdbx_auth_seq_align_beg       1 
_struct_ref_seq.pdbx_auth_seq_align_end       178 
# 
loop_
_chem_comp.id 
_chem_comp.type 
_chem_comp.mon_nstd_flag 
_chem_comp.name 
_chem_comp.pdbx_synonyms 
_chem_comp.formula 
_chem_comp.formula_weight 
ALA 'L-peptide linking' y ALANINE                                       ? 'C3 H7 N O2'        89.093  
ARG 'L-peptide linking' y ARGININE                                      ? 'C6 H15 N4 O2 1'    175.209 
ASN 'L-peptide linking' y ASPARAGINE                                    ? 'C4 H8 N2 O3'       132.118 
ASP 'L-peptide linking' y 'ASPARTIC ACID'                               ? 'C4 H7 N O4'        133.103 
GLN 'L-peptide linking' y GLUTAMINE                                     ? 'C5 H10 N2 O3'      146.144 
GLU 'L-peptide linking' y 'GLUTAMIC ACID'                               ? 'C5 H9 N O4'        147.129 
GLY 'peptide linking'   y GLYCINE                                       ? 'C2 H5 N O2'        75.067  
GNP non-polymer         . 'PHOSPHOAMINOPHOSPHONIC ACID-GUANYLATE ESTER' ? 'C10 H17 N6 O13 P3' 522.196 
HIS 'L-peptide linking' y HISTIDINE                                     ? 'C6 H10 N3 O2 1'    156.162 
HOH non-polymer         . WATER                                         ? 'H2 O'              18.015  
ILE 'L-peptide linking' y ISOLEUCINE                                    ? 'C6 H13 N O2'       131.173 
LEU 'L-peptide linking' y LEUCINE                                       ? 'C6 H13 N O2'       131.173 
LYS 'L-peptide linking' y LYSINE                                        ? 'C6 H15 N2 O2 1'    147.195 
MET 'L-peptide linking' y METHIONINE                                    ? 'C5 H11 N O2 S'     149.211 
MG  non-polymer         . 'MAGNESIUM ION'                               ? 'Mg 2'              24.305  
PHE 'L-peptide linking' y PHENYLALANINE                                 ? 'C9 H11 N O2'       165.189 
PRO 'L-peptide linking' y PROLINE                                       ? 'C5 H9 N O2'        115.130 
SER 'L-peptide linking' y SERINE                                        ? 'C3 H7 N O3'        105.093 
THR 'L-peptide linking' y THREONINE                                     ? 'C4 H9 N O3'        119.119 
TRP 'L-peptide linking' y TRYPTOPHAN                                    ? 'C11 H12 N2 O2'     204.225 
TYR 'L-peptide linking' y TYROSINE                                      ? 'C9 H11 N O3'       181.189 
VAL 'L-peptide linking' y VALINE                                        ? 'C5 H11 N O2'       117.146 
# 
_exptl.entry_id          1X1S 
_exptl.method            'X-RAY DIFFRACTION' 
_exptl.crystals_number   1 
# 
_exptl_crystal.id                    1 
_exptl_crystal.density_meas          ? 
_exptl_crystal.density_Matthews      2.95 
_exptl_crystal.density_percent_sol   58.04 
_exptl_crystal.description           ? 
_exptl_crystal.F_000                 ? 
_exptl_crystal.preparation           ? 
# 
_exptl_crystal_grow.crystal_id      1 
_exptl_crystal_grow.method          'VAPOR DIFFUSION, HANGING DROP' 
_exptl_crystal_grow.temp            293 
_exptl_crystal_grow.temp_details    ? 
_exptl_crystal_grow.pH              6.5 
_exptl_crystal_grow.pdbx_details    
'PEG8000, sodium cacodylate, magnesium acetate, pH 6.5, VAPOR DIFFUSION, HANGING DROP, temperature 293K' 
_exptl_crystal_grow.pdbx_pH_range   . 
# 
_diffrn.id                     1 
_diffrn.ambient_temp           100 
_diffrn.ambient_temp_details   ? 
_diffrn.crystal_id             1 
# 
_diffrn_detector.diffrn_id              1 
_diffrn_detector.detector               CCD 
_diffrn_detector.type                   'ADSC QUANTUM 4r' 
_diffrn_detector.pdbx_collection_date   2003-11-20 
_diffrn_detector.details                ? 
# 
_diffrn_radiation.diffrn_id                        1 
_diffrn_radiation.wavelength_id                    1 
_diffrn_radiation.pdbx_monochromatic_or_laue_m_l   M 
_diffrn_radiation.monochromator                    'Si(111)' 
_diffrn_radiation.pdbx_diffrn_protocol             'SINGLE WAVELENGTH' 
_diffrn_radiation.pdbx_scattering_type             x-ray 
# 
_diffrn_radiation_wavelength.id           1 
_diffrn_radiation_wavelength.wavelength   1.0 
_diffrn_radiation_wavelength.wt           1.0 
# 
_diffrn_source.diffrn_id                   1 
_diffrn_source.source                      SYNCHROTRON 
_diffrn_source.type                        'SPRING-8 BEAMLINE BL40B2' 
_diffrn_source.pdbx_synchrotron_site       SPring-8 
_diffrn_source.pdbx_synchrotron_beamline   BL40B2 
_diffrn_source.pdbx_wavelength             ? 
_diffrn_source.pdbx_wavelength_list        1.0 
# 
_reflns.entry_id                     1X1S 
_reflns.observed_criterion_sigma_F   ? 
_reflns.observed_criterion_sigma_I   0 
_reflns.d_resolution_high            2.2 
_reflns.d_resolution_low             43.03 
_reflns.number_all                   13000 
_reflns.number_obs                   13000 
_reflns.percent_possible_obs         100.0 
_reflns.pdbx_Rmerge_I_obs            0.072 
_reflns.pdbx_Rsym_value              0.072 
_reflns.pdbx_netI_over_sigmaI        7.6 
_reflns.B_iso_Wilson_estimate        ? 
_reflns.pdbx_redundancy              19.8 
_reflns.R_free_details               ? 
_reflns.limit_h_max                  ? 
_reflns.limit_h_min                  ? 
_reflns.limit_k_max                  ? 
_reflns.limit_k_min                  ? 
_reflns.limit_l_max                  ? 
_reflns.limit_l_min                  ? 
_reflns.observed_criterion_F_max     ? 
_reflns.observed_criterion_F_min     ? 
_reflns.pdbx_chi_squared             ? 
_reflns.pdbx_scaling_rejects         ? 
_reflns.pdbx_diffrn_id               1 
_reflns.pdbx_ordinal                 1 
# 
_reflns_shell.d_res_high             2.20 
_reflns_shell.d_res_low              2.32 
_reflns_shell.percent_possible_all   100.0 
_reflns_shell.Rmerge_I_obs           0.307 
_reflns_shell.pdbx_Rsym_value        0.307 
_reflns_shell.meanI_over_sigI_obs    2.5 
_reflns_shell.pdbx_redundancy        21.2 
_reflns_shell.percent_possible_obs   ? 
_reflns_shell.number_unique_all      1848 
_reflns_shell.number_measured_all    ? 
_reflns_shell.number_measured_obs    ? 
_reflns_shell.number_unique_obs      ? 
_reflns_shell.pdbx_chi_squared       ? 
_reflns_shell.pdbx_diffrn_id         ? 
_reflns_shell.pdbx_ordinal           1 
# 
_refine.entry_id                                 1X1S 
_refine.ls_number_reflns_obs                     12365 
_refine.ls_number_reflns_all                     ? 
_refine.pdbx_ls_sigma_I                          ? 
_refine.pdbx_ls_sigma_F                          0 
_refine.pdbx_data_cutoff_high_absF               ? 
_refine.pdbx_data_cutoff_low_absF                ? 
_refine.pdbx_data_cutoff_high_rms_absF           ? 
_refine.ls_d_res_low                             43.0 
_refine.ls_d_res_high                            2.20 
_refine.ls_percent_reflns_obs                    99.94 
_refine.ls_R_factor_obs                          0.22332 
_refine.ls_R_factor_all                          ? 
_refine.ls_R_factor_R_work                       0.22171 
_refine.ls_R_factor_R_free                       0.25585 
_refine.ls_R_factor_R_free_error                 ? 
_refine.ls_R_factor_R_free_error_details         ? 
_refine.ls_percent_reflns_R_free                 4.9 
_refine.ls_number_reflns_R_free                  631 
_refine.ls_number_parameters                     ? 
_refine.ls_number_restraints                     ? 
_refine.occupancy_min                            ? 
_refine.occupancy_max                            ? 
_refine.correlation_coeff_Fo_to_Fc               0.920 
_refine.correlation_coeff_Fo_to_Fc_free          0.907 
_refine.B_iso_mean                               29.819 
_refine.aniso_B[1][1]                            0.00 
_refine.aniso_B[2][2]                            0.00 
_refine.aniso_B[3][3]                            0.00 
_refine.aniso_B[1][2]                            0.00 
_refine.aniso_B[1][3]                            0.00 
_refine.aniso_B[2][3]                            0.00 
_refine.solvent_model_details                    'BABINET MODEL WITH MASK' 
_refine.solvent_model_param_ksol                 ? 
_refine.solvent_model_param_bsol                 ? 
_refine.pdbx_solvent_vdw_probe_radii             1.40 
_refine.pdbx_solvent_ion_probe_radii             0.80 
_refine.pdbx_solvent_shrinkage_radii             0.80 
_refine.pdbx_ls_cross_valid_method               THROUGHOUT 
_refine.details                                  'HYDROGENS HAVE BEEN ADDED IN THE RIDING POSITIONS' 
_refine.pdbx_starting_model                      'PDB ENTRY 1X1R' 
_refine.pdbx_method_to_determine_struct          'MOLECULAR REPLACEMENT' 
_refine.pdbx_isotropic_thermal_model             ? 
_refine.pdbx_stereochemistry_target_values       'MAXIMUM LIKELIHOOD' 
_refine.pdbx_stereochem_target_val_spec_case     ? 
_refine.pdbx_R_Free_selection_details            RANDOM 
_refine.pdbx_overall_ESU_R                       0.235 
_refine.pdbx_overall_ESU_R_Free                  0.197 
_refine.overall_SU_ML                            0.138 
_refine.overall_SU_B                             5.498 
_refine.ls_redundancy_reflns_obs                 ? 
_refine.B_iso_min                                ? 
_refine.B_iso_max                                ? 
_refine.overall_SU_R_Cruickshank_DPI             ? 
_refine.overall_SU_R_free                        ? 
_refine.ls_wR_factor_R_free                      ? 
_refine.ls_wR_factor_R_work                      ? 
_refine.overall_FOM_free_R_set                   ? 
_refine.overall_FOM_work_R_set                   ? 
_refine.pdbx_refine_id                           'X-RAY DIFFRACTION' 
_refine.pdbx_diffrn_id                           1 
_refine.pdbx_TLS_residual_ADP_flag               ? 
_refine.pdbx_overall_phase_error                 ? 
_refine.pdbx_overall_SU_R_free_Cruickshank_DPI   ? 
_refine.pdbx_overall_SU_R_Blow_DPI               ? 
_refine.pdbx_overall_SU_R_free_Blow_DPI          ? 
# 
_refine_hist.pdbx_refine_id                   'X-RAY DIFFRACTION' 
_refine_hist.cycle_id                         LAST 
_refine_hist.pdbx_number_atoms_protein        1333 
_refine_hist.pdbx_number_atoms_nucleic_acid   0 
_refine_hist.pdbx_number_atoms_ligand         33 
_refine_hist.number_atoms_solvent             98 
_refine_hist.number_atoms_total               1464 
_refine_hist.d_res_high                       2.20 
_refine_hist.d_res_low                        43.0 
# 
loop_
_refine_ls_restr.type 
_refine_ls_restr.dev_ideal 
_refine_ls_restr.dev_ideal_target 
_refine_ls_restr.weight 
_refine_ls_restr.number 
_refine_ls_restr.pdbx_refine_id 
_refine_ls_restr.pdbx_restraint_function 
r_bond_refined_d         0.010 0.022 ? 1396 'X-RAY DIFFRACTION' ? 
r_angle_refined_deg      1.171 1.984 ? 1895 'X-RAY DIFFRACTION' ? 
r_dihedral_angle_1_deg   5.318 5.000 ? 161  'X-RAY DIFFRACTION' ? 
r_chiral_restr           0.080 0.200 ? 212  'X-RAY DIFFRACTION' ? 
r_gen_planes_refined     0.004 0.020 ? 1036 'X-RAY DIFFRACTION' ? 
r_nbd_refined            0.186 0.200 ? 629  'X-RAY DIFFRACTION' ? 
r_xyhbond_nbd_refined    0.125 0.200 ? 89   'X-RAY DIFFRACTION' ? 
r_metal_ion_refined      0.026 0.200 ? 1    'X-RAY DIFFRACTION' ? 
r_symmetry_vdw_refined   0.149 0.200 ? 21   'X-RAY DIFFRACTION' ? 
r_symmetry_hbond_refined 0.275 0.200 ? 2    'X-RAY DIFFRACTION' ? 
r_mcbond_it              0.660 1.500 ? 815  'X-RAY DIFFRACTION' ? 
r_mcangle_it             1.259 2.000 ? 1331 'X-RAY DIFFRACTION' ? 
r_scbond_it              1.602 3.000 ? 581  'X-RAY DIFFRACTION' ? 
r_scangle_it             2.641 4.500 ? 564  'X-RAY DIFFRACTION' ? 
# 
_refine_ls_shell.pdbx_total_number_of_bins_used   20 
_refine_ls_shell.d_res_high                       2.200 
_refine_ls_shell.d_res_low                        2.257 
_refine_ls_shell.number_reflns_R_work             889 
_refine_ls_shell.R_factor_R_work                  0.243 
_refine_ls_shell.percent_reflns_obs               ? 
_refine_ls_shell.R_factor_R_free                  0.316 
_refine_ls_shell.R_factor_R_free_error            ? 
_refine_ls_shell.percent_reflns_R_free            ? 
_refine_ls_shell.number_reflns_R_free             37 
_refine_ls_shell.number_reflns_obs                889 
_refine_ls_shell.redundancy_reflns_obs            ? 
_refine_ls_shell.number_reflns_all                ? 
_refine_ls_shell.pdbx_refine_id                   'X-RAY DIFFRACTION' 
_refine_ls_shell.R_factor_all                     ? 
# 
_struct.entry_id                  1X1S 
_struct.title                     'Crystal structure of M-Ras in complex with GppNHp' 
_struct.pdbx_model_details        ? 
_struct.pdbx_CASP_flag            ? 
_struct.pdbx_model_type_details   ? 
# 
_struct_keywords.entry_id        1X1S 
_struct_keywords.pdbx_keywords   'SIGNALING PROTEIN' 
_struct_keywords.text            'GTP-binding, SIGNALING PROTEIN' 
# 
loop_
_struct_asym.id 
_struct_asym.pdbx_blank_PDB_chainid_flag 
_struct_asym.pdbx_modified 
_struct_asym.entity_id 
_struct_asym.details 
A N N 1 ? 
B N N 2 ? 
C N N 3 ? 
D N N 4 ? 
# 
_struct_biol.id                    1 
_struct_biol.pdbx_parent_biol_id   ? 
_struct_biol.details               ? 
# 
loop_
_struct_conf.conf_type_id 
_struct_conf.id 
_struct_conf.pdbx_PDB_helix_id 
_struct_conf.beg_label_comp_id 
_struct_conf.beg_label_asym_id 
_struct_conf.beg_label_seq_id 
_struct_conf.pdbx_beg_PDB_ins_code 
_struct_conf.end_label_comp_id 
_struct_conf.end_label_asym_id 
_struct_conf.end_label_seq_id 
_struct_conf.pdbx_end_PDB_ins_code 
_struct_conf.beg_auth_comp_id 
_struct_conf.beg_auth_asym_id 
_struct_conf.beg_auth_seq_id 
_struct_conf.end_auth_comp_id 
_struct_conf.end_auth_asym_id 
_struct_conf.end_auth_seq_id 
_struct_conf.pdbx_PDB_helix_class 
_struct_conf.details 
_struct_conf.pdbx_PDB_helix_length 
HELX_P HELX_P1 1 GLY A 25  ? LYS A 36  ? GLY A 25  LYS A 36  1 ? 12 
HELX_P HELX_P2 2 SER A 75  ? GLY A 85  ? SER A 75  GLY A 85  1 ? 11 
HELX_P HELX_P3 3 ASP A 96  ? HIS A 102 ? ASP A 96  HIS A 102 1 ? 7  
HELX_P HELX_P4 4 HIS A 102 ? ASP A 115 ? HIS A 102 ASP A 115 1 ? 14 
HELX_P HELX_P5 5 LEU A 130 ? ARG A 134 ? LEU A 130 ARG A 134 5 ? 5  
HELX_P HELX_P6 6 THR A 137 ? ASN A 149 ? THR A 137 ASN A 149 1 ? 13 
HELX_P HELX_P7 7 ASN A 163 ? GLN A 177 ? ASN A 163 GLN A 177 1 ? 15 
# 
_struct_conf_type.id          HELX_P 
_struct_conf_type.criteria    ? 
_struct_conf_type.reference   ? 
# 
loop_
_struct_conn.id 
_struct_conn.conn_type_id 
_struct_conn.pdbx_leaving_atom_flag 
_struct_conn.pdbx_PDB_id 
_struct_conn.ptnr1_label_asym_id 
_struct_conn.ptnr1_label_comp_id 
_struct_conn.ptnr1_label_seq_id 
_struct_conn.ptnr1_label_atom_id 
_struct_conn.pdbx_ptnr1_label_alt_id 
_struct_conn.pdbx_ptnr1_PDB_ins_code 
_struct_conn.pdbx_ptnr1_standard_comp_id 
_struct_conn.ptnr1_symmetry 
_struct_conn.ptnr2_label_asym_id 
_struct_conn.ptnr2_label_comp_id 
_struct_conn.ptnr2_label_seq_id 
_struct_conn.ptnr2_label_atom_id 
_struct_conn.pdbx_ptnr2_label_alt_id 
_struct_conn.pdbx_ptnr2_PDB_ins_code 
_struct_conn.ptnr1_auth_asym_id 
_struct_conn.ptnr1_auth_comp_id 
_struct_conn.ptnr1_auth_seq_id 
_struct_conn.ptnr2_auth_asym_id 
_struct_conn.ptnr2_auth_comp_id 
_struct_conn.ptnr2_auth_seq_id 
_struct_conn.ptnr2_symmetry 
_struct_conn.pdbx_ptnr3_label_atom_id 
_struct_conn.pdbx_ptnr3_label_seq_id 
_struct_conn.pdbx_ptnr3_label_comp_id 
_struct_conn.pdbx_ptnr3_label_asym_id 
_struct_conn.pdbx_ptnr3_label_alt_id 
_struct_conn.pdbx_ptnr3_PDB_ins_code 
_struct_conn.details 
_struct_conn.pdbx_dist_value 
_struct_conn.pdbx_value_order 
_struct_conn.pdbx_role 
metalc1 metalc ? ? A SER 27 OG  ? ? ? 1_555 B MG  . MG ? ? A SER 27  A MG  180 1_555 ? ? ? ? ? ? ? 2.053 ? ? 
metalc2 metalc ? ? C GNP .  O2G ? ? ? 1_555 B MG  . MG ? ? A GNP 179 A MG  180 1_555 ? ? ? ? ? ? ? 2.007 ? ? 
metalc3 metalc ? ? C GNP .  O2B ? ? ? 1_555 B MG  . MG ? ? A GNP 179 A MG  180 1_555 ? ? ? ? ? ? ? 2.102 ? ? 
metalc4 metalc ? ? B MG  .  MG  ? ? ? 1_555 D HOH . O  ? ? A MG  180 A HOH 181 1_555 ? ? ? ? ? ? ? 2.177 ? ? 
metalc5 metalc ? ? B MG  .  MG  ? ? ? 1_555 D HOH . O  ? ? A MG  180 A HOH 182 1_555 ? ? ? ? ? ? ? 1.964 ? ? 
metalc6 metalc ? ? B MG  .  MG  ? ? ? 1_555 D HOH . O  ? ? A MG  180 A HOH 183 1_555 ? ? ? ? ? ? ? 2.043 ? ? 
# 
_struct_conn_type.id          metalc 
_struct_conn_type.criteria    ? 
_struct_conn_type.reference   ? 
# 
_struct_mon_prot_cis.pdbx_id                1 
_struct_mon_prot_cis.label_comp_id          ASP 
_struct_mon_prot_cis.label_seq_id           159 
_struct_mon_prot_cis.label_asym_id          A 
_struct_mon_prot_cis.label_alt_id           . 
_struct_mon_prot_cis.pdbx_PDB_ins_code      ? 
_struct_mon_prot_cis.auth_comp_id           ASP 
_struct_mon_prot_cis.auth_seq_id            159 
_struct_mon_prot_cis.auth_asym_id           A 
_struct_mon_prot_cis.pdbx_label_comp_id_2   PRO 
_struct_mon_prot_cis.pdbx_label_seq_id_2    160 
_struct_mon_prot_cis.pdbx_label_asym_id_2   A 
_struct_mon_prot_cis.pdbx_PDB_ins_code_2    ? 
_struct_mon_prot_cis.pdbx_auth_comp_id_2    PRO 
_struct_mon_prot_cis.pdbx_auth_seq_id_2     160 
_struct_mon_prot_cis.pdbx_auth_asym_id_2    A 
_struct_mon_prot_cis.pdbx_PDB_model_num     1 
_struct_mon_prot_cis.pdbx_omega_angle       -6.66 
# 
_struct_sheet.id               A 
_struct_sheet.type             ? 
_struct_sheet.number_strands   6 
_struct_sheet.details          ? 
# 
loop_
_struct_sheet_order.sheet_id 
_struct_sheet_order.range_id_1 
_struct_sheet_order.range_id_2 
_struct_sheet_order.offset 
_struct_sheet_order.sense 
A 1 2 ? anti-parallel 
A 2 3 ? parallel      
A 3 4 ? parallel      
A 4 5 ? parallel      
A 5 6 ? parallel      
# 
loop_
_struct_sheet_range.sheet_id 
_struct_sheet_range.id 
_struct_sheet_range.beg_label_comp_id 
_struct_sheet_range.beg_label_asym_id 
_struct_sheet_range.beg_label_seq_id 
_struct_sheet_range.pdbx_beg_PDB_ins_code 
_struct_sheet_range.end_label_comp_id 
_struct_sheet_range.end_label_asym_id 
_struct_sheet_range.end_label_seq_id 
_struct_sheet_range.pdbx_end_PDB_ins_code 
_struct_sheet_range.beg_auth_comp_id 
_struct_sheet_range.beg_auth_asym_id 
_struct_sheet_range.beg_auth_seq_id 
_struct_sheet_range.end_auth_comp_id 
_struct_sheet_range.end_auth_asym_id 
_struct_sheet_range.end_auth_seq_id 
A 1 SER A 49  ? ILE A 56  ? SER A 49  ILE A 56  
A 2 GLN A 59  ? ASP A 67  ? GLN A 59  ASP A 67  
A 3 THR A 13  ? VAL A 19  ? THR A 13  VAL A 19  
A 4 GLY A 87  ? SER A 93  ? GLY A 87  SER A 93  
A 5 MET A 121 ? ASN A 126 ? MET A 121 ASN A 126 
A 6 TYR A 152 ? THR A 155 ? TYR A 152 THR A 155 
# 
loop_
_pdbx_struct_sheet_hbond.sheet_id 
_pdbx_struct_sheet_hbond.range_id_1 
_pdbx_struct_sheet_hbond.range_id_2 
_pdbx_struct_sheet_hbond.range_1_label_atom_id 
_pdbx_struct_sheet_hbond.range_1_label_comp_id 
_pdbx_struct_sheet_hbond.range_1_label_asym_id 
_pdbx_struct_sheet_hbond.range_1_label_seq_id 
_pdbx_struct_sheet_hbond.range_1_PDB_ins_code 
_pdbx_struct_sheet_hbond.range_1_auth_atom_id 
_pdbx_struct_sheet_hbond.range_1_auth_comp_id 
_pdbx_struct_sheet_hbond.range_1_auth_asym_id 
_pdbx_struct_sheet_hbond.range_1_auth_seq_id 
_pdbx_struct_sheet_hbond.range_2_label_atom_id 
_pdbx_struct_sheet_hbond.range_2_label_comp_id 
_pdbx_struct_sheet_hbond.range_2_label_asym_id 
_pdbx_struct_sheet_hbond.range_2_label_seq_id 
_pdbx_struct_sheet_hbond.range_2_PDB_ins_code 
_pdbx_struct_sheet_hbond.range_2_auth_atom_id 
_pdbx_struct_sheet_hbond.range_2_auth_comp_id 
_pdbx_struct_sheet_hbond.range_2_auth_asym_id 
_pdbx_struct_sheet_hbond.range_2_auth_seq_id 
A 1 2 N LYS A 52  ? N LYS A 52  O LEU A 63  ? O LEU A 63  
A 2 3 O ASP A 64  ? O ASP A 64  N TYR A 14  ? N TYR A 14  
A 3 4 N VAL A 19  ? N VAL A 19  O LEU A 89  ? O LEU A 89  
A 4 5 N ILE A 90  ? N ILE A 90  O VAL A 124 ? O VAL A 124 
A 5 6 N ALA A 125 ? N ALA A 125 O ILE A 153 ? O ILE A 153 
# 
loop_
_struct_site.id 
_struct_site.pdbx_evidence_code 
_struct_site.pdbx_auth_asym_id 
_struct_site.pdbx_auth_comp_id 
_struct_site.pdbx_auth_seq_id 
_struct_site.pdbx_auth_ins_code 
_struct_site.pdbx_num_residues 
_struct_site.details 
AC1 Software A MG  180 ? 5  'BINDING SITE FOR RESIDUE MG A 180'  
AC2 Software A GNP 179 ? 25 'BINDING SITE FOR RESIDUE GNP A 179' 
# 
loop_
_struct_site_gen.id 
_struct_site_gen.site_id 
_struct_site_gen.pdbx_num_res 
_struct_site_gen.label_comp_id 
_struct_site_gen.label_asym_id 
_struct_site_gen.label_seq_id 
_struct_site_gen.pdbx_auth_ins_code 
_struct_site_gen.auth_comp_id 
_struct_site_gen.auth_asym_id 
_struct_site_gen.auth_seq_id 
_struct_site_gen.label_atom_id 
_struct_site_gen.label_alt_id 
_struct_site_gen.symmetry 
_struct_site_gen.details 
1  AC1 5  SER A 27  ? SER A 27  . ? 1_555 ? 
2  AC1 5  GNP C .   ? GNP A 179 . ? 1_555 ? 
3  AC1 5  HOH D .   ? HOH A 181 . ? 1_555 ? 
4  AC1 5  HOH D .   ? HOH A 182 . ? 1_555 ? 
5  AC1 5  HOH D .   ? HOH A 183 . ? 1_555 ? 
6  AC2 25 GLY A 22  ? GLY A 22  . ? 1_555 ? 
7  AC2 25 GLY A 23  ? GLY A 23  . ? 1_555 ? 
8  AC2 25 VAL A 24  ? VAL A 24  . ? 1_555 ? 
9  AC2 25 GLY A 25  ? GLY A 25  . ? 1_555 ? 
10 AC2 25 LYS A 26  ? LYS A 26  . ? 1_555 ? 
11 AC2 25 SER A 27  ? SER A 27  . ? 1_555 ? 
12 AC2 25 ALA A 28  ? ALA A 28  . ? 1_555 ? 
13 AC2 25 PHE A 38  ? PHE A 38  . ? 1_555 ? 
14 AC2 25 PRO A 40  ? PRO A 40  . ? 1_555 ? 
15 AC2 25 ASP A 41  ? ASP A 41  . ? 1_555 ? 
16 AC2 25 ASN A 126 ? ASN A 126 . ? 1_555 ? 
17 AC2 25 LYS A 127 ? LYS A 127 . ? 1_555 ? 
18 AC2 25 ASP A 129 ? ASP A 129 . ? 1_555 ? 
19 AC2 25 LEU A 130 ? LEU A 130 . ? 1_555 ? 
20 AC2 25 SER A 156 ? SER A 156 . ? 1_555 ? 
21 AC2 25 ALA A 157 ? ALA A 157 . ? 1_555 ? 
22 AC2 25 MG  B .   ? MG  A 180 . ? 1_555 ? 
23 AC2 25 HOH D .   ? HOH A 181 . ? 1_555 ? 
24 AC2 25 HOH D .   ? HOH A 182 . ? 1_555 ? 
25 AC2 25 HOH D .   ? HOH A 183 . ? 1_555 ? 
26 AC2 25 HOH D .   ? HOH A 195 . ? 1_555 ? 
27 AC2 25 HOH D .   ? HOH A 226 . ? 1_555 ? 
28 AC2 25 HOH D .   ? HOH A 228 . ? 1_555 ? 
29 AC2 25 HOH D .   ? HOH A 260 . ? 1_555 ? 
30 AC2 25 HOH D .   ? HOH A 265 . ? 1_555 ? 
# 
_atom_sites.entry_id                    1X1S 
_atom_sites.fract_transf_matrix[1][1]   -0.00742868 
_atom_sites.fract_transf_matrix[1][2]   0.00725807 
_atom_sites.fract_transf_matrix[1][3]   0.00170496 
_atom_sites.fract_transf_matrix[2][1]   0.00192353 
_atom_sites.fract_transf_matrix[2][2]   0.01011349 
_atom_sites.fract_transf_matrix[2][3]   -0.00218927 
_atom_sites.fract_transf_matrix[3][1]   -0.00497467 
_atom_sites.fract_transf_matrix[3][2]   -0.00194943 
_atom_sites.fract_transf_matrix[3][3]   -0.01337638 
_atom_sites.fract_transf_vector[1]      0.185552 
_atom_sites.fract_transf_vector[2]      0.425661 
_atom_sites.fract_transf_vector[3]      0.246749 
# 
loop_
_atom_type.symbol 
C  
MG 
N  
O  
P  
S  
# 
loop_
_atom_site.group_PDB 
_atom_site.id 
_atom_site.type_symbol 
_atom_site.label_atom_id 
_atom_site.label_alt_id 
_atom_site.label_comp_id 
_atom_site.label_asym_id 
_atom_site.label_entity_id 
_atom_site.label_seq_id 
_atom_site.pdbx_PDB_ins_code 
_atom_site.Cartn_x 
_atom_site.Cartn_y 
_atom_site.Cartn_z 
_atom_site.occupancy 
_atom_site.B_iso_or_equiv 
_atom_site.pdbx_formal_charge 
_atom_site.auth_seq_id 
_atom_site.auth_comp_id 
_atom_site.auth_asym_id 
_atom_site.auth_atom_id 
_atom_site.pdbx_PDB_model_num 
ATOM   1    N  N     . LEU A 1 11  ? -14.745 -12.173 14.477  1.00 41.52 ? 11  LEU A N     1 
ATOM   2    C  CA    . LEU A 1 11  ? -14.136 -10.843 14.143  1.00 41.60 ? 11  LEU A CA    1 
ATOM   3    C  C     . LEU A 1 11  ? -12.903 -11.053 13.279  1.00 40.84 ? 11  LEU A C     1 
ATOM   4    O  O     . LEU A 1 11  ? -11.840 -11.431 13.782  1.00 41.22 ? 11  LEU A O     1 
ATOM   5    C  CB    . LEU A 1 11  ? -13.753 -10.071 15.414  1.00 41.87 ? 11  LEU A CB    1 
ATOM   6    C  CG    . LEU A 1 11  ? -13.961 -8.549  15.454  1.00 42.91 ? 11  LEU A CG    1 
ATOM   7    C  CD1   . LEU A 1 11  ? -13.396 -7.990  16.745  1.00 44.35 ? 11  LEU A CD1   1 
ATOM   8    C  CD2   . LEU A 1 11  ? -13.362 -7.818  14.258  1.00 43.78 ? 11  LEU A CD2   1 
ATOM   9    N  N     . PRO A 1 12  ? -13.051 -10.815 11.980  1.00 40.23 ? 12  PRO A N     1 
ATOM   10   C  CA    . PRO A 1 12  ? -11.979 -11.082 11.013  1.00 39.29 ? 12  PRO A CA    1 
ATOM   11   C  C     . PRO A 1 12  ? -10.820 -10.099 11.122  1.00 38.39 ? 12  PRO A C     1 
ATOM   12   O  O     . PRO A 1 12  ? -11.007 -8.890  11.288  1.00 38.40 ? 12  PRO A O     1 
ATOM   13   C  CB    . PRO A 1 12  ? -12.680 -10.943 9.658   1.00 39.58 ? 12  PRO A CB    1 
ATOM   14   C  CG    . PRO A 1 12  ? -13.839 -10.040 9.914   1.00 39.97 ? 12  PRO A CG    1 
ATOM   15   C  CD    . PRO A 1 12  ? -14.267 -10.277 11.339  1.00 40.21 ? 12  PRO A CD    1 
ATOM   16   N  N     . THR A 1 13  ? -9.618  -10.646 11.057  1.00 37.45 ? 13  THR A N     1 
ATOM   17   C  CA    . THR A 1 13  ? -8.409  -9.855  11.007  1.00 36.43 ? 13  THR A CA    1 
ATOM   18   C  C     . THR A 1 13  ? -7.912  -9.911  9.570   1.00 35.83 ? 13  THR A C     1 
ATOM   19   O  O     . THR A 1 13  ? -7.861  -10.980 8.949   1.00 35.89 ? 13  THR A O     1 
ATOM   20   C  CB    . THR A 1 13  ? -7.365  -10.399 11.995  1.00 36.63 ? 13  THR A CB    1 
ATOM   21   O  OG1   . THR A 1 13  ? -7.762  -10.056 13.327  1.00 37.14 ? 13  THR A OG1   1 
ATOM   22   C  CG2   . THR A 1 13  ? -5.997  -9.692  11.835  1.00 36.39 ? 13  THR A CG2   1 
ATOM   23   N  N     . TYR A 1 14  ? -7.594  -8.745  9.033   1.00 34.41 ? 14  TYR A N     1 
ATOM   24   C  CA    . TYR A 1 14  ? -6.997  -8.666  7.727   1.00 33.35 ? 14  TYR A CA    1 
ATOM   25   C  C     . TYR A 1 14  ? -5.567  -8.196  7.903   1.00 32.32 ? 14  TYR A C     1 
ATOM   26   O  O     . TYR A 1 14  ? -5.330  -7.116  8.457   1.00 32.12 ? 14  TYR A O     1 
ATOM   27   C  CB    . TYR A 1 14  ? -7.783  -7.694  6.858   1.00 33.70 ? 14  TYR A CB    1 
ATOM   28   C  CG    . TYR A 1 14  ? -9.236  -8.077  6.641   1.00 34.06 ? 14  TYR A CG    1 
ATOM   29   C  CD1   . TYR A 1 14  ? -9.590  -9.136  5.791   1.00 34.07 ? 14  TYR A CD1   1 
ATOM   30   C  CD2   . TYR A 1 14  ? -10.252 -7.371  7.270   1.00 33.92 ? 14  TYR A CD2   1 
ATOM   31   C  CE1   . TYR A 1 14  ? -10.929 -9.474  5.580   1.00 35.32 ? 14  TYR A CE1   1 
ATOM   32   C  CE2   . TYR A 1 14  ? -11.585 -7.701  7.070   1.00 35.56 ? 14  TYR A CE2   1 
ATOM   33   C  CZ    . TYR A 1 14  ? -11.924 -8.747  6.225   1.00 36.17 ? 14  TYR A CZ    1 
ATOM   34   O  OH    . TYR A 1 14  ? -13.266 -9.054  6.044   1.00 36.90 ? 14  TYR A OH    1 
ATOM   35   N  N     . LYS A 1 15  ? -4.626  -9.032  7.466   1.00 31.00 ? 15  LYS A N     1 
ATOM   36   C  CA    . LYS A 1 15  ? -3.198  -8.707  7.474   1.00 29.94 ? 15  LYS A CA    1 
ATOM   37   C  C     . LYS A 1 15  ? -2.841  -8.035  6.155   1.00 28.27 ? 15  LYS A C     1 
ATOM   38   O  O     . LYS A 1 15  ? -2.855  -8.677  5.104   1.00 27.83 ? 15  LYS A O     1 
ATOM   39   C  CB    . LYS A 1 15  ? -2.334  -9.963  7.669   1.00 30.46 ? 15  LYS A CB    1 
ATOM   40   C  CG    . LYS A 1 15  ? -2.013  -10.282 9.119   1.00 33.45 ? 15  LYS A CG    1 
ATOM   41   C  CD    . LYS A 1 15  ? -1.632  -11.756 9.295   1.00 38.53 ? 15  LYS A CD    1 
ATOM   42   C  CE    . LYS A 1 15  ? -0.978  -12.010 10.666  1.00 41.12 ? 15  LYS A CE    1 
ATOM   43   N  NZ    . LYS A 1 15  ? -0.185  -13.290 10.677  1.00 42.71 ? 15  LYS A NZ    1 
ATOM   44   N  N     . LEU A 1 16  ? -2.543  -6.742  6.219   1.00 26.40 ? 16  LEU A N     1 
ATOM   45   C  CA    . LEU A 1 16  ? -2.229  -5.968  5.025   1.00 25.21 ? 16  LEU A CA    1 
ATOM   46   C  C     . LEU A 1 16  ? -0.741  -5.674  4.978   1.00 24.39 ? 16  LEU A C     1 
ATOM   47   O  O     . LEU A 1 16  ? -0.131  -5.370  5.997   1.00 24.68 ? 16  LEU A O     1 
ATOM   48   C  CB    . LEU A 1 16  ? -3.055  -4.670  4.969   1.00 24.80 ? 16  LEU A CB    1 
ATOM   49   C  CG    . LEU A 1 16  ? -4.569  -4.813  5.243   1.00 24.23 ? 16  LEU A CG    1 
ATOM   50   C  CD1   . LEU A 1 16  ? -5.316  -3.487  5.135   1.00 22.50 ? 16  LEU A CD1   1 
ATOM   51   C  CD2   . LEU A 1 16  ? -5.194  -5.857  4.335   1.00 23.27 ? 16  LEU A CD2   1 
ATOM   52   N  N     . VAL A 1 17  ? -0.159  -5.777  3.792   1.00 23.49 ? 17  VAL A N     1 
ATOM   53   C  CA    . VAL A 1 17  ? 1.276   -5.566  3.634   1.00 22.68 ? 17  VAL A CA    1 
ATOM   54   C  C     . VAL A 1 17  ? 1.548   -4.453  2.629   1.00 21.71 ? 17  VAL A C     1 
ATOM   55   O  O     . VAL A 1 17  ? 1.036   -4.465  1.510   1.00 20.79 ? 17  VAL A O     1 
ATOM   56   C  CB    . VAL A 1 17  ? 2.024   -6.890  3.273   1.00 22.77 ? 17  VAL A CB    1 
ATOM   57   C  CG1   . VAL A 1 17  ? 3.557   -6.722  3.368   1.00 22.04 ? 17  VAL A CG1   1 
ATOM   58   C  CG2   . VAL A 1 17  ? 1.567   -8.031  4.193   1.00 23.15 ? 17  VAL A CG2   1 
ATOM   59   N  N     . VAL A 1 18  ? 2.342   -3.478  3.071   1.00 21.26 ? 18  VAL A N     1 
ATOM   60   C  CA    . VAL A 1 18  ? 2.699   -2.317  2.264   1.00 20.38 ? 18  VAL A CA    1 
ATOM   61   C  C     . VAL A 1 18  ? 4.124   -2.462  1.730   1.00 20.65 ? 18  VAL A C     1 
ATOM   62   O  O     . VAL A 1 18  ? 5.091   -2.460  2.506   1.00 20.37 ? 18  VAL A O     1 
ATOM   63   C  CB    . VAL A 1 18  ? 2.587   -1.014  3.079   1.00 20.53 ? 18  VAL A CB    1 
ATOM   64   C  CG1   . VAL A 1 18  ? 2.675   0.199   2.160   1.00 18.71 ? 18  VAL A CG1   1 
ATOM   65   C  CG2   . VAL A 1 18  ? 1.304   -1.012  3.924   1.00 19.33 ? 18  VAL A CG2   1 
ATOM   66   N  N     . VAL A 1 19  ? 4.249   -2.579  0.408   1.00 19.98 ? 19  VAL A N     1 
ATOM   67   C  CA    . VAL A 1 19  ? 5.555   -2.746  -0.223  1.00 19.56 ? 19  VAL A CA    1 
ATOM   68   C  C     . VAL A 1 19  ? 5.830   -1.637  -1.242  1.00 19.65 ? 19  VAL A C     1 
ATOM   69   O  O     . VAL A 1 19  ? 4.906   -0.900  -1.621  1.00 18.94 ? 19  VAL A O     1 
ATOM   70   C  CB    . VAL A 1 19  ? 5.726   -4.162  -0.852  1.00 19.50 ? 19  VAL A CB    1 
ATOM   71   C  CG1   . VAL A 1 19  ? 5.504   -5.256  0.201   1.00 19.51 ? 19  VAL A CG1   1 
ATOM   72   C  CG2   . VAL A 1 19  ? 4.801   -4.359  -2.052  1.00 19.33 ? 19  VAL A CG2   1 
ATOM   73   N  N     . GLY A 1 20  ? 7.098   -1.527  -1.664  1.00 19.18 ? 20  GLY A N     1 
ATOM   74   C  CA    . GLY A 1 20  ? 7.558   -0.495  -2.581  1.00 19.36 ? 20  GLY A CA    1 
ATOM   75   C  C     . GLY A 1 20  ? 8.962   0.006   -2.265  1.00 20.01 ? 20  GLY A C     1 
ATOM   76   O  O     . GLY A 1 20  ? 9.491   -0.226  -1.169  1.00 20.28 ? 20  GLY A O     1 
ATOM   77   N  N     . ASP A 1 21  ? 9.565   0.706   -3.221  1.00 20.32 ? 21  ASP A N     1 
ATOM   78   C  CA    . ASP A 1 21  ? 10.919  1.235   -3.077  1.00 20.67 ? 21  ASP A CA    1 
ATOM   79   C  C     . ASP A 1 21  ? 11.105  2.149   -1.878  1.00 20.95 ? 21  ASP A C     1 
ATOM   80   O  O     . ASP A 1 21  ? 10.134  2.728   -1.358  1.00 21.16 ? 21  ASP A O     1 
ATOM   81   C  CB    . ASP A 1 21  ? 11.302  2.001   -4.332  1.00 21.12 ? 21  ASP A CB    1 
ATOM   82   C  CG    . ASP A 1 21  ? 11.846  1.095   -5.405  1.00 21.99 ? 21  ASP A CG    1 
ATOM   83   O  OD1   . ASP A 1 21  ? 12.393  1.610   -6.408  1.00 22.27 ? 21  ASP A OD1   1 
ATOM   84   O  OD2   . ASP A 1 21  ? 11.761  -0.148  -5.309  1.00 22.09 ? 21  ASP A OD2   1 
ATOM   85   N  N     . GLY A 1 22  ? 12.354  2.291   -1.442  1.00 20.56 ? 22  GLY A N     1 
ATOM   86   C  CA    . GLY A 1 22  ? 12.670  3.254   -0.403  1.00 19.89 ? 22  GLY A CA    1 
ATOM   87   C  C     . GLY A 1 22  ? 12.174  4.645   -0.756  1.00 19.39 ? 22  GLY A C     1 
ATOM   88   O  O     . GLY A 1 22  ? 12.295  5.087   -1.899  1.00 19.30 ? 22  GLY A O     1 
ATOM   89   N  N     . GLY A 1 23  ? 11.590  5.325   0.230   1.00 19.57 ? 23  GLY A N     1 
ATOM   90   C  CA    . GLY A 1 23  ? 11.171  6.712   0.083   1.00 18.79 ? 23  GLY A CA    1 
ATOM   91   C  C     . GLY A 1 23  ? 9.820   6.995   -0.575  1.00 18.46 ? 23  GLY A C     1 
ATOM   92   O  O     . GLY A 1 23  ? 9.445   8.160   -0.695  1.00 18.73 ? 23  GLY A O     1 
ATOM   93   N  N     . VAL A 1 24  ? 9.085   5.969   -0.998  1.00 17.88 ? 24  VAL A N     1 
ATOM   94   C  CA    . VAL A 1 24  ? 7.838   6.200   -1.740  1.00 17.26 ? 24  VAL A CA    1 
ATOM   95   C  C     . VAL A 1 24  ? 6.693   6.667   -0.836  1.00 17.43 ? 24  VAL A C     1 
ATOM   96   O  O     . VAL A 1 24  ? 5.706   7.226   -1.321  1.00 18.15 ? 24  VAL A O     1 
ATOM   97   C  CB    . VAL A 1 24  ? 7.371   4.965   -2.552  1.00 17.15 ? 24  VAL A CB    1 
ATOM   98   C  CG1   . VAL A 1 24  ? 8.438   4.560   -3.561  1.00 16.56 ? 24  VAL A CG1   1 
ATOM   99   C  CG2   . VAL A 1 24  ? 6.965   3.792   -1.623  1.00 15.44 ? 24  VAL A CG2   1 
ATOM   100  N  N     . GLY A 1 25  ? 6.824   6.425   0.462   1.00 17.20 ? 25  GLY A N     1 
ATOM   101  C  CA    . GLY A 1 25  ? 5.826   6.865   1.421   1.00 17.40 ? 25  GLY A CA    1 
ATOM   102  C  C     . GLY A 1 25  ? 5.040   5.744   2.083   1.00 17.55 ? 25  GLY A C     1 
ATOM   103  O  O     . GLY A 1 25  ? 3.950   5.991   2.567   1.00 17.14 ? 25  GLY A O     1 
ATOM   104  N  N     . LYS A 1 26  ? 5.588   4.526   2.122   1.00 17.55 ? 26  LYS A N     1 
ATOM   105  C  CA    . LYS A 1 26  ? 4.949   3.407   2.832   1.00 17.72 ? 26  LYS A CA    1 
ATOM   106  C  C     . LYS A 1 26  ? 4.626   3.744   4.287   1.00 17.99 ? 26  LYS A C     1 
ATOM   107  O  O     . LYS A 1 26  ? 3.495   3.505   4.763   1.00 18.02 ? 26  LYS A O     1 
ATOM   108  C  CB    . LYS A 1 26  ? 5.831   2.147   2.806   1.00 17.76 ? 26  LYS A CB    1 
ATOM   109  C  CG    . LYS A 1 26  ? 6.173   1.606   1.413   1.00 17.19 ? 26  LYS A CG    1 
ATOM   110  C  CD    . LYS A 1 26  ? 7.006   0.334   1.494   1.00 16.63 ? 26  LYS A CD    1 
ATOM   111  C  CE    . LYS A 1 26  ? 8.443   0.607   1.992   1.00 16.74 ? 26  LYS A CE    1 
ATOM   112  N  NZ    . LYS A 1 26  ? 9.180   1.566   1.091   1.00 15.96 ? 26  LYS A NZ    1 
ATOM   113  N  N     . SER A 1 27  ? 5.631   4.273   4.993   1.00 17.80 ? 27  SER A N     1 
ATOM   114  C  CA    . SER A 1 27  ? 5.492   4.656   6.399   1.00 17.72 ? 27  SER A CA    1 
ATOM   115  C  C     . SER A 1 27  ? 4.508   5.812   6.586   1.00 17.44 ? 27  SER A C     1 
ATOM   116  O  O     . SER A 1 27  ? 3.627   5.751   7.445   1.00 17.70 ? 27  SER A O     1 
ATOM   117  C  CB    . SER A 1 27  ? 6.857   5.054   6.982   1.00 17.87 ? 27  SER A CB    1 
ATOM   118  O  OG    . SER A 1 27  ? 7.725   3.934   7.053   1.00 19.83 ? 27  SER A OG    1 
ATOM   119  N  N     . ALA A 1 28  ? 4.664   6.862   5.783   1.00 17.00 ? 28  ALA A N     1 
ATOM   120  C  CA    . ALA A 1 28  ? 3.782   8.021   5.861   1.00 16.91 ? 28  ALA A CA    1 
ATOM   121  C  C     . ALA A 1 28  ? 2.325   7.631   5.613   1.00 16.95 ? 28  ALA A C     1 
ATOM   122  O  O     . ALA A 1 28  ? 1.447   8.058   6.358   1.00 17.57 ? 28  ALA A O     1 
ATOM   123  C  CB    . ALA A 1 28  ? 4.231   9.119   4.907   1.00 16.70 ? 28  ALA A CB    1 
ATOM   124  N  N     . LEU A 1 29  ? 2.075   6.802   4.599   1.00 16.42 ? 29  LEU A N     1 
ATOM   125  C  CA    . LEU A 1 29  ? 0.739   6.282   4.347   1.00 16.66 ? 29  LEU A CA    1 
ATOM   126  C  C     . LEU A 1 29  ? 0.155   5.517   5.537   1.00 17.18 ? 29  LEU A C     1 
ATOM   127  O  O     . LEU A 1 29  ? -1.004  5.709   5.892   1.00 16.94 ? 29  LEU A O     1 
ATOM   128  C  CB    . LEU A 1 29  ? 0.727   5.386   3.101   1.00 16.23 ? 29  LEU A CB    1 
ATOM   129  C  CG    . LEU A 1 29  ? 0.826   6.190   1.799   1.00 15.60 ? 29  LEU A CG    1 
ATOM   130  C  CD1   . LEU A 1 29  ? 1.059   5.267   0.615   1.00 12.41 ? 29  LEU A CD1   1 
ATOM   131  C  CD2   . LEU A 1 29  ? -0.421  7.082   1.611   1.00 13.14 ? 29  LEU A CD2   1 
ATOM   132  N  N     . THR A 1 30  ? 0.968   4.654   6.145   1.00 18.02 ? 30  THR A N     1 
ATOM   133  C  CA    . THR A 1 30  ? 0.543   3.820   7.271   1.00 18.61 ? 30  THR A CA    1 
ATOM   134  C  C     . THR A 1 30  ? 0.251   4.638   8.536   1.00 19.33 ? 30  THR A C     1 
ATOM   135  O  O     . THR A 1 30  ? -0.778  4.439   9.170   1.00 19.79 ? 30  THR A O     1 
ATOM   136  C  CB    . THR A 1 30  ? 1.613   2.768   7.562   1.00 18.18 ? 30  THR A CB    1 
ATOM   137  O  OG1   . THR A 1 30  ? 1.883   2.035   6.366   1.00 19.37 ? 30  THR A OG1   1 
ATOM   138  C  CG2   . THR A 1 30  ? 1.106   1.710   8.563   1.00 17.95 ? 30  THR A CG2   1 
ATOM   139  N  N     . ILE A 1 31  ? 1.159   5.539   8.900   1.00 20.27 ? 31  ILE A N     1 
ATOM   140  C  CA    . ILE A 1 31  ? 0.965   6.418   10.065  1.00 21.12 ? 31  ILE A CA    1 
ATOM   141  C  C     . ILE A 1 31  ? -0.207  7.398   9.875   1.00 20.98 ? 31  ILE A C     1 
ATOM   142  O  O     . ILE A 1 31  ? -0.924  7.717   10.834  1.00 20.66 ? 31  ILE A O     1 
ATOM   143  C  CB    . ILE A 1 31  ? 2.259   7.181   10.399  1.00 21.22 ? 31  ILE A CB    1 
ATOM   144  C  CG1   . ILE A 1 31  ? 3.393   6.196   10.691  1.00 23.25 ? 31  ILE A CG1   1 
ATOM   145  C  CG2   . ILE A 1 31  ? 2.047   8.066   11.634  1.00 22.47 ? 31  ILE A CG2   1 
ATOM   146  C  CD1   . ILE A 1 31  ? 4.802   6.683   10.237  1.00 26.14 ? 31  ILE A CD1   1 
ATOM   147  N  N     . GLN A 1 32  ? -0.386  7.885   8.644   1.00 20.88 ? 32  GLN A N     1 
ATOM   148  C  CA    . GLN A 1 32  ? -1.540  8.722   8.327   1.00 20.90 ? 32  GLN A CA    1 
ATOM   149  C  C     . GLN A 1 32  ? -2.833  7.916   8.536   1.00 21.52 ? 32  GLN A C     1 
ATOM   150  O  O     . GLN A 1 32  ? -3.755  8.386   9.217   1.00 21.36 ? 32  GLN A O     1 
ATOM   151  C  CB    . GLN A 1 32  ? -1.436  9.293   6.908   1.00 20.52 ? 32  GLN A CB    1 
ATOM   152  C  CG    . GLN A 1 32  ? -2.630  10.158  6.470   1.00 19.97 ? 32  GLN A CG    1 
ATOM   153  C  CD    . GLN A 1 32  ? -2.807  11.417  7.328   1.00 19.47 ? 32  GLN A CD    1 
ATOM   154  O  OE1   . GLN A 1 32  ? -2.062  12.393  7.180   1.00 19.97 ? 32  GLN A OE1   1 
ATOM   155  N  NE2   . GLN A 1 32  ? -3.791  11.393  8.214   1.00 15.16 ? 32  GLN A NE2   1 
ATOM   156  N  N     . PHE A 1 33  ? -2.885  6.699   7.987   1.00 21.82 ? 33  PHE A N     1 
ATOM   157  C  CA    . PHE A 1 33  ? -4.059  5.832   8.172   1.00 22.61 ? 33  PHE A CA    1 
ATOM   158  C  C     . PHE A 1 33  ? -4.386  5.498   9.635   1.00 23.41 ? 33  PHE A C     1 
ATOM   159  O  O     . PHE A 1 33  ? -5.533  5.632   10.061  1.00 23.97 ? 33  PHE A O     1 
ATOM   160  C  CB    . PHE A 1 33  ? -3.948  4.539   7.367   1.00 22.05 ? 33  PHE A CB    1 
ATOM   161  C  CG    . PHE A 1 33  ? -5.153  3.645   7.497   1.00 22.29 ? 33  PHE A CG    1 
ATOM   162  C  CD1   . PHE A 1 33  ? -5.040  2.390   8.090   1.00 22.67 ? 33  PHE A CD1   1 
ATOM   163  C  CD2   . PHE A 1 33  ? -6.396  4.057   7.031   1.00 22.49 ? 33  PHE A CD2   1 
ATOM   164  C  CE1   . PHE A 1 33  ? -6.144  1.543   8.199   1.00 23.17 ? 33  PHE A CE1   1 
ATOM   165  C  CE2   . PHE A 1 33  ? -7.512  3.228   7.148   1.00 24.02 ? 33  PHE A CE2   1 
ATOM   166  C  CZ    . PHE A 1 33  ? -7.383  1.966   7.737   1.00 23.74 ? 33  PHE A CZ    1 
ATOM   167  N  N     . PHE A 1 34  ? -3.388  5.054   10.389  1.00 24.17 ? 34  PHE A N     1 
ATOM   168  C  CA    . PHE A 1 34  ? -3.614  4.620   11.764  1.00 25.39 ? 34  PHE A CA    1 
ATOM   169  C  C     . PHE A 1 34  ? -3.639  5.745   12.797  1.00 26.20 ? 34  PHE A C     1 
ATOM   170  O  O     . PHE A 1 34  ? -4.405  5.673   13.756  1.00 26.79 ? 34  PHE A O     1 
ATOM   171  C  CB    . PHE A 1 34  ? -2.589  3.554   12.180  1.00 25.34 ? 34  PHE A CB    1 
ATOM   172  C  CG    . PHE A 1 34  ? -2.848  2.206   11.576  1.00 24.89 ? 34  PHE A CG    1 
ATOM   173  C  CD1   . PHE A 1 34  ? -3.677  1.288   12.219  1.00 25.21 ? 34  PHE A CD1   1 
ATOM   174  C  CD2   . PHE A 1 34  ? -2.283  1.857   10.356  1.00 24.22 ? 34  PHE A CD2   1 
ATOM   175  C  CE1   . PHE A 1 34  ? -3.928  0.037   11.658  1.00 23.50 ? 34  PHE A CE1   1 
ATOM   176  C  CE2   . PHE A 1 34  ? -2.538  0.611   9.789   1.00 23.54 ? 34  PHE A CE2   1 
ATOM   177  C  CZ    . PHE A 1 34  ? -3.363  -0.295  10.443  1.00 23.16 ? 34  PHE A CZ    1 
ATOM   178  N  N     . GLN A 1 35  ? -2.814  6.771   12.614  1.00 26.94 ? 35  GLN A N     1 
ATOM   179  C  CA    . GLN A 1 35  ? -2.647  7.788   13.659  1.00 28.31 ? 35  GLN A CA    1 
ATOM   180  C  C     . GLN A 1 35  ? -3.079  9.193   13.259  1.00 28.33 ? 35  GLN A C     1 
ATOM   181  O  O     . GLN A 1 35  ? -3.077  10.103  14.087  1.00 29.01 ? 35  GLN A O     1 
ATOM   182  C  CB    . GLN A 1 35  ? -1.206  7.792   14.192  1.00 28.39 ? 35  GLN A CB    1 
ATOM   183  C  CG    . GLN A 1 35  ? -0.772  6.499   14.876  1.00 31.25 ? 35  GLN A CG    1 
ATOM   184  C  CD    . GLN A 1 35  ? -1.753  5.988   15.961  1.00 36.46 ? 35  GLN A CD    1 
ATOM   185  O  OE1   . GLN A 1 35  ? -2.330  6.772   16.740  1.00 38.33 ? 35  GLN A OE1   1 
ATOM   186  N  NE2   . GLN A 1 35  ? -1.920  4.666   16.019  1.00 38.02 ? 35  GLN A NE2   1 
ATOM   187  N  N     . LYS A 1 36  ? -3.430  9.364   11.986  1.00 28.56 ? 36  LYS A N     1 
ATOM   188  C  CA    . LYS A 1 36  ? -3.994  10.606  11.470  1.00 28.75 ? 36  LYS A CA    1 
ATOM   189  C  C     . LYS A 1 36  ? -3.048  11.823  11.577  1.00 28.57 ? 36  LYS A C     1 
ATOM   190  O  O     . LYS A 1 36  ? -3.497  12.973  11.680  1.00 28.50 ? 36  LYS A O     1 
ATOM   191  C  CB    . LYS A 1 36  ? -5.383  10.872  12.096  1.00 29.33 ? 36  LYS A CB    1 
ATOM   192  C  CG    . LYS A 1 36  ? -6.407  9.737   11.870  1.00 30.35 ? 36  LYS A CG    1 
ATOM   193  C  CD    . LYS A 1 36  ? -7.698  9.952   12.679  1.00 34.33 ? 36  LYS A CD    1 
ATOM   194  C  CE    . LYS A 1 36  ? -8.699  8.795   12.462  1.00 35.81 ? 36  LYS A CE    1 
ATOM   195  N  NZ    . LYS A 1 36  ? -9.289  8.811   11.094  1.00 35.91 ? 36  LYS A NZ    1 
ATOM   196  N  N     . ILE A 1 37  ? -1.744  11.557  11.525  1.00 27.62 ? 37  ILE A N     1 
ATOM   197  C  CA    . ILE A 1 37  ? -0.730  12.615  11.479  1.00 27.01 ? 37  ILE A CA    1 
ATOM   198  C  C     . ILE A 1 37  ? 0.180   12.437  10.272  1.00 26.29 ? 37  ILE A C     1 
ATOM   199  O  O     . ILE A 1 37  ? 0.279   11.338  9.715   1.00 26.05 ? 37  ILE A O     1 
ATOM   200  C  CB    . ILE A 1 37  ? 0.149   12.631  12.772  1.00 27.03 ? 37  ILE A CB    1 
ATOM   201  C  CG1   . ILE A 1 37  ? 0.445   11.207  13.264  1.00 26.92 ? 37  ILE A CG1   1 
ATOM   202  C  CG2   . ILE A 1 37  ? -0.495  13.467  13.859  1.00 27.56 ? 37  ILE A CG2   1 
ATOM   203  C  CD1   . ILE A 1 37  ? 1.789   11.060  13.960  1.00 26.41 ? 37  ILE A CD1   1 
ATOM   204  N  N     . PHE A 1 38  ? 0.829   13.523  9.879   1.00 25.58 ? 38  PHE A N     1 
ATOM   205  C  CA    . PHE A 1 38  ? 1.913   13.485  8.913   1.00 26.10 ? 38  PHE A CA    1 
ATOM   206  C  C     . PHE A 1 38  ? 3.118   14.192  9.545   1.00 26.79 ? 38  PHE A C     1 
ATOM   207  O  O     . PHE A 1 38  ? 3.037   15.372  9.881   1.00 26.22 ? 38  PHE A O     1 
ATOM   208  C  CB    . PHE A 1 38  ? 1.489   14.174  7.612   1.00 25.49 ? 38  PHE A CB    1 
ATOM   209  C  CG    . PHE A 1 38  ? 2.566   14.219  6.547   1.00 25.31 ? 38  PHE A CG    1 
ATOM   210  C  CD1   . PHE A 1 38  ? 2.904   13.081  5.818   1.00 24.60 ? 38  PHE A CD1   1 
ATOM   211  C  CD2   . PHE A 1 38  ? 3.216   15.415  6.253   1.00 26.42 ? 38  PHE A CD2   1 
ATOM   212  C  CE1   . PHE A 1 38  ? 3.892   13.127  4.827   1.00 24.83 ? 38  PHE A CE1   1 
ATOM   213  C  CE2   . PHE A 1 38  ? 4.210   15.475  5.263   1.00 26.21 ? 38  PHE A CE2   1 
ATOM   214  C  CZ    . PHE A 1 38  ? 4.542   14.326  4.545   1.00 25.64 ? 38  PHE A CZ    1 
ATOM   215  N  N     . VAL A 1 39  ? 4.214   13.459  9.726   1.00 27.90 ? 39  VAL A N     1 
ATOM   216  C  CA    . VAL A 1 39  ? 5.436   14.001  10.318  1.00 29.77 ? 39  VAL A CA    1 
ATOM   217  C  C     . VAL A 1 39  ? 6.571   13.924  9.298   1.00 31.36 ? 39  VAL A C     1 
ATOM   218  O  O     . VAL A 1 39  ? 7.153   12.858  9.098   1.00 30.61 ? 39  VAL A O     1 
ATOM   219  C  CB    . VAL A 1 39  ? 5.848   13.256  11.641  1.00 29.82 ? 39  VAL A CB    1 
ATOM   220  C  CG1   . VAL A 1 39  ? 7.070   13.916  12.290  1.00 29.73 ? 39  VAL A CG1   1 
ATOM   221  C  CG2   . VAL A 1 39  ? 4.695   13.207  12.631  1.00 29.25 ? 39  VAL A CG2   1 
ATOM   222  N  N     . PRO A 1 40  ? 6.891   15.055  8.664   1.00 33.47 ? 40  PRO A N     1 
ATOM   223  C  CA    . PRO A 1 40  ? 7.912   15.095  7.609   1.00 35.56 ? 40  PRO A CA    1 
ATOM   224  C  C     . PRO A 1 40  ? 9.223   14.434  8.043   1.00 37.85 ? 40  PRO A C     1 
ATOM   225  O  O     . PRO A 1 40  ? 9.573   14.474  9.224   1.00 37.96 ? 40  PRO A O     1 
ATOM   226  C  CB    . PRO A 1 40  ? 8.121   16.598  7.385   1.00 35.58 ? 40  PRO A CB    1 
ATOM   227  C  CG    . PRO A 1 40  ? 6.833   17.233  7.798   1.00 34.22 ? 40  PRO A CG    1 
ATOM   228  C  CD    . PRO A 1 40  ? 6.305   16.385  8.920   1.00 33.53 ? 40  PRO A CD    1 
ATOM   229  N  N     . ASP A 1 41  ? 9.914   13.808  7.095   1.00 40.65 ? 41  ASP A N     1 
ATOM   230  C  CA    . ASP A 1 41  ? 11.220  13.178  7.350   1.00 43.77 ? 41  ASP A CA    1 
ATOM   231  C  C     . ASP A 1 41  ? 11.321  12.415  8.683   1.00 44.88 ? 41  ASP A C     1 
ATOM   232  O  O     . ASP A 1 41  ? 12.297  12.546  9.438   1.00 45.01 ? 41  ASP A O     1 
ATOM   233  C  CB    . ASP A 1 41  ? 12.361  14.196  7.214   1.00 44.39 ? 41  ASP A CB    1 
ATOM   234  C  CG    . ASP A 1 41  ? 13.591  13.598  6.551   1.00 47.37 ? 41  ASP A CG    1 
ATOM   235  O  OD1   . ASP A 1 41  ? 13.578  13.461  5.302   1.00 50.71 ? 41  ASP A OD1   1 
ATOM   236  O  OD2   . ASP A 1 41  ? 14.605  13.223  7.196   1.00 49.25 ? 41  ASP A OD2   1 
ATOM   237  N  N     . TYR A 1 42  ? 10.280  11.643  8.965   1.00 46.21 ? 42  TYR A N     1 
ATOM   238  C  CA    . TYR A 1 42  ? 10.283  10.692  10.054  1.00 47.59 ? 42  TYR A CA    1 
ATOM   239  C  C     . TYR A 1 42  ? 10.429  9.336   9.385   1.00 48.73 ? 42  TYR A C     1 
ATOM   240  O  O     . TYR A 1 42  ? 9.564   8.930   8.602   1.00 48.75 ? 42  TYR A O     1 
ATOM   241  C  CB    . TYR A 1 42  ? 8.970   10.798  10.858  1.00 47.39 ? 42  TYR A CB    1 
ATOM   242  C  CG    . TYR A 1 42  ? 8.664   9.654   11.820  1.00 47.49 ? 42  TYR A CG    1 
ATOM   243  C  CD1   . TYR A 1 42  ? 7.380   9.104   11.891  1.00 48.03 ? 42  TYR A CD1   1 
ATOM   244  C  CD2   . TYR A 1 42  ? 9.646   9.137   12.671  1.00 47.80 ? 42  TYR A CD2   1 
ATOM   245  C  CE1   . TYR A 1 42  ? 7.085   8.055   12.776  1.00 48.56 ? 42  TYR A CE1   1 
ATOM   246  C  CE2   . TYR A 1 42  ? 9.370   8.091   13.549  1.00 47.66 ? 42  TYR A CE2   1 
ATOM   247  C  CZ    . TYR A 1 42  ? 8.089   7.555   13.603  1.00 49.21 ? 42  TYR A CZ    1 
ATOM   248  O  OH    . TYR A 1 42  ? 7.819   6.522   14.483  1.00 49.09 ? 42  TYR A OH    1 
ATOM   249  N  N     . ASP A 1 43  ? 11.555  8.671   9.623   1.00 50.31 ? 43  ASP A N     1 
ATOM   250  C  CA    . ASP A 1 43  ? 11.650  7.256   9.279   1.00 51.91 ? 43  ASP A CA    1 
ATOM   251  C  C     . ASP A 1 43  ? 11.871  6.459   10.547  1.00 52.50 ? 43  ASP A C     1 
ATOM   252  O  O     . ASP A 1 43  ? 12.893  6.617   11.221  1.00 52.79 ? 43  ASP A O     1 
ATOM   253  C  CB    . ASP A 1 43  ? 12.657  6.941   8.150   1.00 52.32 ? 43  ASP A CB    1 
ATOM   254  C  CG    . ASP A 1 43  ? 14.100  7.200   8.535   1.00 53.79 ? 43  ASP A CG    1 
ATOM   255  O  OD1   . ASP A 1 43  ? 14.581  8.343   8.343   1.00 54.63 ? 43  ASP A OD1   1 
ATOM   256  O  OD2   . ASP A 1 43  ? 14.841  6.303   9.002   1.00 55.39 ? 43  ASP A OD2   1 
ATOM   257  N  N     . PRO A 1 44  ? 10.864  5.658   10.896  1.00 53.10 ? 44  PRO A N     1 
ATOM   258  C  CA    . PRO A 1 44  ? 10.868  4.845   12.115  1.00 53.76 ? 44  PRO A CA    1 
ATOM   259  C  C     . PRO A 1 44  ? 12.234  4.263   12.475  1.00 54.57 ? 44  PRO A C     1 
ATOM   260  O  O     . PRO A 1 44  ? 12.975  3.783   11.600  1.00 54.44 ? 44  PRO A O     1 
ATOM   261  C  CB    . PRO A 1 44  ? 9.888   3.721   11.776  1.00 53.77 ? 44  PRO A CB    1 
ATOM   262  C  CG    . PRO A 1 44  ? 8.908   4.360   10.835  1.00 53.52 ? 44  PRO A CG    1 
ATOM   263  C  CD    . PRO A 1 44  ? 9.611   5.493   10.136  1.00 53.01 ? 44  PRO A CD    1 
ATOM   264  N  N     . THR A 1 45  ? 12.549  4.326   13.771  1.00 55.33 ? 45  THR A N     1 
ATOM   265  C  CA    . THR A 1 45  ? 13.761  3.740   14.330  1.00 56.03 ? 45  THR A CA    1 
ATOM   266  C  C     . THR A 1 45  ? 13.606  2.223   14.390  1.00 56.17 ? 45  THR A C     1 
ATOM   267  O  O     . THR A 1 45  ? 14.473  1.480   13.919  1.00 56.38 ? 45  THR A O     1 
ATOM   268  C  CB    . THR A 1 45  ? 14.040  4.338   15.734  1.00 56.09 ? 45  THR A CB    1 
ATOM   269  O  OG1   . THR A 1 45  ? 14.534  5.675   15.587  1.00 56.78 ? 45  THR A OG1   1 
ATOM   270  C  CG2   . THR A 1 45  ? 15.192  3.612   16.441  1.00 56.46 ? 45  THR A CG2   1 
ATOM   271  N  N     . ILE A 1 46  ? 12.494  1.770   14.960  1.00 56.35 ? 46  ILE A N     1 
ATOM   272  C  CA    . ILE A 1 46  ? 12.210  0.339   15.048  1.00 56.44 ? 46  ILE A CA    1 
ATOM   273  C  C     . ILE A 1 46  ? 10.965  -0.035  14.246  1.00 56.22 ? 46  ILE A C     1 
ATOM   274  O  O     . ILE A 1 46  ? 10.085  0.801   14.023  1.00 56.01 ? 46  ILE A O     1 
ATOM   275  C  CB    . ILE A 1 46  ? 12.084  -0.139  16.538  1.00 56.57 ? 46  ILE A CB    1 
ATOM   276  C  CG1   . ILE A 1 46  ? 11.013  0.660   17.298  1.00 56.85 ? 46  ILE A CG1   1 
ATOM   277  C  CG2   . ILE A 1 46  ? 13.440  -0.089  17.245  1.00 56.51 ? 46  ILE A CG2   1 
ATOM   278  C  CD1   . ILE A 1 46  ? 10.076  -0.193  18.126  1.00 56.16 ? 46  ILE A CD1   1 
ATOM   279  N  N     . GLU A 1 47  ? 10.916  -1.294  13.809  1.00 56.09 ? 47  GLU A N     1 
ATOM   280  C  CA    . GLU A 1 47  ? 9.740   -1.850  13.155  1.00 55.90 ? 47  GLU A CA    1 
ATOM   281  C  C     . GLU A 1 47  ? 8.534   -1.652  14.053  1.00 55.45 ? 47  GLU A C     1 
ATOM   282  O  O     . GLU A 1 47  ? 8.539   -2.063  15.216  1.00 55.51 ? 47  GLU A O     1 
ATOM   283  C  CB    . GLU A 1 47  ? 9.935   -3.336  12.856  1.00 56.16 ? 47  GLU A CB    1 
ATOM   284  C  CG    . GLU A 1 47  ? 10.788  -3.623  11.626  1.00 57.83 ? 47  GLU A CG    1 
ATOM   285  C  CD    . GLU A 1 47  ? 10.440  -4.946  10.960  1.00 59.54 ? 47  GLU A CD    1 
ATOM   286  O  OE1   . GLU A 1 47  ? 10.671  -6.010  11.582  1.00 60.18 ? 47  GLU A OE1   1 
ATOM   287  O  OE2   . GLU A 1 47  ? 9.929   -4.922  9.816   1.00 60.51 ? 47  GLU A OE2   1 
ATOM   288  N  N     . ASP A 1 48  ? 7.514   -0.993  13.513  1.00 54.86 ? 48  ASP A N     1 
ATOM   289  C  CA    . ASP A 1 48  ? 6.265   -0.762  14.233  1.00 54.21 ? 48  ASP A CA    1 
ATOM   290  C  C     . ASP A 1 48  ? 5.113   -1.533  13.579  1.00 53.16 ? 48  ASP A C     1 
ATOM   291  O  O     . ASP A 1 48  ? 4.867   -1.405  12.372  1.00 53.18 ? 48  ASP A O     1 
ATOM   292  C  CB    . ASP A 1 48  ? 5.925   0.743   14.336  1.00 54.63 ? 48  ASP A CB    1 
ATOM   293  C  CG    . ASP A 1 48  ? 6.998   1.657   13.731  1.00 55.83 ? 48  ASP A CG    1 
ATOM   294  O  OD1   . ASP A 1 48  ? 7.454   1.403   12.587  1.00 57.25 ? 48  ASP A OD1   1 
ATOM   295  O  OD2   . ASP A 1 48  ? 7.433   2.675   14.324  1.00 57.38 ? 48  ASP A OD2   1 
ATOM   296  N  N     . SER A 1 49  ? 4.432   -2.353  14.375  1.00 51.85 ? 49  SER A N     1 
ATOM   297  C  CA    . SER A 1 49  ? 3.245   -3.069  13.911  1.00 50.39 ? 49  SER A CA    1 
ATOM   298  C  C     . SER A 1 49  ? 2.039   -2.158  14.083  1.00 48.83 ? 49  SER A C     1 
ATOM   299  O  O     . SER A 1 49  ? 2.062   -1.242  14.914  1.00 49.03 ? 49  SER A O     1 
ATOM   300  C  CB    . SER A 1 49  ? 3.049   -4.378  14.680  1.00 50.56 ? 49  SER A CB    1 
ATOM   301  O  OG    . SER A 1 49  ? 3.721   -5.449  14.034  1.00 51.13 ? 49  SER A OG    1 
ATOM   302  N  N     . TYR A 1 50  ? 0.999   -2.387  13.287  1.00 46.53 ? 50  TYR A N     1 
ATOM   303  C  CA    . TYR A 1 50  ? -0.176  -1.535  13.357  1.00 44.14 ? 50  TYR A CA    1 
ATOM   304  C  C     . TYR A 1 50  ? -1.451  -2.353  13.424  1.00 42.77 ? 50  TYR A C     1 
ATOM   305  O  O     . TYR A 1 50  ? -1.686  -3.226  12.592  1.00 42.15 ? 50  TYR A O     1 
ATOM   306  C  CB    . TYR A 1 50  ? -0.202  -0.564  12.179  1.00 44.30 ? 50  TYR A CB    1 
ATOM   307  C  CG    . TYR A 1 50  ? 0.882   0.487   12.224  1.00 43.12 ? 50  TYR A CG    1 
ATOM   308  C  CD1   . TYR A 1 50  ? 2.112   0.277   11.600  1.00 42.81 ? 50  TYR A CD1   1 
ATOM   309  C  CD2   . TYR A 1 50  ? 0.677   1.691   12.888  1.00 43.16 ? 50  TYR A CD2   1 
ATOM   310  C  CE1   . TYR A 1 50  ? 3.109   1.249   11.633  1.00 43.22 ? 50  TYR A CE1   1 
ATOM   311  C  CE2   . TYR A 1 50  ? 1.665   2.665   12.930  1.00 43.25 ? 50  TYR A CE2   1 
ATOM   312  C  CZ    . TYR A 1 50  ? 2.875   2.441   12.299  1.00 44.14 ? 50  TYR A CZ    1 
ATOM   313  O  OH    . TYR A 1 50  ? 3.854   3.414   12.343  1.00 45.48 ? 50  TYR A OH    1 
ATOM   314  N  N     . LEU A 1 51  ? -2.263  -2.059  14.436  1.00 41.33 ? 51  LEU A N     1 
ATOM   315  C  CA    . LEU A 1 51  ? -3.463  -2.824  14.727  1.00 40.12 ? 51  LEU A CA    1 
ATOM   316  C  C     . LEU A 1 51  ? -4.628  -1.900  15.067  1.00 39.01 ? 51  LEU A C     1 
ATOM   317  O  O     . LEU A 1 51  ? -4.518  -1.067  15.970  1.00 38.94 ? 51  LEU A O     1 
ATOM   318  C  CB    . LEU A 1 51  ? -3.186  -3.769  15.894  1.00 40.50 ? 51  LEU A CB    1 
ATOM   319  C  CG    . LEU A 1 51  ? -4.063  -5.012  16.039  1.00 41.22 ? 51  LEU A CG    1 
ATOM   320  C  CD1   . LEU A 1 51  ? -3.528  -6.185  15.205  1.00 40.70 ? 51  LEU A CD1   1 
ATOM   321  C  CD2   . LEU A 1 51  ? -4.169  -5.386  17.529  1.00 43.19 ? 51  LEU A CD2   1 
ATOM   322  N  N     . LYS A 1 52  ? -5.744  -2.042  14.350  1.00 37.34 ? 52  LYS A N     1 
ATOM   323  C  CA    . LYS A 1 52  ? -6.926  -1.226  14.647  1.00 36.18 ? 52  LYS A CA    1 
ATOM   324  C  C     . LYS A 1 52  ? -8.259  -1.850  14.231  1.00 35.39 ? 52  LYS A C     1 
ATOM   325  O  O     . LYS A 1 52  ? -8.358  -2.509  13.191  1.00 35.00 ? 52  LYS A O     1 
ATOM   326  C  CB    . LYS A 1 52  ? -6.763  0.215   14.112  1.00 35.72 ? 52  LYS A CB    1 
ATOM   327  C  CG    . LYS A 1 52  ? -7.597  0.604   12.904  1.00 35.62 ? 52  LYS A CG    1 
ATOM   328  C  CD    . LYS A 1 52  ? -7.671  2.130   12.777  1.00 36.13 ? 52  LYS A CD    1 
ATOM   329  C  CE    . LYS A 1 52  ? -7.674  2.587   11.324  1.00 36.52 ? 52  LYS A CE    1 
ATOM   330  N  NZ    . LYS A 1 52  ? -7.544  4.075   11.163  1.00 36.46 ? 52  LYS A NZ    1 
ATOM   331  N  N     . HIS A 1 53  ? -9.273  -1.638  15.070  1.00 34.74 ? 53  HIS A N     1 
ATOM   332  C  CA    . HIS A 1 53  ? -10.652 -1.977  14.736  1.00 34.43 ? 53  HIS A CA    1 
ATOM   333  C  C     . HIS A 1 53  ? -11.195 -0.866  13.858  1.00 33.57 ? 53  HIS A C     1 
ATOM   334  O  O     . HIS A 1 53  ? -11.137 0.306   14.220  1.00 33.89 ? 53  HIS A O     1 
ATOM   335  C  CB    . HIS A 1 53  ? -11.514 -2.110  16.000  1.00 34.61 ? 53  HIS A CB    1 
ATOM   336  C  CG    . HIS A 1 53  ? -11.229 -3.339  16.807  1.00 36.50 ? 53  HIS A CG    1 
ATOM   337  N  ND1   . HIS A 1 53  ? -9.974  -3.636  17.303  1.00 36.65 ? 53  HIS A ND1   1 
ATOM   338  C  CD2   . HIS A 1 53  ? -12.039 -4.349  17.209  1.00 37.26 ? 53  HIS A CD2   1 
ATOM   339  C  CE1   . HIS A 1 53  ? -10.027 -4.774  17.973  1.00 37.08 ? 53  HIS A CE1   1 
ATOM   340  N  NE2   . HIS A 1 53  ? -11.267 -5.226  17.931  1.00 37.30 ? 53  HIS A NE2   1 
ATOM   341  N  N     . THR A 1 54  ? -11.701 -1.229  12.690  1.00 32.95 ? 54  THR A N     1 
ATOM   342  C  CA    . THR A 1 54  ? -12.355 -0.255  11.836  1.00 32.39 ? 54  THR A CA    1 
ATOM   343  C  C     . THR A 1 54  ? -13.575 -0.819  11.119  1.00 31.65 ? 54  THR A C     1 
ATOM   344  O  O     . THR A 1 54  ? -13.643 -2.017  10.830  1.00 32.12 ? 54  THR A O     1 
ATOM   345  C  CB    . THR A 1 54  ? -11.351 0.391   10.845  1.00 32.68 ? 54  THR A CB    1 
ATOM   346  O  OG1   . THR A 1 54  ? -11.967 1.523   10.210  1.00 34.05 ? 54  THR A OG1   1 
ATOM   347  C  CG2   . THR A 1 54  ? -11.016 -0.539  9.687   1.00 31.90 ? 54  THR A CG2   1 
ATOM   348  N  N     . GLU A 1 55  ? -14.537 0.055   10.850  1.00 30.63 ? 55  GLU A N     1 
ATOM   349  C  CA    . GLU A 1 55  ? -15.772 -0.318  10.183  1.00 30.03 ? 55  GLU A CA    1 
ATOM   350  C  C     . GLU A 1 55  ? -15.685 0.014   8.693   1.00 29.02 ? 55  GLU A C     1 
ATOM   351  O  O     . GLU A 1 55  ? -15.488 1.169   8.316   1.00 28.49 ? 55  GLU A O     1 
ATOM   352  C  CB    . GLU A 1 55  ? -16.958 0.406   10.839  1.00 30.38 ? 55  GLU A CB    1 
ATOM   353  C  CG    . GLU A 1 55  ? -18.329 0.011   10.307  1.00 32.65 ? 55  GLU A CG    1 
ATOM   354  C  CD    . GLU A 1 55  ? -19.472 0.568   11.148  1.00 36.14 ? 55  GLU A CD    1 
ATOM   355  O  OE1   . GLU A 1 55  ? -20.542 -0.079  11.204  1.00 36.65 ? 55  GLU A OE1   1 
ATOM   356  O  OE2   . GLU A 1 55  ? -19.308 1.654   11.754  1.00 37.15 ? 55  GLU A OE2   1 
ATOM   357  N  N     . ILE A 1 56  ? -15.827 -1.009  7.857   1.00 27.86 ? 56  ILE A N     1 
ATOM   358  C  CA    . ILE A 1 56  ? -15.794 -0.833  6.408   1.00 27.50 ? 56  ILE A CA    1 
ATOM   359  C  C     . ILE A 1 56  ? -17.094 -1.395  5.839   1.00 27.44 ? 56  ILE A C     1 
ATOM   360  O  O     . ILE A 1 56  ? -17.446 -2.546  6.100   1.00 27.31 ? 56  ILE A O     1 
ATOM   361  C  CB    . ILE A 1 56  ? -14.551 -1.533  5.790   1.00 27.01 ? 56  ILE A CB    1 
ATOM   362  C  CG1   . ILE A 1 56  ? -13.266 -1.043  6.469   1.00 26.38 ? 56  ILE A CG1   1 
ATOM   363  C  CG2   . ILE A 1 56  ? -14.490 -1.308  4.290   1.00 26.27 ? 56  ILE A CG2   1 
ATOM   364  C  CD1   . ILE A 1 56  ? -12.096 -1.963  6.307   1.00 25.51 ? 56  ILE A CD1   1 
ATOM   365  N  N     . ASP A 1 57  ? -17.803 -0.573  5.068   1.00 27.80 ? 57  ASP A N     1 
ATOM   366  C  CA    . ASP A 1 57  ? -19.149 -0.907  4.585   1.00 28.12 ? 57  ASP A CA    1 
ATOM   367  C  C     . ASP A 1 57  ? -19.988 -1.576  5.690   1.00 28.56 ? 57  ASP A C     1 
ATOM   368  O  O     . ASP A 1 57  ? -20.542 -2.653  5.492   1.00 28.09 ? 57  ASP A O     1 
ATOM   369  C  CB    . ASP A 1 57  ? -19.083 -1.798  3.348   1.00 27.84 ? 57  ASP A CB    1 
ATOM   370  C  CG    . ASP A 1 57  ? -18.267 -1.189  2.223   1.00 28.03 ? 57  ASP A CG    1 
ATOM   371  O  OD1   . ASP A 1 57  ? -18.317 0.046   2.005   1.00 27.81 ? 57  ASP A OD1   1 
ATOM   372  O  OD2   . ASP A 1 57  ? -17.559 -1.884  1.476   1.00 27.75 ? 57  ASP A OD2   1 
ATOM   373  N  N     . ASN A 1 58  ? -20.047 -0.929  6.857   1.00 29.28 ? 58  ASN A N     1 
ATOM   374  C  CA    . ASN A 1 58  ? -20.815 -1.412  8.014   1.00 30.15 ? 58  ASN A CA    1 
ATOM   375  C  C     . ASN A 1 58  ? -20.329 -2.726  8.642   1.00 30.23 ? 58  ASN A C     1 
ATOM   376  O  O     . ASN A 1 58  ? -20.954 -3.225  9.575   1.00 30.14 ? 58  ASN A O     1 
ATOM   377  C  CB    . ASN A 1 58  ? -22.328 -1.490  7.700   1.00 30.56 ? 58  ASN A CB    1 
ATOM   378  C  CG    . ASN A 1 58  ? -22.906 -0.157  7.236   1.00 31.63 ? 58  ASN A CG    1 
ATOM   379  O  OD1   . ASN A 1 58  ? -22.663 0.888   7.839   1.00 32.76 ? 58  ASN A OD1   1 
ATOM   380  N  ND2   . ASN A 1 58  ? -23.677 -0.194  6.159   1.00 32.82 ? 58  ASN A ND2   1 
ATOM   381  N  N     . GLN A 1 59  ? -19.217 -3.274  8.153   1.00 30.30 ? 59  GLN A N     1 
ATOM   382  C  CA    . GLN A 1 59  ? -18.687 -4.525  8.694   1.00 30.79 ? 59  GLN A CA    1 
ATOM   383  C  C     . GLN A 1 59  ? -17.357 -4.285  9.399   1.00 31.00 ? 59  GLN A C     1 
ATOM   384  O  O     . GLN A 1 59  ? -16.393 -3.829  8.787   1.00 31.07 ? 59  GLN A O     1 
ATOM   385  C  CB    . GLN A 1 59  ? -18.519 -5.580  7.598   1.00 30.60 ? 59  GLN A CB    1 
ATOM   386  C  CG    . GLN A 1 59  ? -19.749 -5.820  6.767   1.00 31.75 ? 59  GLN A CG    1 
ATOM   387  C  CD    . GLN A 1 59  ? -19.425 -6.357  5.385   1.00 33.40 ? 59  GLN A CD    1 
ATOM   388  O  OE1   . GLN A 1 59  ? -19.030 -7.513  5.249   1.00 33.42 ? 59  GLN A OE1   1 
ATOM   389  N  NE2   . GLN A 1 59  ? -19.606 -5.528  4.359   1.00 32.87 ? 59  GLN A NE2   1 
ATOM   390  N  N     . TRP A 1 60  ? -17.317 -4.591  10.691  1.00 31.27 ? 60  TRP A N     1 
ATOM   391  C  CA    . TRP A 1 60  ? -16.133 -4.351  11.503  1.00 31.49 ? 60  TRP A CA    1 
ATOM   392  C  C     . TRP A 1 60  ? -15.044 -5.378  11.222  1.00 31.65 ? 60  TRP A C     1 
ATOM   393  O  O     . TRP A 1 60  ? -15.319 -6.554  10.919  1.00 31.68 ? 60  TRP A O     1 
ATOM   394  C  CB    . TRP A 1 60  ? -16.484 -4.324  12.990  1.00 31.61 ? 60  TRP A CB    1 
ATOM   395  C  CG    . TRP A 1 60  ? -17.158 -3.040  13.436  1.00 32.33 ? 60  TRP A CG    1 
ATOM   396  C  CD1   . TRP A 1 60  ? -18.502 -2.788  13.481  1.00 32.49 ? 60  TRP A CD1   1 
ATOM   397  C  CD2   . TRP A 1 60  ? -16.514 -1.843  13.907  1.00 32.41 ? 60  TRP A CD2   1 
ATOM   398  N  NE1   . TRP A 1 60  ? -18.734 -1.515  13.951  1.00 32.24 ? 60  TRP A NE1   1 
ATOM   399  C  CE2   . TRP A 1 60  ? -17.534 -0.914  14.226  1.00 32.31 ? 60  TRP A CE2   1 
ATOM   400  C  CE3   . TRP A 1 60  ? -15.175 -1.463  14.100  1.00 32.92 ? 60  TRP A CE3   1 
ATOM   401  C  CZ2   . TRP A 1 60  ? -17.260 0.373   14.712  1.00 32.51 ? 60  TRP A CZ2   1 
ATOM   402  C  CZ3   . TRP A 1 60  ? -14.904 -0.176  14.593  1.00 32.75 ? 60  TRP A CZ3   1 
ATOM   403  C  CH2   . TRP A 1 60  ? -15.943 0.724   14.881  1.00 32.00 ? 60  TRP A CH2   1 
ATOM   404  N  N     . ALA A 1 61  ? -13.805 -4.915  11.329  1.00 31.22 ? 61  ALA A N     1 
ATOM   405  C  CA    . ALA A 1 61  ? -12.642 -5.728  11.029  1.00 30.90 ? 61  ALA A CA    1 
ATOM   406  C  C     . ALA A 1 61  ? -11.460 -5.214  11.815  1.00 30.75 ? 61  ALA A C     1 
ATOM   407  O  O     . ALA A 1 61  ? -11.388 -4.026  12.146  1.00 30.84 ? 61  ALA A O     1 
ATOM   408  C  CB    . ALA A 1 61  ? -12.336 -5.658  9.553   1.00 30.68 ? 61  ALA A CB    1 
ATOM   409  N  N     . ILE A 1 62  ? -10.538 -6.113  12.128  1.00 30.29 ? 62  ILE A N     1 
ATOM   410  C  CA    . ILE A 1 62  ? -9.268  -5.703  12.692  1.00 30.04 ? 62  ILE A CA    1 
ATOM   411  C  C     . ILE A 1 62  ? -8.280  -5.609  11.543  1.00 29.54 ? 62  ILE A C     1 
ATOM   412  O  O     . ILE A 1 62  ? -8.146  -6.549  10.754  1.00 29.41 ? 62  ILE A O     1 
ATOM   413  C  CB    . ILE A 1 62  ? -8.807  -6.675  13.779  1.00 30.16 ? 62  ILE A CB    1 
ATOM   414  C  CG1   . ILE A 1 62  ? -9.823  -6.673  14.934  1.00 31.48 ? 62  ILE A CG1   1 
ATOM   415  C  CG2   . ILE A 1 62  ? -7.407  -6.304  14.265  1.00 29.84 ? 62  ILE A CG2   1 
ATOM   416  C  CD1   . ILE A 1 62  ? -9.694  -7.840  15.901  1.00 34.02 ? 62  ILE A CD1   1 
ATOM   417  N  N     . LEU A 1 63  ? -7.634  -4.453  11.419  1.00 29.04 ? 63  LEU A N     1 
ATOM   418  C  CA    . LEU A 1 63  ? -6.622  -4.276  10.387  1.00 28.92 ? 63  LEU A CA    1 
ATOM   419  C  C     . LEU A 1 63  ? -5.259  -4.432  11.023  1.00 28.61 ? 63  LEU A C     1 
ATOM   420  O  O     . LEU A 1 63  ? -4.925  -3.715  11.960  1.00 28.52 ? 63  LEU A O     1 
ATOM   421  C  CB    . LEU A 1 63  ? -6.765  -2.936  9.653   1.00 28.63 ? 63  LEU A CB    1 
ATOM   422  C  CG    . LEU A 1 63  ? -8.039  -2.718  8.814   1.00 29.89 ? 63  LEU A CG    1 
ATOM   423  C  CD1   . LEU A 1 63  ? -7.827  -1.660  7.724   1.00 28.74 ? 63  LEU A CD1   1 
ATOM   424  C  CD2   . LEU A 1 63  ? -8.603  -4.007  8.204   1.00 29.27 ? 63  LEU A CD2   1 
ATOM   425  N  N     . ASP A 1 64  ? -4.506  -5.405  10.517  1.00 28.50 ? 64  ASP A N     1 
ATOM   426  C  CA    . ASP A 1 64  ? -3.182  -5.740  11.021  1.00 28.89 ? 64  ASP A CA    1 
ATOM   427  C  C     . ASP A 1 64  ? -2.186  -5.443  9.910   1.00 28.99 ? 64  ASP A C     1 
ATOM   428  O  O     . ASP A 1 64  ? -2.112  -6.166  8.923   1.00 28.68 ? 64  ASP A O     1 
ATOM   429  C  CB    . ASP A 1 64  ? -3.136  -7.224  11.423  1.00 28.57 ? 64  ASP A CB    1 
ATOM   430  C  CG    . ASP A 1 64  ? -1.773  -7.666  11.957  1.00 29.03 ? 64  ASP A CG    1 
ATOM   431  O  OD1   . ASP A 1 64  ? -0.881  -6.818  12.203  1.00 27.55 ? 64  ASP A OD1   1 
ATOM   432  O  OD2   . ASP A 1 64  ? -1.518  -8.874  12.167  1.00 30.60 ? 64  ASP A OD2   1 
ATOM   433  N  N     . VAL A 1 65  ? -1.417  -4.376  10.075  1.00 29.64 ? 65  VAL A N     1 
ATOM   434  C  CA    . VAL A 1 65  ? -0.634  -3.860  8.965   1.00 30.73 ? 65  VAL A CA    1 
ATOM   435  C  C     . VAL A 1 65  ? 0.858   -3.915  9.206   1.00 31.77 ? 65  VAL A C     1 
ATOM   436  O  O     . VAL A 1 65  ? 1.345   -3.462  10.253  1.00 31.82 ? 65  VAL A O     1 
ATOM   437  C  CB    . VAL A 1 65  ? -1.073  -2.417  8.582   1.00 30.36 ? 65  VAL A CB    1 
ATOM   438  C  CG1   . VAL A 1 65  ? -0.036  -1.735  7.734   1.00 30.30 ? 65  VAL A CG1   1 
ATOM   439  C  CG2   . VAL A 1 65  ? -2.416  -2.442  7.855   1.00 30.33 ? 65  VAL A CG2   1 
ATOM   440  N  N     . LEU A 1 66  ? 1.580   -4.458  8.218   1.00 33.44 ? 66  LEU A N     1 
ATOM   441  C  CA    . LEU A 1 66  ? 3.039   -4.381  8.229   1.00 34.81 ? 66  LEU A CA    1 
ATOM   442  C  C     . LEU A 1 66  ? 3.634   -3.286  7.329   1.00 35.42 ? 66  LEU A C     1 
ATOM   443  O  O     . LEU A 1 66  ? 3.453   -3.265  6.097   1.00 34.98 ? 66  LEU A O     1 
ATOM   444  C  CB    . LEU A 1 66  ? 3.706   -5.740  7.971   1.00 35.08 ? 66  LEU A CB    1 
ATOM   445  C  CG    . LEU A 1 66  ? 5.183   -5.776  8.433   1.00 35.64 ? 66  LEU A CG    1 
ATOM   446  C  CD1   . LEU A 1 66  ? 5.341   -5.749  9.981   1.00 35.76 ? 66  LEU A CD1   1 
ATOM   447  C  CD2   . LEU A 1 66  ? 5.943   -6.936  7.815   1.00 35.26 ? 66  LEU A CD2   1 
ATOM   448  N  N     . ASP A 1 67  ? 4.353   -2.380  7.985   1.00 36.47 ? 67  ASP A N     1 
ATOM   449  C  CA    . ASP A 1 67  ? 5.076   -1.311  7.302   1.00 37.33 ? 67  ASP A CA    1 
ATOM   450  C  C     . ASP A 1 67  ? 6.502   -1.810  7.058   1.00 37.90 ? 67  ASP A C     1 
ATOM   451  O  O     . ASP A 1 67  ? 7.402   -1.619  7.913   1.00 37.65 ? 67  ASP A O     1 
ATOM   452  C  CB    . ASP A 1 67  ? 5.067   -0.025  8.144   1.00 37.18 ? 67  ASP A CB    1 
ATOM   453  C  CG    . ASP A 1 67  ? 5.959   1.068   7.563   1.00 36.83 ? 67  ASP A CG    1 
ATOM   454  O  OD1   . ASP A 1 67  ? 6.295   0.995   6.354   1.00 36.34 ? 67  ASP A OD1   1 
ATOM   455  O  OD2   . ASP A 1 67  ? 6.379   2.032   8.247   1.00 35.90 ? 67  ASP A OD2   1 
ATOM   456  N  N     . THR A 1 68  ? 6.685   -2.445  5.893   1.00 38.57 ? 68  THR A N     1 
ATOM   457  C  CA    . THR A 1 68  ? 7.940   -3.135  5.547   1.00 39.35 ? 68  THR A CA    1 
ATOM   458  C  C     . THR A 1 68  ? 9.080   -2.148  5.246   1.00 40.09 ? 68  THR A C     1 
ATOM   459  O  O     . THR A 1 68  ? 8.882   -1.060  4.702   1.00 40.41 ? 68  THR A O     1 
ATOM   460  C  CB    . THR A 1 68  ? 7.732   -4.216  4.404   1.00 39.36 ? 68  THR A CB    1 
ATOM   461  O  OG1   . THR A 1 68  ? 7.553   -3.595  3.123   1.00 38.40 ? 68  THR A OG1   1 
ATOM   462  C  CG2   . THR A 1 68  ? 6.437   -4.962  4.599   1.00 38.01 ? 68  THR A CG2   1 
ATOM   463  N  N     . PHE A 1 74  ? 17.413  -8.421  6.421   1.00 53.50 ? 74  PHE A N     1 
ATOM   464  C  CA    . PHE A 1 74  ? 16.461  -9.532  6.720   1.00 53.57 ? 74  PHE A CA    1 
ATOM   465  C  C     . PHE A 1 74  ? 15.453  -9.117  7.796   1.00 53.58 ? 74  PHE A C     1 
ATOM   466  O  O     . PHE A 1 74  ? 15.664  -8.125  8.506   1.00 53.91 ? 74  PHE A O     1 
ATOM   467  C  CB    . PHE A 1 74  ? 17.230  -10.794 7.142   1.00 53.54 ? 74  PHE A CB    1 
ATOM   468  C  CG    . PHE A 1 74  ? 16.348  -11.983 7.447   1.00 53.46 ? 74  PHE A CG    1 
ATOM   469  C  CD1   . PHE A 1 74  ? 16.120  -12.379 8.762   1.00 53.81 ? 74  PHE A CD1   1 
ATOM   470  C  CD2   . PHE A 1 74  ? 15.752  -12.710 6.422   1.00 53.40 ? 74  PHE A CD2   1 
ATOM   471  C  CE1   . PHE A 1 74  ? 15.305  -13.477 9.047   1.00 53.31 ? 74  PHE A CE1   1 
ATOM   472  C  CE2   . PHE A 1 74  ? 14.938  -13.808 6.695   1.00 52.90 ? 74  PHE A CE2   1 
ATOM   473  C  CZ    . PHE A 1 74  ? 14.712  -14.189 8.009   1.00 53.55 ? 74  PHE A CZ    1 
ATOM   474  N  N     . SER A 1 75  ? 14.350  -9.865  7.881   1.00 53.25 ? 75  SER A N     1 
ATOM   475  C  CA    . SER A 1 75  ? 13.356  -9.724  8.943   1.00 52.72 ? 75  SER A CA    1 
ATOM   476  C  C     . SER A 1 75  ? 12.428  -10.930 8.964   1.00 52.50 ? 75  SER A C     1 
ATOM   477  O  O     . SER A 1 75  ? 11.724  -11.202 7.987   1.00 52.39 ? 75  SER A O     1 
ATOM   478  C  CB    . SER A 1 75  ? 12.536  -8.445  8.779   1.00 52.65 ? 75  SER A CB    1 
ATOM   479  O  OG    . SER A 1 75  ? 11.651  -8.284  9.873   1.00 52.89 ? 75  SER A OG    1 
ATOM   480  N  N     . ALA A 1 76  ? 12.429  -11.651 10.080  1.00 52.10 ? 76  ALA A N     1 
ATOM   481  C  CA    . ALA A 1 76  ? 11.513  -12.772 10.262  1.00 51.93 ? 76  ALA A CA    1 
ATOM   482  C  C     . ALA A 1 76  ? 10.065  -12.291 10.222  1.00 51.73 ? 76  ALA A C     1 
ATOM   483  O  O     . ALA A 1 76  ? 9.182   -12.979 9.700   1.00 51.59 ? 76  ALA A O     1 
ATOM   484  C  CB    . ALA A 1 76  ? 11.803  -13.495 11.570  1.00 52.08 ? 76  ALA A CB    1 
ATOM   485  N  N     . MET A 1 77  ? 9.842   -11.101 10.773  1.00 51.48 ? 77  MET A N     1 
ATOM   486  C  CA    . MET A 1 77  ? 8.543   -10.448 10.748  1.00 51.34 ? 77  MET A CA    1 
ATOM   487  C  C     . MET A 1 77  ? 8.060   -10.186 9.317   1.00 50.89 ? 77  MET A C     1 
ATOM   488  O  O     . MET A 1 77  ? 6.971   -10.635 8.943   1.00 50.67 ? 77  MET A O     1 
ATOM   489  C  CB    . MET A 1 77  ? 8.597   -9.141  11.541  1.00 51.67 ? 77  MET A CB    1 
ATOM   490  C  CG    . MET A 1 77  ? 7.920   -9.203  12.897  1.00 53.00 ? 77  MET A CG    1 
ATOM   491  S  SD    . MET A 1 77  ? 6.161   -9.606  12.783  1.00 55.51 ? 77  MET A SD    1 
ATOM   492  C  CE    . MET A 1 77  ? 6.180   -11.298 13.511  1.00 55.01 ? 77  MET A CE    1 
ATOM   493  N  N     . ARG A 1 78  ? 8.870   -9.472  8.530   1.00 50.28 ? 78  ARG A N     1 
ATOM   494  C  CA    . ARG A 1 78  ? 8.543   -9.180  7.131   1.00 49.94 ? 78  ARG A CA    1 
ATOM   495  C  C     . ARG A 1 78  ? 8.073   -10.427 6.399   1.00 49.57 ? 78  ARG A C     1 
ATOM   496  O  O     . ARG A 1 78  ? 6.940   -10.480 5.912   1.00 49.40 ? 78  ARG A O     1 
ATOM   497  C  CB    . ARG A 1 78  ? 9.724   -8.523  6.392   1.00 50.14 ? 78  ARG A CB    1 
ATOM   498  C  CG    . ARG A 1 78  ? 9.536   -8.393  4.864   1.00 50.82 ? 78  ARG A CG    1 
ATOM   499  C  CD    . ARG A 1 78  ? 10.663  -7.664  4.122   1.00 52.12 ? 78  ARG A CD    1 
ATOM   500  N  NE    . ARG A 1 78  ? 10.396  -7.538  2.683   1.00 53.50 ? 78  ARG A NE    1 
ATOM   501  C  CZ    . ARG A 1 78  ? 10.386  -6.386  2.000   1.00 53.52 ? 78  ARG A CZ    1 
ATOM   502  N  NH1   . ARG A 1 78  ? 10.131  -6.387  0.688   1.00 53.18 ? 78  ARG A NH1   1 
ATOM   503  N  NH2   . ARG A 1 78  ? 10.626  -5.233  2.618   1.00 52.36 ? 78  ARG A NH2   1 
ATOM   504  N  N     . GLU A 1 79  ? 8.941   -11.438 6.357   1.00 49.31 ? 79  GLU A N     1 
ATOM   505  C  CA    . GLU A 1 79  ? 8.685   -12.671 5.613   1.00 48.75 ? 79  GLU A CA    1 
ATOM   506  C  C     . GLU A 1 79  ? 7.489   -13.466 6.143   1.00 48.19 ? 79  GLU A C     1 
ATOM   507  O  O     . GLU A 1 79  ? 6.816   -14.152 5.370   1.00 47.97 ? 79  GLU A O     1 
ATOM   508  C  CB    . GLU A 1 79  ? 9.961   -13.530 5.531   1.00 49.24 ? 79  GLU A CB    1 
ATOM   509  C  CG    . GLU A 1 79  ? 10.291  -14.060 4.132   1.00 49.66 ? 79  GLU A CG    1 
ATOM   510  C  CD    . GLU A 1 79  ? 10.789  -12.994 3.144   1.00 50.98 ? 79  GLU A CD    1 
ATOM   511  O  OE1   . GLU A 1 79  ? 10.830  -11.778 3.489   1.00 51.23 ? 79  GLU A OE1   1 
ATOM   512  O  OE2   . GLU A 1 79  ? 11.139  -13.383 1.999   1.00 49.42 ? 79  GLU A OE2   1 
ATOM   513  N  N     . GLN A 1 80  ? 7.216   -13.366 7.447   1.00 47.56 ? 80  GLN A N     1 
ATOM   514  C  CA    . GLN A 1 80  ? 5.970   -13.903 8.009   1.00 47.14 ? 80  GLN A CA    1 
ATOM   515  C  C     . GLN A 1 80  ? 4.732   -13.203 7.396   1.00 46.19 ? 80  GLN A C     1 
ATOM   516  O  O     . GLN A 1 80  ? 3.757   -13.864 7.023   1.00 45.91 ? 80  GLN A O     1 
ATOM   517  C  CB    . GLN A 1 80  ? 5.947   -13.801 9.542   1.00 47.43 ? 80  GLN A CB    1 
ATOM   518  C  CG    . GLN A 1 80  ? 4.703   -14.446 10.187  1.00 49.38 ? 80  GLN A CG    1 
ATOM   519  C  CD    . GLN A 1 80  ? 4.480   -14.046 11.651  1.00 52.21 ? 80  GLN A CD    1 
ATOM   520  O  OE1   . GLN A 1 80  ? 3.448   -13.457 11.986  1.00 53.43 ? 80  GLN A OE1   1 
ATOM   521  N  NE2   . GLN A 1 80  ? 5.433   -14.387 12.522  1.00 52.99 ? 80  GLN A NE2   1 
ATOM   522  N  N     . TYR A 1 81  ? 4.784   -11.876 7.294   1.00 44.91 ? 81  TYR A N     1 
ATOM   523  C  CA    . TYR A 1 81  ? 3.682   -11.105 6.721   1.00 44.03 ? 81  TYR A CA    1 
ATOM   524  C  C     . TYR A 1 81  ? 3.557   -11.313 5.214   1.00 43.55 ? 81  TYR A C     1 
ATOM   525  O  O     . TYR A 1 81  ? 2.447   -11.411 4.695   1.00 43.40 ? 81  TYR A O     1 
ATOM   526  C  CB    . TYR A 1 81  ? 3.826   -9.622  7.043   1.00 43.84 ? 81  TYR A CB    1 
ATOM   527  C  CG    . TYR A 1 81  ? 3.194   -9.225  8.356   1.00 43.52 ? 81  TYR A CG    1 
ATOM   528  C  CD1   . TYR A 1 81  ? 3.857   -9.445  9.563   1.00 43.26 ? 81  TYR A CD1   1 
ATOM   529  C  CD2   . TYR A 1 81  ? 1.935   -8.633  8.392   1.00 42.83 ? 81  TYR A CD2   1 
ATOM   530  C  CE1   . TYR A 1 81  ? 3.277   -9.083  10.776  1.00 43.60 ? 81  TYR A CE1   1 
ATOM   531  C  CE2   . TYR A 1 81  ? 1.350   -8.267  9.597   1.00 42.88 ? 81  TYR A CE2   1 
ATOM   532  C  CZ    . TYR A 1 81  ? 2.025   -8.495  10.786  1.00 43.05 ? 81  TYR A CZ    1 
ATOM   533  O  OH    . TYR A 1 81  ? 1.455   -8.133  11.984  1.00 42.38 ? 81  TYR A OH    1 
ATOM   534  N  N     . MET A 1 82  ? 4.693   -11.394 4.522   1.00 42.89 ? 82  MET A N     1 
ATOM   535  C  CA    . MET A 1 82  ? 4.708   -11.735 3.103   1.00 42.32 ? 82  MET A CA    1 
ATOM   536  C  C     . MET A 1 82  ? 4.004   -13.070 2.863   1.00 42.10 ? 82  MET A C     1 
ATOM   537  O  O     . MET A 1 82  ? 3.250   -13.213 1.900   1.00 42.61 ? 82  MET A O     1 
ATOM   538  C  CB    . MET A 1 82  ? 6.142   -11.798 2.566   1.00 42.27 ? 82  MET A CB    1 
ATOM   539  C  CG    . MET A 1 82  ? 6.883   -10.465 2.502   1.00 41.83 ? 82  MET A CG    1 
ATOM   540  S  SD    . MET A 1 82  ? 6.241   -9.218  1.347   1.00 42.32 ? 82  MET A SD    1 
ATOM   541  C  CE    . MET A 1 82  ? 6.424   -10.015 -0.254  1.00 39.61 ? 82  MET A CE    1 
ATOM   542  N  N     . ARG A 1 83  ? 4.234   -14.036 3.752   1.00 41.41 ? 83  ARG A N     1 
ATOM   543  C  CA    . ARG A 1 83  ? 3.639   -15.364 3.625   1.00 40.81 ? 83  ARG A CA    1 
ATOM   544  C  C     . ARG A 1 83  ? 2.156   -15.399 4.001   1.00 39.75 ? 83  ARG A C     1 
ATOM   545  O  O     . ARG A 1 83  ? 1.361   -16.073 3.339   1.00 39.53 ? 83  ARG A O     1 
ATOM   546  C  CB    . ARG A 1 83  ? 4.391   -16.386 4.486   1.00 41.38 ? 83  ARG A CB    1 
ATOM   547  C  CG    . ARG A 1 83  ? 5.761   -16.805 3.977   1.00 43.37 ? 83  ARG A CG    1 
ATOM   548  C  CD    . ARG A 1 83  ? 6.310   -18.089 4.630   1.00 47.34 ? 83  ARG A CD    1 
ATOM   549  N  NE    . ARG A 1 83  ? 6.236   -18.101 6.104   1.00 50.05 ? 83  ARG A NE    1 
ATOM   550  C  CZ    . ARG A 1 83  ? 5.334   -18.793 6.826   1.00 51.48 ? 83  ARG A CZ    1 
ATOM   551  N  NH1   . ARG A 1 83  ? 4.394   -19.530 6.226   1.00 50.47 ? 83  ARG A NH1   1 
ATOM   552  N  NH2   . ARG A 1 83  ? 5.362   -18.731 8.156   1.00 51.29 ? 83  ARG A NH2   1 
ATOM   553  N  N     . THR A 1 84  ? 1.796   -14.688 5.071   1.00 38.10 ? 84  THR A N     1 
ATOM   554  C  CA    . THR A 1 84  ? 0.453   -14.784 5.641   1.00 36.90 ? 84  THR A CA    1 
ATOM   555  C  C     . THR A 1 84  ? -0.513  -13.681 5.202   1.00 35.45 ? 84  THR A C     1 
ATOM   556  O  O     . THR A 1 84  ? -1.729  -13.824 5.380   1.00 35.70 ? 84  THR A O     1 
ATOM   557  C  CB    . THR A 1 84  ? 0.510   -14.831 7.192   1.00 36.95 ? 84  THR A CB    1 
ATOM   558  O  OG1   . THR A 1 84  ? 1.365   -13.784 7.677   1.00 37.10 ? 84  THR A OG1   1 
ATOM   559  C  CG2   . THR A 1 84  ? 1.195   -16.109 7.669   1.00 37.96 ? 84  THR A CG2   1 
ATOM   560  N  N     . GLY A 1 85  ? 0.027   -12.592 4.653   1.00 33.58 ? 85  GLY A N     1 
ATOM   561  C  CA    . GLY A 1 85  ? -0.752  -11.416 4.286   1.00 31.00 ? 85  GLY A CA    1 
ATOM   562  C  C     . GLY A 1 85  ? -1.989  -11.720 3.467   1.00 29.37 ? 85  GLY A C     1 
ATOM   563  O  O     . GLY A 1 85  ? -1.961  -12.570 2.581   1.00 28.72 ? 85  GLY A O     1 
ATOM   564  N  N     . ASP A 1 86  ? -3.080  -11.022 3.773   1.00 28.17 ? 86  ASP A N     1 
ATOM   565  C  CA    . ASP A 1 86  ? -4.344  -11.192 3.049   1.00 26.69 ? 86  ASP A CA    1 
ATOM   566  C  C     . ASP A 1 86  ? -4.410  -10.279 1.821   1.00 25.58 ? 86  ASP A C     1 
ATOM   567  O  O     . ASP A 1 86  ? -5.135  -10.559 0.861   1.00 25.27 ? 86  ASP A O     1 
ATOM   568  C  CB    . ASP A 1 86  ? -5.536  -10.949 3.979   1.00 26.73 ? 86  ASP A CB    1 
ATOM   569  C  CG    . ASP A 1 86  ? -5.595  -11.945 5.134   1.00 28.46 ? 86  ASP A CG    1 
ATOM   570  O  OD1   . ASP A 1 86  ? -5.540  -13.175 4.881   1.00 28.67 ? 86  ASP A OD1   1 
ATOM   571  O  OD2   . ASP A 1 86  ? -5.694  -11.590 6.336   1.00 30.56 ? 86  ASP A OD2   1 
ATOM   572  N  N     . GLY A 1 87  ? -3.643  -9.191  1.847   1.00 24.22 ? 87  GLY A N     1 
ATOM   573  C  CA    . GLY A 1 87  ? -3.622  -8.267  0.726   1.00 22.83 ? 87  GLY A CA    1 
ATOM   574  C  C     . GLY A 1 87  ? -2.423  -7.353  0.748   1.00 22.36 ? 87  GLY A C     1 
ATOM   575  O  O     . GLY A 1 87  ? -1.840  -7.108  1.816   1.00 22.37 ? 87  GLY A O     1 
ATOM   576  N  N     . PHE A 1 88  ? -2.065  -6.837  -0.426  1.00 21.38 ? 88  PHE A N     1 
ATOM   577  C  CA    . PHE A 1 88  ? -0.862  -6.024  -0.582  1.00 20.99 ? 88  PHE A CA    1 
ATOM   578  C  C     . PHE A 1 88  ? -1.135  -4.660  -1.203  1.00 20.15 ? 88  PHE A C     1 
ATOM   579  O  O     . PHE A 1 88  ? -1.861  -4.537  -2.189  1.00 20.39 ? 88  PHE A O     1 
ATOM   580  C  CB    . PHE A 1 88  ? 0.180   -6.778  -1.422  1.00 20.99 ? 88  PHE A CB    1 
ATOM   581  C  CG    . PHE A 1 88  ? 0.678   -8.039  -0.767  1.00 20.92 ? 88  PHE A CG    1 
ATOM   582  C  CD1   . PHE A 1 88  ? -0.093  -9.205  -0.790  1.00 20.57 ? 88  PHE A CD1   1 
ATOM   583  C  CD2   . PHE A 1 88  ? 1.899   -8.051  -0.101  1.00 19.85 ? 88  PHE A CD2   1 
ATOM   584  C  CE1   . PHE A 1 88  ? 0.339   -10.369 -0.155  1.00 22.05 ? 88  PHE A CE1   1 
ATOM   585  C  CE2   . PHE A 1 88  ? 2.356   -9.206  0.528   1.00 21.13 ? 88  PHE A CE2   1 
ATOM   586  C  CZ    . PHE A 1 88  ? 1.572   -10.378 0.500   1.00 21.92 ? 88  PHE A CZ    1 
ATOM   587  N  N     . LEU A 1 89  ? -0.568  -3.631  -0.602  1.00 19.23 ? 89  LEU A N     1 
ATOM   588  C  CA    . LEU A 1 89  ? -0.468  -2.336  -1.260  1.00 18.41 ? 89  LEU A CA    1 
ATOM   589  C  C     . LEU A 1 89  ? 0.896   -2.265  -1.927  1.00 18.23 ? 89  LEU A C     1 
ATOM   590  O  O     . LEU A 1 89  ? 1.932   -2.395  -1.246  1.00 18.16 ? 89  LEU A O     1 
ATOM   591  C  CB    . LEU A 1 89  ? -0.614  -1.200  -0.249  1.00 17.89 ? 89  LEU A CB    1 
ATOM   592  C  CG    . LEU A 1 89  ? -1.980  -1.050  0.426   1.00 17.61 ? 89  LEU A CG    1 
ATOM   593  C  CD1   . LEU A 1 89  ? -1.957  0.169   1.354   1.00 13.74 ? 89  LEU A CD1   1 
ATOM   594  C  CD2   . LEU A 1 89  ? -3.129  -0.973  -0.634  1.00 14.71 ? 89  LEU A CD2   1 
ATOM   595  N  N     . ILE A 1 90  ? 0.902   -2.101  -3.252  1.00 17.48 ? 90  ILE A N     1 
ATOM   596  C  CA    . ILE A 1 90  ? 2.147   -1.850  -3.970  1.00 16.88 ? 90  ILE A CA    1 
ATOM   597  C  C     . ILE A 1 90  ? 2.242   -0.369  -4.266  1.00 16.91 ? 90  ILE A C     1 
ATOM   598  O  O     . ILE A 1 90  ? 1.498   0.162   -5.096  1.00 16.48 ? 90  ILE A O     1 
ATOM   599  C  CB    . ILE A 1 90  ? 2.277   -2.691  -5.265  1.00 16.89 ? 90  ILE A CB    1 
ATOM   600  C  CG1   . ILE A 1 90  ? 2.114   -4.187  -4.950  1.00 16.55 ? 90  ILE A CG1   1 
ATOM   601  C  CG2   . ILE A 1 90  ? 3.631   -2.425  -5.926  1.00 15.14 ? 90  ILE A CG2   1 
ATOM   602  C  CD1   . ILE A 1 90  ? 1.936   -5.083  -6.196  1.00 18.85 ? 90  ILE A CD1   1 
ATOM   603  N  N     . VAL A 1 91  ? 3.170   0.290   -3.572  1.00 16.70 ? 91  VAL A N     1 
ATOM   604  C  CA    . VAL A 1 91  ? 3.292   1.743   -3.619  1.00 16.68 ? 91  VAL A CA    1 
ATOM   605  C  C     . VAL A 1 91  ? 4.503   2.176   -4.431  1.00 17.38 ? 91  VAL A C     1 
ATOM   606  O  O     . VAL A 1 91  ? 5.605   1.641   -4.275  1.00 17.37 ? 91  VAL A O     1 
ATOM   607  C  CB    . VAL A 1 91  ? 3.384   2.364   -2.193  1.00 16.82 ? 91  VAL A CB    1 
ATOM   608  C  CG1   . VAL A 1 91  ? 3.341   3.913   -2.235  1.00 15.74 ? 91  VAL A CG1   1 
ATOM   609  C  CG2   . VAL A 1 91  ? 2.298   1.807   -1.269  1.00 15.48 ? 91  VAL A CG2   1 
ATOM   610  N  N     . TYR A 1 92  ? 4.281   3.147   -5.308  1.00 17.81 ? 92  TYR A N     1 
ATOM   611  C  CA    . TYR A 1 92  ? 5.372   3.896   -5.890  1.00 18.50 ? 92  TYR A CA    1 
ATOM   612  C  C     . TYR A 1 92  ? 5.117   5.374   -5.676  1.00 19.05 ? 92  TYR A C     1 
ATOM   613  O  O     . TYR A 1 92  ? 4.020   5.787   -5.284  1.00 19.26 ? 92  TYR A O     1 
ATOM   614  C  CB    . TYR A 1 92  ? 5.552   3.567   -7.375  1.00 18.37 ? 92  TYR A CB    1 
ATOM   615  C  CG    . TYR A 1 92  ? 4.441   4.036   -8.295  1.00 18.83 ? 92  TYR A CG    1 
ATOM   616  C  CD1   . TYR A 1 92  ? 3.328   3.230   -8.547  1.00 18.95 ? 92  TYR A CD1   1 
ATOM   617  C  CD2   . TYR A 1 92  ? 4.527   5.264   -8.950  1.00 18.67 ? 92  TYR A CD2   1 
ATOM   618  C  CE1   . TYR A 1 92  ? 2.319   3.644   -9.421  1.00 19.85 ? 92  TYR A CE1   1 
ATOM   619  C  CE2   . TYR A 1 92  ? 3.526   5.687   -9.822  1.00 19.98 ? 92  TYR A CE2   1 
ATOM   620  C  CZ    . TYR A 1 92  ? 2.433   4.871   -10.056 1.00 20.30 ? 92  TYR A CZ    1 
ATOM   621  O  OH    . TYR A 1 92  ? 1.451   5.287   -10.917 1.00 21.60 ? 92  TYR A OH    1 
ATOM   622  N  N     . SER A 1 93  ? 6.146   6.172   -5.907  1.00 19.61 ? 93  SER A N     1 
ATOM   623  C  CA    . SER A 1 93  ? 6.007   7.610   -5.823  1.00 20.37 ? 93  SER A CA    1 
ATOM   624  C  C     . SER A 1 93  ? 5.919   8.133   -7.247  1.00 20.41 ? 93  SER A C     1 
ATOM   625  O  O     . SER A 1 93  ? 6.690   7.708   -8.116  1.00 20.76 ? 93  SER A O     1 
ATOM   626  C  CB    . SER A 1 93  ? 7.207   8.200   -5.089  1.00 20.36 ? 93  SER A CB    1 
ATOM   627  O  OG    . SER A 1 93  ? 7.237   9.602   -5.240  1.00 22.29 ? 93  SER A OG    1 
ATOM   628  N  N     . VAL A 1 94  ? 4.964   9.022   -7.504  1.00 20.74 ? 94  VAL A N     1 
ATOM   629  C  CA    . VAL A 1 94  ? 4.845   9.639   -8.824  1.00 21.22 ? 94  VAL A CA    1 
ATOM   630  C  C     . VAL A 1 94  ? 6.052   10.534  -9.174  1.00 22.22 ? 94  VAL A C     1 
ATOM   631  O  O     . VAL A 1 94  ? 6.274   10.854  -10.349 1.00 22.53 ? 94  VAL A O     1 
ATOM   632  C  CB    . VAL A 1 94  ? 3.507   10.401  -9.014  1.00 21.29 ? 94  VAL A CB    1 
ATOM   633  C  CG1   . VAL A 1 94  ? 2.314   9.454   -8.842  1.00 20.34 ? 94  VAL A CG1   1 
ATOM   634  C  CG2   . VAL A 1 94  ? 3.413   11.615  -8.077  1.00 20.33 ? 94  VAL A CG2   1 
ATOM   635  N  N     . THR A 1 95  ? 6.824   10.927  -8.156  1.00 22.83 ? 95  THR A N     1 
ATOM   636  C  CA    . THR A 1 95  ? 7.991   11.786  -8.352  1.00 23.66 ? 95  THR A CA    1 
ATOM   637  C  C     . THR A 1 95  ? 9.276   10.970  -8.558  1.00 24.34 ? 95  THR A C     1 
ATOM   638  O  O     . THR A 1 95  ? 10.362  11.539  -8.711  1.00 23.82 ? 95  THR A O     1 
ATOM   639  C  CB    . THR A 1 95  ? 8.180   12.770  -7.156  1.00 23.49 ? 95  THR A CB    1 
ATOM   640  O  OG1   . THR A 1 95  ? 8.589   12.045  -5.986  1.00 23.96 ? 95  THR A OG1   1 
ATOM   641  C  CG2   . THR A 1 95  ? 6.874   13.398  -6.747  1.00 22.77 ? 95  THR A CG2   1 
ATOM   642  N  N     . ASP A 1 96  ? 9.139   9.642   -8.543  1.00 24.80 ? 96  ASP A N     1 
ATOM   643  C  CA    . ASP A 1 96  ? 10.281  8.733   -8.634  1.00 25.46 ? 96  ASP A CA    1 
ATOM   644  C  C     . ASP A 1 96  ? 9.993   7.671   -9.700  1.00 25.48 ? 96  ASP A C     1 
ATOM   645  O  O     . ASP A 1 96  ? 9.311   6.674   -9.441  1.00 25.92 ? 96  ASP A O     1 
ATOM   646  C  CB    . ASP A 1 96  ? 10.554  8.106   -7.259  1.00 25.23 ? 96  ASP A CB    1 
ATOM   647  C  CG    . ASP A 1 96  ? 11.717  7.127   -7.263  1.00 26.67 ? 96  ASP A CG    1 
ATOM   648  O  OD1   . ASP A 1 96  ? 12.241  6.788   -8.348  1.00 27.55 ? 96  ASP A OD1   1 
ATOM   649  O  OD2   . ASP A 1 96  ? 12.175  6.629   -6.205  1.00 27.93 ? 96  ASP A OD2   1 
ATOM   650  N  N     . LYS A 1 97  ? 10.509  7.904   -10.900 1.00 25.72 ? 97  LYS A N     1 
ATOM   651  C  CA    . LYS A 1 97  ? 10.281  7.023   -12.045 1.00 26.17 ? 97  LYS A CA    1 
ATOM   652  C  C     . LYS A 1 97  ? 10.777  5.588   -11.820 1.00 25.78 ? 97  LYS A C     1 
ATOM   653  O  O     . LYS A 1 97  ? 10.126  4.623   -12.241 1.00 25.79 ? 97  LYS A O     1 
ATOM   654  C  CB    . LYS A 1 97  ? 10.932  7.623   -13.285 1.00 26.67 ? 97  LYS A CB    1 
ATOM   655  C  CG    . LYS A 1 97  ? 10.547  6.941   -14.581 1.00 30.27 ? 97  LYS A CG    1 
ATOM   656  C  CD    . LYS A 1 97  ? 10.239  7.965   -15.672 1.00 34.59 ? 97  LYS A CD    1 
ATOM   657  C  CE    . LYS A 1 97  ? 9.323   7.369   -16.738 1.00 37.85 ? 97  LYS A CE    1 
ATOM   658  N  NZ    . LYS A 1 97  ? 7.917   7.896   -16.635 1.00 40.66 ? 97  LYS A NZ    1 
ATOM   659  N  N     . ALA A 1 98  ? 11.913  5.447   -11.138 1.00 25.37 ? 98  ALA A N     1 
ATOM   660  C  CA    . ALA A 1 98  ? 12.474  4.123   -10.841 1.00 24.30 ? 98  ALA A CA    1 
ATOM   661  C  C     . ALA A 1 98  ? 11.550  3.321   -9.962  1.00 23.73 ? 98  ALA A C     1 
ATOM   662  O  O     . ALA A 1 98  ? 11.422  2.108   -10.146 1.00 23.55 ? 98  ALA A O     1 
ATOM   663  C  CB    . ALA A 1 98  ? 13.850  4.240   -10.181 1.00 24.75 ? 98  ALA A CB    1 
ATOM   664  N  N     . SER A 1 99  ? 10.916  3.993   -8.996  1.00 22.94 ? 99  SER A N     1 
ATOM   665  C  CA    . SER A 1 99  ? 10.010  3.313   -8.073  1.00 22.31 ? 99  SER A CA    1 
ATOM   666  C  C     . SER A 1 99  ? 8.847   2.660   -8.833  1.00 22.49 ? 99  SER A C     1 
ATOM   667  O  O     . SER A 1 99  ? 8.405   1.568   -8.476  1.00 22.20 ? 99  SER A O     1 
ATOM   668  C  CB    . SER A 1 99  ? 9.517   4.255   -6.954  1.00 21.61 ? 99  SER A CB    1 
ATOM   669  O  OG    . SER A 1 99  ? 8.501   5.148   -7.384  1.00 19.50 ? 99  SER A OG    1 
ATOM   670  N  N     . PHE A 1 100 ? 8.385   3.343   -9.881  1.00 23.11 ? 100 PHE A N     1 
ATOM   671  C  CA    . PHE A 1 100 ? 7.329   2.874   -10.778 1.00 24.41 ? 100 PHE A CA    1 
ATOM   672  C  C     . PHE A 1 100 ? 7.839   1.713   -11.654 1.00 25.26 ? 100 PHE A C     1 
ATOM   673  O  O     . PHE A 1 100 ? 7.174   0.691   -11.794 1.00 24.84 ? 100 PHE A O     1 
ATOM   674  C  CB    . PHE A 1 100 ? 6.866   4.051   -11.636 1.00 24.80 ? 100 PHE A CB    1 
ATOM   675  C  CG    . PHE A 1 100 ? 5.788   3.723   -12.659 1.00 24.71 ? 100 PHE A CG    1 
ATOM   676  C  CD1   . PHE A 1 100 ? 4.525   3.308   -12.265 1.00 24.80 ? 100 PHE A CD1   1 
ATOM   677  C  CD2   . PHE A 1 100 ? 6.028   3.929   -14.017 1.00 24.80 ? 100 PHE A CD2   1 
ATOM   678  C  CE1   . PHE A 1 100 ? 3.523   3.059   -13.214 1.00 25.77 ? 100 PHE A CE1   1 
ATOM   679  C  CE2   . PHE A 1 100 ? 5.039   3.685   -14.975 1.00 25.65 ? 100 PHE A CE2   1 
ATOM   680  C  CZ    . PHE A 1 100 ? 3.787   3.248   -14.576 1.00 26.10 ? 100 PHE A CZ    1 
ATOM   681  N  N     . GLU A 1 101 ? 9.034   1.885   -12.219 1.00 26.48 ? 101 GLU A N     1 
ATOM   682  C  CA    . GLU A 1 101 ? 9.709   0.840   -12.996 1.00 27.72 ? 101 GLU A CA    1 
ATOM   683  C  C     . GLU A 1 101 ? 9.917   -0.427  -12.163 1.00 27.64 ? 101 GLU A C     1 
ATOM   684  O  O     . GLU A 1 101 ? 9.830   -1.539  -12.682 1.00 28.02 ? 101 GLU A O     1 
ATOM   685  C  CB    . GLU A 1 101 ? 11.048  1.356   -13.539 1.00 27.89 ? 101 GLU A CB    1 
ATOM   686  C  CG    . GLU A 1 101 ? 10.920  2.090   -14.873 1.00 31.47 ? 101 GLU A CG    1 
ATOM   687  C  CD    . GLU A 1 101 ? 12.095  3.017   -15.204 1.00 35.47 ? 101 GLU A CD    1 
ATOM   688  O  OE1   . GLU A 1 101 ? 13.163  2.946   -14.543 1.00 37.25 ? 101 GLU A OE1   1 
ATOM   689  O  OE2   . GLU A 1 101 ? 11.942  3.838   -16.141 1.00 37.54 ? 101 GLU A OE2   1 
ATOM   690  N  N     . HIS A 1 102 ? 10.162  -0.258  -10.870 1.00 27.40 ? 102 HIS A N     1 
ATOM   691  C  CA    . HIS A 1 102 ? 10.354  -1.404  -9.986  1.00 27.26 ? 102 HIS A CA    1 
ATOM   692  C  C     . HIS A 1 102 ? 9.078   -2.061  -9.475  1.00 26.76 ? 102 HIS A C     1 
ATOM   693  O  O     . HIS A 1 102 ? 9.159   -3.062  -8.772  1.00 27.10 ? 102 HIS A O     1 
ATOM   694  C  CB    . HIS A 1 102 ? 11.274  -1.047  -8.815  1.00 27.58 ? 102 HIS A CB    1 
ATOM   695  C  CG    . HIS A 1 102 ? 12.626  -0.569  -9.242  1.00 28.43 ? 102 HIS A CG    1 
ATOM   696  N  ND1   . HIS A 1 102 ? 13.455  0.151   -8.412  1.00 29.01 ? 102 HIS A ND1   1 
ATOM   697  C  CD2   . HIS A 1 102 ? 13.282  -0.686  -10.423 1.00 29.25 ? 102 HIS A CD2   1 
ATOM   698  C  CE1   . HIS A 1 102 ? 14.569  0.450   -9.059  1.00 29.49 ? 102 HIS A CE1   1 
ATOM   699  N  NE2   . HIS A 1 102 ? 14.484  -0.038  -10.284 1.00 28.82 ? 102 HIS A NE2   1 
ATOM   700  N  N     . VAL A 1 103 ? 7.907   -1.525  -9.818  1.00 26.41 ? 103 VAL A N     1 
ATOM   701  C  CA    . VAL A 1 103 ? 6.649   -2.131  -9.370  1.00 25.94 ? 103 VAL A CA    1 
ATOM   702  C  C     . VAL A 1 103 ? 6.557   -3.615  -9.762  1.00 26.01 ? 103 VAL A C     1 
ATOM   703  O  O     . VAL A 1 103 ? 6.082   -4.443  -8.981  1.00 25.36 ? 103 VAL A O     1 
ATOM   704  C  CB    . VAL A 1 103 ? 5.398   -1.345  -9.869  1.00 26.25 ? 103 VAL A CB    1 
ATOM   705  C  CG1   . VAL A 1 103 ? 4.113   -2.166  -9.704  1.00 25.32 ? 103 VAL A CG1   1 
ATOM   706  C  CG2   . VAL A 1 103 ? 5.268   0.002   -9.128  1.00 25.76 ? 103 VAL A CG2   1 
ATOM   707  N  N     . ASP A 1 104 ? 7.027   -3.936  -10.967 1.00 26.50 ? 104 ASP A N     1 
ATOM   708  C  CA    . ASP A 1 104 ? 7.028   -5.313  -11.460 1.00 27.31 ? 104 ASP A CA    1 
ATOM   709  C  C     . ASP A 1 104 ? 7.756   -6.304  -10.554 1.00 27.05 ? 104 ASP A C     1 
ATOM   710  O  O     . ASP A 1 104 ? 7.289   -7.432  -10.400 1.00 27.54 ? 104 ASP A O     1 
ATOM   711  C  CB    . ASP A 1 104 ? 7.585   -5.388  -12.883 1.00 27.81 ? 104 ASP A CB    1 
ATOM   712  C  CG    . ASP A 1 104 ? 7.490   -6.791  -13.464 1.00 30.53 ? 104 ASP A CG    1 
ATOM   713  O  OD1   . ASP A 1 104 ? 6.428   -7.434  -13.282 1.00 32.43 ? 104 ASP A OD1   1 
ATOM   714  O  OD2   . ASP A 1 104 ? 8.434   -7.343  -14.089 1.00 33.39 ? 104 ASP A OD2   1 
ATOM   715  N  N     . ARG A 1 105 ? 8.877   -5.890  -9.949  1.00 26.97 ? 105 ARG A N     1 
ATOM   716  C  CA    . ARG A 1 105 ? 9.611   -6.738  -9.001  1.00 26.87 ? 105 ARG A CA    1 
ATOM   717  C  C     . ARG A 1 105 ? 8.709   -7.129  -7.849  1.00 26.41 ? 105 ARG A C     1 
ATOM   718  O  O     . ARG A 1 105 ? 8.706   -8.286  -7.400  1.00 26.47 ? 105 ARG A O     1 
ATOM   719  C  CB    . ARG A 1 105 ? 10.826  -6.017  -8.400  1.00 27.14 ? 105 ARG A CB    1 
ATOM   720  C  CG    . ARG A 1 105 ? 11.820  -5.466  -9.374  1.00 29.43 ? 105 ARG A CG    1 
ATOM   721  C  CD    . ARG A 1 105 ? 12.924  -4.652  -8.700  1.00 32.80 ? 105 ARG A CD    1 
ATOM   722  N  NE    . ARG A 1 105 ? 14.061  -4.421  -9.597  1.00 36.01 ? 105 ARG A NE    1 
ATOM   723  C  CZ    . ARG A 1 105 ? 15.034  -3.525  -9.388  1.00 37.63 ? 105 ARG A CZ    1 
ATOM   724  N  NH1   . ARG A 1 105 ? 15.025  -2.755  -8.300  1.00 36.57 ? 105 ARG A NH1   1 
ATOM   725  N  NH2   . ARG A 1 105 ? 16.016  -3.395  -10.282 1.00 37.82 ? 105 ARG A NH2   1 
ATOM   726  N  N     . PHE A 1 106 ? 7.949   -6.154  -7.363  1.00 25.45 ? 106 PHE A N     1 
ATOM   727  C  CA    . PHE A 1 106 ? 7.092   -6.375  -6.207  1.00 24.94 ? 106 PHE A CA    1 
ATOM   728  C  C     . PHE A 1 106 ? 5.900   -7.246  -6.564  1.00 24.59 ? 106 PHE A C     1 
ATOM   729  O  O     . PHE A 1 106 ? 5.543   -8.143  -5.806  1.00 24.39 ? 106 PHE A O     1 
ATOM   730  C  CB    . PHE A 1 106 ? 6.681   -5.046  -5.578  1.00 24.49 ? 106 PHE A CB    1 
ATOM   731  C  CG    . PHE A 1 106 ? 7.834   -4.285  -5.004  1.00 24.22 ? 106 PHE A CG    1 
ATOM   732  C  CD1   . PHE A 1 106 ? 8.430   -3.258  -5.716  1.00 24.63 ? 106 PHE A CD1   1 
ATOM   733  C  CD2   . PHE A 1 106 ? 8.350   -4.617  -3.749  1.00 24.44 ? 106 PHE A CD2   1 
ATOM   734  C  CE1   . PHE A 1 106 ? 9.528   -2.550  -5.173  1.00 24.54 ? 106 PHE A CE1   1 
ATOM   735  C  CE2   . PHE A 1 106 ? 9.435   -3.920  -3.209  1.00 23.14 ? 106 PHE A CE2   1 
ATOM   736  C  CZ    . PHE A 1 106 ? 10.020  -2.886  -3.922  1.00 21.86 ? 106 PHE A CZ    1 
ATOM   737  N  N     . HIS A 1 107 ? 5.320   -7.005  -7.734  1.00 24.63 ? 107 HIS A N     1 
ATOM   738  C  CA    . HIS A 1 107 ? 4.189   -7.792  -8.197  1.00 25.36 ? 107 HIS A CA    1 
ATOM   739  C  C     . HIS A 1 107 ? 4.585   -9.270  -8.359  1.00 25.54 ? 107 HIS A C     1 
ATOM   740  O  O     . HIS A 1 107 ? 3.894   -10.165 -7.868  1.00 25.07 ? 107 HIS A O     1 
ATOM   741  C  CB    . HIS A 1 107 ? 3.642   -7.224  -9.514  1.00 25.31 ? 107 HIS A CB    1 
ATOM   742  C  CG    . HIS A 1 107 ? 2.505   -8.016  -10.084 1.00 26.48 ? 107 HIS A CG    1 
ATOM   743  N  ND1   . HIS A 1 107 ? 2.691   -9.038  -10.993 1.00 26.27 ? 107 HIS A ND1   1 
ATOM   744  C  CD2   . HIS A 1 107 ? 1.169   -7.941  -9.867  1.00 26.95 ? 107 HIS A CD2   1 
ATOM   745  C  CE1   . HIS A 1 107 ? 1.517   -9.551  -11.317 1.00 27.58 ? 107 HIS A CE1   1 
ATOM   746  N  NE2   . HIS A 1 107 ? 0.577   -8.906  -10.647 1.00 26.37 ? 107 HIS A NE2   1 
ATOM   747  N  N     . GLN A 1 108 ? 5.707   -9.491  -9.039  1.00 26.35 ? 108 GLN A N     1 
ATOM   748  C  CA    . GLN A 1 108 ? 6.285   -10.817 -9.251  1.00 27.47 ? 108 GLN A CA    1 
ATOM   749  C  C     . GLN A 1 108 ? 6.672   -11.500 -7.933  1.00 27.27 ? 108 GLN A C     1 
ATOM   750  O  O     . GLN A 1 108 ? 6.355   -12.673 -7.722  1.00 27.65 ? 108 GLN A O     1 
ATOM   751  C  CB    . GLN A 1 108 ? 7.509   -10.692 -10.163 1.00 27.90 ? 108 GLN A CB    1 
ATOM   752  C  CG    . GLN A 1 108 ? 8.170   -12.012 -10.536 1.00 31.56 ? 108 GLN A CG    1 
ATOM   753  C  CD    . GLN A 1 108 ? 9.433   -11.796 -11.327 1.00 34.23 ? 108 GLN A CD    1 
ATOM   754  O  OE1   . GLN A 1 108 ? 9.396   -11.716 -12.557 1.00 35.62 ? 108 GLN A OE1   1 
ATOM   755  N  NE2   . GLN A 1 108 ? 10.556  -11.672 -10.626 1.00 35.33 ? 108 GLN A NE2   1 
ATOM   756  N  N     . LEU A 1 109 ? 7.354   -10.772 -7.049  1.00 26.89 ? 109 LEU A N     1 
ATOM   757  C  CA    . LEU A 1 109 ? 7.678   -11.307 -5.731  1.00 26.61 ? 109 LEU A CA    1 
ATOM   758  C  C     . LEU A 1 109 ? 6.425   -11.821 -5.012  1.00 26.56 ? 109 LEU A C     1 
ATOM   759  O  O     . LEU A 1 109 ? 6.419   -12.959 -4.527  1.00 26.60 ? 109 LEU A O     1 
ATOM   760  C  CB    . LEU A 1 109 ? 8.418   -10.269 -4.879  1.00 26.70 ? 109 LEU A CB    1 
ATOM   761  C  CG    . LEU A 1 109 ? 8.833   -10.597 -3.438  1.00 27.82 ? 109 LEU A CG    1 
ATOM   762  C  CD1   . LEU A 1 109 ? 9.585   -11.937 -3.344  1.00 27.89 ? 109 LEU A CD1   1 
ATOM   763  C  CD2   . LEU A 1 109 ? 9.690   -9.475  -2.870  1.00 27.86 ? 109 LEU A CD2   1 
ATOM   764  N  N     . ILE A 1 110 ? 5.364   -11.009 -4.963  1.00 26.37 ? 110 ILE A N     1 
ATOM   765  C  CA    . ILE A 1 110 ? 4.151   -11.398 -4.233  1.00 26.28 ? 110 ILE A CA    1 
ATOM   766  C  C     . ILE A 1 110 ? 3.505   -12.670 -4.789  1.00 27.14 ? 110 ILE A C     1 
ATOM   767  O  O     . ILE A 1 110 ? 3.159   -13.576 -4.023  1.00 26.89 ? 110 ILE A O     1 
ATOM   768  C  CB    . ILE A 1 110 ? 3.122   -10.243 -4.152  1.00 26.20 ? 110 ILE A CB    1 
ATOM   769  C  CG1   . ILE A 1 110 ? 3.632   -9.118  -3.240  1.00 25.15 ? 110 ILE A CG1   1 
ATOM   770  C  CG2   . ILE A 1 110 ? 1.755   -10.763 -3.664  1.00 25.27 ? 110 ILE A CG2   1 
ATOM   771  C  CD1   . ILE A 1 110 ? 3.052   -7.743  -3.581  1.00 24.34 ? 110 ILE A CD1   1 
ATOM   772  N  N     . LEU A 1 111 ? 3.351   -12.749 -6.111  1.00 27.98 ? 111 LEU A N     1 
ATOM   773  C  CA    . LEU A 1 111 ? 2.751   -13.942 -6.723  1.00 29.16 ? 111 LEU A CA    1 
ATOM   774  C  C     . LEU A 1 111 ? 3.578   -15.221 -6.493  1.00 30.27 ? 111 LEU A C     1 
ATOM   775  O  O     . LEU A 1 111 ? 3.019   -16.316 -6.395  1.00 30.45 ? 111 LEU A O     1 
ATOM   776  C  CB    . LEU A 1 111 ? 2.432   -13.716 -8.214  1.00 28.57 ? 111 LEU A CB    1 
ATOM   777  C  CG    . LEU A 1 111 ? 1.400   -12.601 -8.502  1.00 28.03 ? 111 LEU A CG    1 
ATOM   778  C  CD1   . LEU A 1 111 ? 0.993   -12.526 -9.960  1.00 27.06 ? 111 LEU A CD1   1 
ATOM   779  C  CD2   . LEU A 1 111 ? 0.159   -12.742 -7.625  1.00 26.56 ? 111 LEU A CD2   1 
ATOM   780  N  N     . ARG A 1 112 ? 4.896   -15.077 -6.374  1.00 31.53 ? 112 ARG A N     1 
ATOM   781  C  CA    . ARG A 1 112 ? 5.766   -16.230 -6.160  1.00 32.76 ? 112 ARG A CA    1 
ATOM   782  C  C     . ARG A 1 112 ? 5.642   -16.769 -4.741  1.00 33.38 ? 112 ARG A C     1 
ATOM   783  O  O     . ARG A 1 112 ? 5.580   -17.985 -4.539  1.00 34.05 ? 112 ARG A O     1 
ATOM   784  C  CB    . ARG A 1 112 ? 7.212   -15.874 -6.459  1.00 32.73 ? 112 ARG A CB    1 
ATOM   785  C  CG    . ARG A 1 112 ? 7.582   -16.040 -7.907  1.00 34.01 ? 112 ARG A CG    1 
ATOM   786  C  CD    . ARG A 1 112 ? 9.017   -15.650 -8.205  1.00 35.57 ? 112 ARG A CD    1 
ATOM   787  N  NE    . ARG A 1 112 ? 9.357   -15.845 -9.609  1.00 37.35 ? 112 ARG A NE    1 
ATOM   788  C  CZ    . ARG A 1 112 ? 10.436  -15.342 -10.191 1.00 38.29 ? 112 ARG A CZ    1 
ATOM   789  N  NH1   . ARG A 1 112 ? 11.285  -14.604 -9.491  1.00 39.54 ? 112 ARG A NH1   1 
ATOM   790  N  NH2   . ARG A 1 112 ? 10.671  -15.576 -11.475 1.00 38.48 ? 112 ARG A NH2   1 
ATOM   791  N  N     . VAL A 1 113 ? 5.602   -15.862 -3.769  1.00 33.83 ? 113 VAL A N     1 
ATOM   792  C  CA    . VAL A 1 113 ? 5.526   -16.223 -2.361  1.00 34.36 ? 113 VAL A CA    1 
ATOM   793  C  C     . VAL A 1 113 ? 4.176   -16.860 -2.033  1.00 34.94 ? 113 VAL A C     1 
ATOM   794  O  O     . VAL A 1 113 ? 4.083   -17.744 -1.177  1.00 35.07 ? 113 VAL A O     1 
ATOM   795  C  CB    . VAL A 1 113 ? 5.790   -14.992 -1.462  1.00 34.46 ? 113 VAL A CB    1 
ATOM   796  C  CG1   . VAL A 1 113 ? 5.625   -15.325 0.013   1.00 34.46 ? 113 VAL A CG1   1 
ATOM   797  C  CG2   . VAL A 1 113 ? 7.189   -14.461 -1.709  1.00 34.78 ? 113 VAL A CG2   1 
ATOM   798  N  N     . LYS A 1 114 ? 3.133   -16.404 -2.719  1.00 35.13 ? 114 LYS A N     1 
ATOM   799  C  CA    . LYS A 1 114 ? 1.791   -16.917 -2.496  1.00 35.38 ? 114 LYS A CA    1 
ATOM   800  C  C     . LYS A 1 114 ? 1.509   -18.079 -3.437  1.00 36.09 ? 114 LYS A C     1 
ATOM   801  O  O     . LYS A 1 114 ? 0.491   -18.765 -3.304  1.00 36.38 ? 114 LYS A O     1 
ATOM   802  C  CB    . LYS A 1 114 ? 0.759   -15.803 -2.704  1.00 35.09 ? 114 LYS A CB    1 
ATOM   803  C  CG    . LYS A 1 114 ? 0.782   -14.732 -1.641  1.00 33.29 ? 114 LYS A CG    1 
ATOM   804  C  CD    . LYS A 1 114 ? 0.154   -15.247 -0.383  1.00 31.64 ? 114 LYS A CD    1 
ATOM   805  C  CE    . LYS A 1 114 ? 0.169   -14.226 0.719   1.00 31.21 ? 114 LYS A CE    1 
ATOM   806  N  NZ    . LYS A 1 114 ? -0.501  -14.804 1.906   1.00 32.18 ? 114 LYS A NZ    1 
ATOM   807  N  N     . ASP A 1 115 ? 2.423   -18.296 -4.379  1.00 36.84 ? 115 ASP A N     1 
ATOM   808  C  CA    . ASP A 1 115 ? 2.253   -19.288 -5.440  1.00 37.69 ? 115 ASP A CA    1 
ATOM   809  C  C     . ASP A 1 115 ? 0.836   -19.240 -6.022  1.00 37.75 ? 115 ASP A C     1 
ATOM   810  O  O     . ASP A 1 115 ? 0.104   -20.233 -5.994  1.00 37.90 ? 115 ASP A O     1 
ATOM   811  C  CB    . ASP A 1 115 ? 2.613   -20.696 -4.943  1.00 38.09 ? 115 ASP A CB    1 
ATOM   812  C  CG    . ASP A 1 115 ? 2.526   -21.744 -6.041  1.00 39.59 ? 115 ASP A CG    1 
ATOM   813  O  OD1   . ASP A 1 115 ? 2.042   -22.861 -5.755  1.00 40.89 ? 115 ASP A OD1   1 
ATOM   814  O  OD2   . ASP A 1 115 ? 2.902   -21.538 -7.220  1.00 40.97 ? 115 ASP A OD2   1 
ATOM   815  N  N     . ARG A 1 116 ? 0.454   -18.068 -6.524  1.00 37.74 ? 116 ARG A N     1 
ATOM   816  C  CA    . ARG A 1 116 ? -0.861  -17.872 -7.134  1.00 37.83 ? 116 ARG A CA    1 
ATOM   817  C  C     . ARG A 1 116 ? -0.739  -16.987 -8.368  1.00 37.36 ? 116 ARG A C     1 
ATOM   818  O  O     . ARG A 1 116 ? 0.220   -16.213 -8.494  1.00 37.44 ? 116 ARG A O     1 
ATOM   819  C  CB    . ARG A 1 116 ? -1.846  -17.292 -6.111  1.00 37.91 ? 116 ARG A CB    1 
ATOM   820  C  CG    . ARG A 1 116 ? -2.471  -18.356 -5.210  1.00 39.71 ? 116 ARG A CG    1 
ATOM   821  C  CD    . ARG A 1 116 ? -3.389  -17.830 -4.106  1.00 44.41 ? 116 ARG A CD    1 
ATOM   822  N  NE    . ARG A 1 116 ? -4.460  -16.954 -4.604  1.00 46.34 ? 116 ARG A NE    1 
ATOM   823  C  CZ    . ARG A 1 116 ? -5.397  -16.398 -3.841  1.00 46.72 ? 116 ARG A CZ    1 
ATOM   824  N  NH1   . ARG A 1 116 ? -5.418  -16.621 -2.532  1.00 46.53 ? 116 ARG A NH1   1 
ATOM   825  N  NH2   . ARG A 1 116 ? -6.316  -15.607 -4.390  1.00 46.92 ? 116 ARG A NH2   1 
ATOM   826  N  N     . GLU A 1 117 ? -1.678  -17.110 -9.299  1.00 36.85 ? 117 GLU A N     1 
ATOM   827  C  CA    . GLU A 1 117 ? -1.607  -16.280 -10.500 1.00 36.56 ? 117 GLU A CA    1 
ATOM   828  C  C     . GLU A 1 117 ? -2.159  -14.879 -10.250 1.00 35.26 ? 117 GLU A C     1 
ATOM   829  O  O     . GLU A 1 117 ? -1.813  -13.934 -10.962 1.00 35.32 ? 117 GLU A O     1 
ATOM   830  C  CB    . GLU A 1 117 ? -2.267  -16.944 -11.719 1.00 37.27 ? 117 GLU A CB    1 
ATOM   831  C  CG    . GLU A 1 117 ? -1.418  -16.838 -12.993 1.00 40.78 ? 117 GLU A CG    1 
ATOM   832  C  CD    . GLU A 1 117 ? -1.322  -15.408 -13.555 1.00 45.57 ? 117 GLU A CD    1 
ATOM   833  O  OE1   . GLU A 1 117 ? -2.251  -14.993 -14.301 1.00 46.73 ? 117 GLU A OE1   1 
ATOM   834  O  OE2   . GLU A 1 117 ? -0.319  -14.692 -13.259 1.00 46.02 ? 117 GLU A OE2   1 
ATOM   835  N  N     . SER A 1 118 ? -3.016  -14.756 -9.237  1.00 33.44 ? 118 SER A N     1 
ATOM   836  C  CA    . SER A 1 118 ? -3.477  -13.458 -8.771  1.00 32.12 ? 118 SER A CA    1 
ATOM   837  C  C     . SER A 1 118 ? -3.630  -13.477 -7.253  1.00 30.78 ? 118 SER A C     1 
ATOM   838  O  O     . SER A 1 118 ? -3.812  -14.542 -6.654  1.00 30.91 ? 118 SER A O     1 
ATOM   839  C  CB    . SER A 1 118 ? -4.783  -13.054 -9.460  1.00 32.10 ? 118 SER A CB    1 
ATOM   840  O  OG    . SER A 1 118 ? -5.857  -13.864 -9.022  1.00 32.69 ? 118 SER A OG    1 
ATOM   841  N  N     . PHE A 1 119 ? -3.524  -12.299 -6.636  1.00 28.91 ? 119 PHE A N     1 
ATOM   842  C  CA    . PHE A 1 119 ? -3.708  -12.151 -5.190  1.00 26.97 ? 119 PHE A CA    1 
ATOM   843  C  C     . PHE A 1 119 ? -4.180  -10.720 -4.875  1.00 25.75 ? 119 PHE A C     1 
ATOM   844  O  O     . PHE A 1 119 ? -3.757  -9.789  -5.563  1.00 25.00 ? 119 PHE A O     1 
ATOM   845  C  CB    . PHE A 1 119 ? -2.407  -12.479 -4.434  1.00 26.90 ? 119 PHE A CB    1 
ATOM   846  C  CG    . PHE A 1 119 ? -2.629  -12.795 -2.986  1.00 27.09 ? 119 PHE A CG    1 
ATOM   847  C  CD1   . PHE A 1 119 ? -2.474  -11.805 -2.017  1.00 25.06 ? 119 PHE A CD1   1 
ATOM   848  C  CD2   . PHE A 1 119 ? -3.049  -14.071 -2.595  1.00 25.85 ? 119 PHE A CD2   1 
ATOM   849  C  CE1   . PHE A 1 119 ? -2.730  -12.082 -0.671  1.00 26.62 ? 119 PHE A CE1   1 
ATOM   850  C  CE2   . PHE A 1 119 ? -3.307  -14.360 -1.256  1.00 26.84 ? 119 PHE A CE2   1 
ATOM   851  C  CZ    . PHE A 1 119 ? -3.149  -13.364 -0.284  1.00 26.54 ? 119 PHE A CZ    1 
ATOM   852  N  N     . PRO A 1 120 ? -5.052  -10.533 -3.871  1.00 24.50 ? 120 PRO A N     1 
ATOM   853  C  CA    . PRO A 1 120 ? -5.550  -9.183  -3.537  1.00 24.11 ? 120 PRO A CA    1 
ATOM   854  C  C     . PRO A 1 120 ? -4.441  -8.123  -3.394  1.00 23.47 ? 120 PRO A C     1 
ATOM   855  O  O     . PRO A 1 120 ? -3.551  -8.238  -2.562  1.00 22.84 ? 120 PRO A O     1 
ATOM   856  C  CB    . PRO A 1 120 ? -6.298  -9.394  -2.215  1.00 24.25 ? 120 PRO A CB    1 
ATOM   857  C  CG    . PRO A 1 120 ? -6.752  -10.840 -2.262  1.00 24.25 ? 120 PRO A CG    1 
ATOM   858  C  CD    . PRO A 1 120 ? -5.665  -11.566 -3.013  1.00 24.35 ? 120 PRO A CD    1 
ATOM   859  N  N     . MET A 1 121 ? -4.501  -7.113  -4.256  1.00 22.93 ? 121 MET A N     1 
ATOM   860  C  CA    . MET A 1 121 ? -3.509  -6.054  -4.286  1.00 22.26 ? 121 MET A CA    1 
ATOM   861  C  C     . MET A 1 121 ? -4.017  -4.803  -4.995  1.00 21.48 ? 121 MET A C     1 
ATOM   862  O  O     . MET A 1 121 ? -4.877  -4.876  -5.903  1.00 20.93 ? 121 MET A O     1 
ATOM   863  C  CB    . MET A 1 121 ? -2.189  -6.527  -4.916  1.00 22.98 ? 121 MET A CB    1 
ATOM   864  C  CG    . MET A 1 121 ? -2.307  -7.064  -6.316  1.00 24.01 ? 121 MET A CG    1 
ATOM   865  S  SD    . MET A 1 121 ? -0.751  -7.692  -6.985  1.00 25.57 ? 121 MET A SD    1 
ATOM   866  C  CE    . MET A 1 121 ? -0.444  -9.177  -5.989  1.00 24.94 ? 121 MET A CE    1 
ATOM   867  N  N     . ILE A 1 122 ? -3.479  -3.664  -4.562  1.00 19.58 ? 122 ILE A N     1 
ATOM   868  C  CA    . ILE A 1 122 ? -3.803  -2.372  -5.154  1.00 18.83 ? 122 ILE A CA    1 
ATOM   869  C  C     . ILE A 1 122 ? -2.521  -1.639  -5.495  1.00 18.77 ? 122 ILE A C     1 
ATOM   870  O  O     . ILE A 1 122 ? -1.571  -1.632  -4.706  1.00 18.68 ? 122 ILE A O     1 
ATOM   871  C  CB    . ILE A 1 122 ? -4.707  -1.537  -4.205  1.00 18.19 ? 122 ILE A CB    1 
ATOM   872  C  CG1   . ILE A 1 122 ? -6.075  -2.231  -4.069  1.00 17.70 ? 122 ILE A CG1   1 
ATOM   873  C  CG2   . ILE A 1 122 ? -4.877  -0.107  -4.734  1.00 18.47 ? 122 ILE A CG2   1 
ATOM   874  C  CD1   . ILE A 1 122 ? -7.031  -1.572  -3.119  1.00 16.35 ? 122 ILE A CD1   1 
ATOM   875  N  N     . LEU A 1 123 ? -2.490  -1.048  -6.688  1.00 18.87 ? 123 LEU A N     1 
ATOM   876  C  CA    . LEU A 1 123 ? -1.385  -0.202  -7.098  1.00 18.43 ? 123 LEU A CA    1 
ATOM   877  C  C     . LEU A 1 123 ? -1.651  1.224   -6.610  1.00 18.70 ? 123 LEU A C     1 
ATOM   878  O  O     . LEU A 1 123 ? -2.655  1.853   -6.991  1.00 18.52 ? 123 LEU A O     1 
ATOM   879  C  CB    . LEU A 1 123 ? -1.203  -0.239  -8.622  1.00 18.75 ? 123 LEU A CB    1 
ATOM   880  C  CG    . LEU A 1 123 ? -0.033  0.566   -9.206  1.00 18.14 ? 123 LEU A CG    1 
ATOM   881  C  CD1   . LEU A 1 123 ? 1.302   0.065   -8.648  1.00 19.38 ? 123 LEU A CD1   1 
ATOM   882  C  CD2   . LEU A 1 123 ? -0.048  0.517   -10.723 1.00 17.56 ? 123 LEU A CD2   1 
ATOM   883  N  N     . VAL A 1 124 ? -0.735  1.721   -5.777  1.00 18.28 ? 124 VAL A N     1 
ATOM   884  C  CA    . VAL A 1 124 ? -0.857  3.029   -5.129  1.00 17.74 ? 124 VAL A CA    1 
ATOM   885  C  C     . VAL A 1 124 ? 0.191   4.005   -5.661  1.00 17.64 ? 124 VAL A C     1 
ATOM   886  O  O     . VAL A 1 124 ? 1.396   3.782   -5.514  1.00 17.91 ? 124 VAL A O     1 
ATOM   887  C  CB    . VAL A 1 124 ? -0.723  2.904   -3.588  1.00 17.58 ? 124 VAL A CB    1 
ATOM   888  C  CG1   . VAL A 1 124 ? -0.909  4.263   -2.904  1.00 17.03 ? 124 VAL A CG1   1 
ATOM   889  C  CG2   . VAL A 1 124 ? -1.713  1.885   -3.041  1.00 17.02 ? 124 VAL A CG2   1 
ATOM   890  N  N     . ALA A 1 125 ? -0.284  5.084   -6.276  1.00 17.15 ? 125 ALA A N     1 
ATOM   891  C  CA    . ALA A 1 125 ? 0.565   6.136   -6.802  1.00 17.38 ? 125 ALA A CA    1 
ATOM   892  C  C     . ALA A 1 125 ? 0.590   7.284   -5.791  1.00 17.45 ? 125 ALA A C     1 
ATOM   893  O  O     . ALA A 1 125 ? -0.329  8.092   -5.743  1.00 17.49 ? 125 ALA A O     1 
ATOM   894  C  CB    . ALA A 1 125 ? 0.026   6.616   -8.162  1.00 17.32 ? 125 ALA A CB    1 
ATOM   895  N  N     . ASN A 1 126 ? 1.637   7.322   -4.968  1.00 17.41 ? 126 ASN A N     1 
ATOM   896  C  CA    . ASN A 1 126 ? 1.763   8.293   -3.890  1.00 17.19 ? 126 ASN A CA    1 
ATOM   897  C  C     . ASN A 1 126 ? 2.487   9.611   -4.241  1.00 17.53 ? 126 ASN A C     1 
ATOM   898  O  O     . ASN A 1 126 ? 3.218   9.702   -5.243  1.00 17.60 ? 126 ASN A O     1 
ATOM   899  C  CB    . ASN A 1 126 ? 2.417   7.622   -2.670  1.00 16.69 ? 126 ASN A CB    1 
ATOM   900  C  CG    . ASN A 1 126 ? 2.216   8.413   -1.393  1.00 16.55 ? 126 ASN A CG    1 
ATOM   901  O  OD1   . ASN A 1 126 ? 1.111   8.893   -1.115  1.00 15.63 ? 126 ASN A OD1   1 
ATOM   902  N  ND2   . ASN A 1 126 ? 3.283   8.551   -0.603  1.00 14.83 ? 126 ASN A ND2   1 
ATOM   903  N  N     . LYS A 1 127 ? 2.275   10.616  -3.386  1.00 18.05 ? 127 LYS A N     1 
ATOM   904  C  CA    . LYS A 1 127 ? 2.928   11.938  -3.458  1.00 18.83 ? 127 LYS A CA    1 
ATOM   905  C  C     . LYS A 1 127 ? 2.359   12.832  -4.553  1.00 19.33 ? 127 LYS A C     1 
ATOM   906  O  O     . LYS A 1 127 ? 3.046   13.733  -5.033  1.00 19.97 ? 127 LYS A O     1 
ATOM   907  C  CB    . LYS A 1 127 ? 4.461   11.835  -3.615  1.00 18.23 ? 127 LYS A CB    1 
ATOM   908  C  CG    . LYS A 1 127 ? 5.180   11.105  -2.482  1.00 18.35 ? 127 LYS A CG    1 
ATOM   909  C  CD    . LYS A 1 127 ? 6.692   11.328  -2.546  1.00 15.99 ? 127 LYS A CD    1 
ATOM   910  C  CE    . LYS A 1 127 ? 7.407   10.509  -1.494  1.00 17.54 ? 127 LYS A CE    1 
ATOM   911  N  NZ    . LYS A 1 127 ? 8.896   10.737  -1.478  1.00 18.39 ? 127 LYS A NZ    1 
ATOM   912  N  N     . VAL A 1 128 ? 1.109   12.597  -4.946  1.00 20.19 ? 128 VAL A N     1 
ATOM   913  C  CA    . VAL A 1 128 ? 0.507   13.359  -6.047  1.00 20.54 ? 128 VAL A CA    1 
ATOM   914  C  C     . VAL A 1 128 ? 0.290   14.824  -5.660  1.00 21.15 ? 128 VAL A C     1 
ATOM   915  O  O     . VAL A 1 128 ? -0.046  15.660  -6.513  1.00 21.33 ? 128 VAL A O     1 
ATOM   916  C  CB    . VAL A 1 128 ? -0.809  12.710  -6.565  1.00 20.55 ? 128 VAL A CB    1 
ATOM   917  C  CG1   . VAL A 1 128 ? -0.566  11.248  -6.953  1.00 20.34 ? 128 VAL A CG1   1 
ATOM   918  C  CG2   . VAL A 1 128 ? -1.919  12.816  -5.519  1.00 20.25 ? 128 VAL A CG2   1 
ATOM   919  N  N     . ASP A 1 129 ? 0.496   15.137  -4.381  1.00 21.68 ? 129 ASP A N     1 
ATOM   920  C  CA    . ASP A 1 129 ? 0.513   16.533  -3.945  1.00 22.54 ? 129 ASP A CA    1 
ATOM   921  C  C     . ASP A 1 129 ? 1.706   17.310  -4.514  1.00 22.84 ? 129 ASP A C     1 
ATOM   922  O  O     . ASP A 1 129 ? 1.610   18.511  -4.709  1.00 23.13 ? 129 ASP A O     1 
ATOM   923  C  CB    . ASP A 1 129 ? 0.470   16.644  -2.419  1.00 22.46 ? 129 ASP A CB    1 
ATOM   924  C  CG    . ASP A 1 129 ? 1.706   16.073  -1.753  1.00 23.11 ? 129 ASP A CG    1 
ATOM   925  O  OD1   . ASP A 1 129 ? 1.748   14.839  -1.546  1.00 21.07 ? 129 ASP A OD1   1 
ATOM   926  O  OD2   . ASP A 1 129 ? 2.673   16.788  -1.393  1.00 23.89 ? 129 ASP A OD2   1 
ATOM   927  N  N     . LEU A 1 130 ? 2.817   16.624  -4.793  1.00 23.62 ? 130 LEU A N     1 
ATOM   928  C  CA    . LEU A 1 130 ? 4.018   17.277  -5.329  1.00 24.04 ? 130 LEU A CA    1 
ATOM   929  C  C     . LEU A 1 130 ? 3.907   17.414  -6.851  1.00 24.74 ? 130 LEU A C     1 
ATOM   930  O  O     . LEU A 1 130 ? 4.666   16.793  -7.612  1.00 24.72 ? 130 LEU A O     1 
ATOM   931  C  CB    . LEU A 1 130 ? 5.286   16.509  -4.935  1.00 23.84 ? 130 LEU A CB    1 
ATOM   932  C  CG    . LEU A 1 130 ? 5.671   16.456  -3.449  1.00 23.51 ? 130 LEU A CG    1 
ATOM   933  C  CD1   . LEU A 1 130 ? 6.848   15.505  -3.230  1.00 21.05 ? 130 LEU A CD1   1 
ATOM   934  C  CD2   . LEU A 1 130 ? 5.956   17.849  -2.850  1.00 21.91 ? 130 LEU A CD2   1 
ATOM   935  N  N     . MET A 1 131 ? 2.969   18.255  -7.281  1.00 25.18 ? 131 MET A N     1 
ATOM   936  C  CA    . MET A 1 131 ? 2.512   18.266  -8.666  1.00 26.00 ? 131 MET A CA    1 
ATOM   937  C  C     . MET A 1 131 ? 3.569   18.699  -9.664  1.00 25.62 ? 131 MET A C     1 
ATOM   938  O  O     . MET A 1 131 ? 3.599   18.184  -10.797 1.00 25.24 ? 131 MET A O     1 
ATOM   939  C  CB    . MET A 1 131 ? 1.265   19.131  -8.812  1.00 26.52 ? 131 MET A CB    1 
ATOM   940  C  CG    . MET A 1 131 ? 0.010   18.465  -8.275  1.00 29.86 ? 131 MET A CG    1 
ATOM   941  S  SD    . MET A 1 131 ? -1.486  19.411  -8.600  1.00 36.70 ? 131 MET A SD    1 
ATOM   942  C  CE    . MET A 1 131 ? -1.842  18.983  -10.312 1.00 34.24 ? 131 MET A CE    1 
ATOM   943  N  N     . HIS A 1 132 ? 4.433   19.625  -9.245  1.00 25.00 ? 132 HIS A N     1 
ATOM   944  C  CA    . HIS A 1 132 ? 5.506   20.118  -10.110 1.00 25.20 ? 132 HIS A CA    1 
ATOM   945  C  C     . HIS A 1 132 ? 6.621   19.083  -10.292 1.00 25.27 ? 132 HIS A C     1 
ATOM   946  O  O     . HIS A 1 132 ? 7.417   19.169  -11.234 1.00 25.08 ? 132 HIS A O     1 
ATOM   947  C  CB    . HIS A 1 132 ? 6.066   21.450  -9.594  1.00 25.24 ? 132 HIS A CB    1 
ATOM   948  C  CG    . HIS A 1 132 ? 6.733   21.354  -8.255  1.00 24.69 ? 132 HIS A CG    1 
ATOM   949  N  ND1   . HIS A 1 132 ? 6.046   21.048  -7.099  1.00 24.99 ? 132 HIS A ND1   1 
ATOM   950  C  CD2   . HIS A 1 132 ? 8.024   21.530  -7.890  1.00 23.56 ? 132 HIS A CD2   1 
ATOM   951  C  CE1   . HIS A 1 132 ? 6.887   21.038  -6.079  1.00 24.80 ? 132 HIS A CE1   1 
ATOM   952  N  NE2   . HIS A 1 132 ? 8.095   21.329  -6.533  1.00 24.21 ? 132 HIS A NE2   1 
ATOM   953  N  N     . LEU A 1 133 ? 6.639   18.083  -9.409  1.00 25.28 ? 133 LEU A N     1 
ATOM   954  C  CA    . LEU A 1 133 ? 7.675   17.057  -9.407  1.00 25.43 ? 133 LEU A CA    1 
ATOM   955  C  C     . LEU A 1 133 ? 7.226   15.739  -10.036 1.00 25.80 ? 133 LEU A C     1 
ATOM   956  O  O     . LEU A 1 133 ? 7.978   14.770  -10.044 1.00 25.81 ? 133 LEU A O     1 
ATOM   957  C  CB    . LEU A 1 133 ? 8.155   16.799  -7.971  1.00 24.80 ? 133 LEU A CB    1 
ATOM   958  C  CG    . LEU A 1 133 ? 8.945   17.914  -7.271  1.00 25.60 ? 133 LEU A CG    1 
ATOM   959  C  CD1   . LEU A 1 133 ? 9.304   17.510  -5.830  1.00 22.41 ? 133 LEU A CD1   1 
ATOM   960  C  CD2   . LEU A 1 133 ? 10.206  18.291  -8.060  1.00 23.26 ? 133 LEU A CD2   1 
ATOM   961  N  N     . ARG A 1 134 ? 5.993   15.702  -10.534 1.00 26.56 ? 134 ARG A N     1 
ATOM   962  C  CA    . ARG A 1 134 ? 5.396   14.458  -11.005 1.00 27.14 ? 134 ARG A CA    1 
ATOM   963  C  C     . ARG A 1 134 ? 6.033   14.018  -12.315 1.00 28.26 ? 134 ARG A C     1 
ATOM   964  O  O     . ARG A 1 134 ? 6.034   14.768  -13.297 1.00 28.60 ? 134 ARG A O     1 
ATOM   965  C  CB    . ARG A 1 134 ? 3.889   14.603  -11.160 1.00 26.95 ? 134 ARG A CB    1 
ATOM   966  C  CG    . ARG A 1 134 ? 3.202   13.348  -11.671 1.00 25.92 ? 134 ARG A CG    1 
ATOM   967  C  CD    . ARG A 1 134 ? 1.713   13.309  -11.410 1.00 23.64 ? 134 ARG A CD    1 
ATOM   968  N  NE    . ARG A 1 134 ? 1.183   11.961  -11.610 1.00 23.01 ? 134 ARG A NE    1 
ATOM   969  C  CZ    . ARG A 1 134 ? -0.031  11.577  -11.261 1.00 22.37 ? 134 ARG A CZ    1 
ATOM   970  N  NH1   . ARG A 1 134 ? -0.415  10.329  -11.489 1.00 22.22 ? 134 ARG A NH1   1 
ATOM   971  N  NH2   . ARG A 1 134 ? -0.863  12.436  -10.676 1.00 20.93 ? 134 ARG A NH2   1 
ATOM   972  N  N     . LYS A 1 135 ? 6.580   12.802  -12.295 1.00 28.93 ? 135 LYS A N     1 
ATOM   973  C  CA    . LYS A 1 135 ? 7.330   12.212  -13.401 1.00 29.78 ? 135 LYS A CA    1 
ATOM   974  C  C     . LYS A 1 135 ? 6.593   11.017  -14.006 1.00 29.82 ? 135 LYS A C     1 
ATOM   975  O  O     . LYS A 1 135 ? 6.957   10.546  -15.087 1.00 29.97 ? 135 LYS A O     1 
ATOM   976  C  CB    . LYS A 1 135 ? 8.696   11.738  -12.893 1.00 29.72 ? 135 LYS A CB    1 
ATOM   977  C  CG    . LYS A 1 135 ? 9.892   12.492  -13.446 1.00 32.41 ? 135 LYS A CG    1 
ATOM   978  C  CD    . LYS A 1 135 ? 9.870   13.958  -13.077 1.00 36.59 ? 135 LYS A CD    1 
ATOM   979  C  CE    . LYS A 1 135 ? 11.190  14.410  -12.455 1.00 39.74 ? 135 LYS A CE    1 
ATOM   980  N  NZ    . LYS A 1 135 ? 10.955  15.543  -11.487 1.00 40.86 ? 135 LYS A NZ    1 
ATOM   981  N  N     . VAL A 1 136 ? 5.587   10.510  -13.293 1.00 29.24 ? 136 VAL A N     1 
ATOM   982  C  CA    . VAL A 1 136 ? 4.774   9.405   -13.780 1.00 29.36 ? 136 VAL A CA    1 
ATOM   983  C  C     . VAL A 1 136 ? 3.346   9.910   -13.902 1.00 29.81 ? 136 VAL A C     1 
ATOM   984  O  O     . VAL A 1 136 ? 2.739   10.307  -12.907 1.00 29.84 ? 136 VAL A O     1 
ATOM   985  C  CB    . VAL A 1 136 ? 4.809   8.180   -12.828 1.00 29.32 ? 136 VAL A CB    1 
ATOM   986  C  CG1   . VAL A 1 136 ? 3.985   7.013   -13.397 1.00 28.89 ? 136 VAL A CG1   1 
ATOM   987  C  CG2   . VAL A 1 136 ? 6.252   7.744   -12.539 1.00 29.50 ? 136 VAL A CG2   1 
ATOM   988  N  N     . THR A 1 137 ? 2.808   9.883   -15.117 1.00 29.88 ? 137 THR A N     1 
ATOM   989  C  CA    . THR A 1 137 ? 1.463   10.389  -15.359 1.00 30.27 ? 137 THR A CA    1 
ATOM   990  C  C     . THR A 1 137 ? 0.368   9.457   -14.821 1.00 30.48 ? 137 THR A C     1 
ATOM   991  O  O     . THR A 1 137 ? 0.622   8.284   -14.530 1.00 30.15 ? 137 THR A O     1 
ATOM   992  C  CB    . THR A 1 137 ? 1.248   10.619  -16.856 1.00 30.47 ? 137 THR A CB    1 
ATOM   993  O  OG1   . THR A 1 137 ? 1.193   9.348   -17.516 1.00 31.17 ? 137 THR A OG1   1 
ATOM   994  C  CG2   . THR A 1 137 ? 2.451   11.339  -17.484 1.00 29.77 ? 137 THR A CG2   1 
ATOM   995  N  N     . ARG A 1 138 ? -0.848  9.991   -14.699 1.00 30.90 ? 138 ARG A N     1 
ATOM   996  C  CA    . ARG A 1 138 ? -2.024  9.205   -14.318 1.00 31.68 ? 138 ARG A CA    1 
ATOM   997  C  C     . ARG A 1 138 ? -2.249  8.021   -15.275 1.00 31.84 ? 138 ARG A C     1 
ATOM   998  O  O     . ARG A 1 138 ? -2.531  6.894   -14.839 1.00 31.46 ? 138 ARG A O     1 
ATOM   999  C  CB    . ARG A 1 138 ? -3.267  10.103  -14.274 1.00 31.79 ? 138 ARG A CB    1 
ATOM   1000 C  CG    . ARG A 1 138 ? -4.572  9.385   -13.910 1.00 33.28 ? 138 ARG A CG    1 
ATOM   1001 C  CD    . ARG A 1 138 ? -5.638  10.277  -13.285 1.00 36.40 ? 138 ARG A CD    1 
ATOM   1002 N  NE    . ARG A 1 138 ? -5.051  11.179  -12.296 1.00 41.01 ? 138 ARG A NE    1 
ATOM   1003 C  CZ    . ARG A 1 138 ? -5.650  12.253  -11.783 1.00 43.73 ? 138 ARG A CZ    1 
ATOM   1004 N  NH1   . ARG A 1 138 ? -6.891  12.586  -12.144 1.00 44.40 ? 138 ARG A NH1   1 
ATOM   1005 N  NH2   . ARG A 1 138 ? -4.997  12.998  -10.893 1.00 44.01 ? 138 ARG A NH2   1 
ATOM   1006 N  N     . ASP A 1 139 ? -2.109  8.286   -16.575 1.00 32.17 ? 139 ASP A N     1 
ATOM   1007 C  CA    . ASP A 1 139 ? -2.396  7.283   -17.603 1.00 32.48 ? 139 ASP A CA    1 
ATOM   1008 C  C     . ASP A 1 139 ? -1.369  6.157   -17.646 1.00 31.45 ? 139 ASP A C     1 
ATOM   1009 O  O     . ASP A 1 139 ? -1.734  5.012   -17.887 1.00 30.92 ? 139 ASP A O     1 
ATOM   1010 C  CB    . ASP A 1 139 ? -2.567  7.928   -18.982 1.00 33.10 ? 139 ASP A CB    1 
ATOM   1011 C  CG    . ASP A 1 139 ? -3.970  8.462   -19.197 1.00 36.09 ? 139 ASP A CG    1 
ATOM   1012 O  OD1   . ASP A 1 139 ? -4.111  9.444   -19.963 1.00 40.18 ? 139 ASP A OD1   1 
ATOM   1013 O  OD2   . ASP A 1 139 ? -4.993  7.976   -18.648 1.00 39.05 ? 139 ASP A OD2   1 
ATOM   1014 N  N     . GLN A 1 140 ? -0.101  6.482   -17.394 1.00 30.86 ? 140 GLN A N     1 
ATOM   1015 C  CA    . GLN A 1 140 ? 0.929   5.459   -17.198 1.00 30.53 ? 140 GLN A CA    1 
ATOM   1016 C  C     . GLN A 1 140 ? 0.589   4.545   -16.026 1.00 29.82 ? 140 GLN A C     1 
ATOM   1017 O  O     . GLN A 1 140 ? 0.719   3.324   -16.120 1.00 29.50 ? 140 GLN A O     1 
ATOM   1018 C  CB    . GLN A 1 140 ? 2.289   6.098   -16.947 1.00 30.87 ? 140 GLN A CB    1 
ATOM   1019 C  CG    . GLN A 1 140 ? 2.927   6.699   -18.178 1.00 32.32 ? 140 GLN A CG    1 
ATOM   1020 C  CD    . GLN A 1 140 ? 4.259   7.333   -17.862 1.00 33.98 ? 140 GLN A CD    1 
ATOM   1021 O  OE1   . GLN A 1 140 ? 4.413   7.978   -16.833 1.00 34.23 ? 140 GLN A OE1   1 
ATOM   1022 N  NE2   . GLN A 1 140 ? 5.230   7.145   -18.747 1.00 36.74 ? 140 GLN A NE2   1 
ATOM   1023 N  N     . GLY A 1 141 ? 0.146   5.143   -14.923 1.00 29.37 ? 141 GLY A N     1 
ATOM   1024 C  CA    . GLY A 1 141 ? -0.196  4.388   -13.736 1.00 28.83 ? 141 GLY A CA    1 
ATOM   1025 C  C     . GLY A 1 141 ? -1.364  3.465   -14.009 1.00 28.59 ? 141 GLY A C     1 
ATOM   1026 O  O     . GLY A 1 141 ? -1.332  2.278   -13.671 1.00 27.66 ? 141 GLY A O     1 
ATOM   1027 N  N     . LYS A 1 142 ? -2.392  4.021   -14.644 1.00 28.49 ? 142 LYS A N     1 
ATOM   1028 C  CA    . LYS A 1 142 ? -3.600  3.268   -14.967 1.00 28.69 ? 142 LYS A CA    1 
ATOM   1029 C  C     . LYS A 1 142 ? -3.317  2.115   -15.936 1.00 28.16 ? 142 LYS A C     1 
ATOM   1030 O  O     . LYS A 1 142 ? -3.846  1.025   -15.772 1.00 27.92 ? 142 LYS A O     1 
ATOM   1031 C  CB    . LYS A 1 142 ? -4.699  4.199   -15.499 1.00 28.76 ? 142 LYS A CB    1 
ATOM   1032 C  CG    . LYS A 1 142 ? -5.653  4.679   -14.404 1.00 29.80 ? 142 LYS A CG    1 
ATOM   1033 C  CD    . LYS A 1 142 ? -6.492  5.861   -14.844 1.00 30.71 ? 142 LYS A CD    1 
ATOM   1034 C  CE    . LYS A 1 142 ? -7.258  6.456   -13.666 1.00 31.91 ? 142 LYS A CE    1 
ATOM   1035 N  NZ    . LYS A 1 142 ? -8.162  7.574   -14.060 1.00 33.33 ? 142 LYS A NZ    1 
ATOM   1036 N  N     . GLU A 1 143 ? -2.455  2.364   -16.914 1.00 28.35 ? 143 GLU A N     1 
ATOM   1037 C  CA    . GLU A 1 143 ? -2.062  1.351   -17.897 1.00 29.09 ? 143 GLU A CA    1 
ATOM   1038 C  C     . GLU A 1 143 ? -1.292  0.198   -17.232 1.00 28.40 ? 143 GLU A C     1 
ATOM   1039 O  O     . GLU A 1 143 ? -1.458  -0.973  -17.611 1.00 28.34 ? 143 GLU A O     1 
ATOM   1040 C  CB    . GLU A 1 143 ? -1.273  2.010   -19.055 1.00 29.61 ? 143 GLU A CB    1 
ATOM   1041 C  CG    . GLU A 1 143 ? -0.231  1.131   -19.745 1.00 33.63 ? 143 GLU A CG    1 
ATOM   1042 C  CD    . GLU A 1 143 ? 0.590   1.873   -20.805 1.00 38.75 ? 143 GLU A CD    1 
ATOM   1043 O  OE1   . GLU A 1 143 ? 1.091   2.994   -20.527 1.00 41.01 ? 143 GLU A OE1   1 
ATOM   1044 O  OE2   . GLU A 1 143 ? 0.750   1.323   -21.925 1.00 40.42 ? 143 GLU A OE2   1 
ATOM   1045 N  N     . MET A 1 144 ? -0.474  0.523   -16.229 1.00 27.53 ? 144 MET A N     1 
ATOM   1046 C  CA    . MET A 1 144 ? 0.255   -0.500  -15.474 1.00 27.02 ? 144 MET A CA    1 
ATOM   1047 C  C     . MET A 1 144 ? -0.681  -1.358  -14.637 1.00 26.12 ? 144 MET A C     1 
ATOM   1048 O  O     . MET A 1 144 ? -0.549  -2.586  -14.619 1.00 25.22 ? 144 MET A O     1 
ATOM   1049 C  CB    . MET A 1 144 ? 1.343   0.112   -14.590 1.00 27.62 ? 144 MET A CB    1 
ATOM   1050 C  CG    . MET A 1 144 ? 1.885   -0.862  -13.556 1.00 31.02 ? 144 MET A CG    1 
ATOM   1051 S  SD    . MET A 1 144 ? 3.502   -0.437  -12.905 1.00 39.83 ? 144 MET A SD    1 
ATOM   1052 C  CE    . MET A 1 144 ? 4.521   -0.637  -14.440 1.00 37.70 ? 144 MET A CE    1 
ATOM   1053 N  N     . ALA A 1 145 ? -1.614  -0.711  -13.938 1.00 25.58 ? 145 ALA A N     1 
ATOM   1054 C  CA    . ALA A 1 145 ? -2.623  -1.424  -13.151 1.00 25.67 ? 145 ALA A CA    1 
ATOM   1055 C  C     . ALA A 1 145 ? -3.474  -2.335  -14.040 1.00 25.62 ? 145 ALA A C     1 
ATOM   1056 O  O     . ALA A 1 145 ? -3.777  -3.466  -13.657 1.00 25.39 ? 145 ALA A O     1 
ATOM   1057 C  CB    . ALA A 1 145 ? -3.517  -0.438  -12.387 1.00 25.65 ? 145 ALA A CB    1 
ATOM   1058 N  N     . THR A 1 146 ? -3.852  -1.831  -15.220 1.00 25.68 ? 146 THR A N     1 
ATOM   1059 C  CA    . THR A 1 146 ? -4.611  -2.615  -16.203 1.00 25.99 ? 146 THR A CA    1 
ATOM   1060 C  C     . THR A 1 146 ? -3.850  -3.870  -16.626 1.00 26.25 ? 146 THR A C     1 
ATOM   1061 O  O     . THR A 1 146 ? -4.409  -4.966  -16.618 1.00 26.70 ? 146 THR A O     1 
ATOM   1062 C  CB    . THR A 1 146 ? -4.943  -1.754  -17.427 1.00 25.93 ? 146 THR A CB    1 
ATOM   1063 O  OG1   . THR A 1 146 ? -5.926  -0.791  -17.051 1.00 25.66 ? 146 THR A OG1   1 
ATOM   1064 C  CG2   . THR A 1 146 ? -5.644  -2.591  -18.530 1.00 25.58 ? 146 THR A CG2   1 
ATOM   1065 N  N     . LYS A 1 147 ? -2.573  -3.695  -16.963 1.00 26.29 ? 147 LYS A N     1 
ATOM   1066 C  CA    . LYS A 1 147 ? -1.695  -4.804  -17.309 1.00 26.91 ? 147 LYS A CA    1 
ATOM   1067 C  C     . LYS A 1 147 ? -1.706  -5.926  -16.267 1.00 26.74 ? 147 LYS A C     1 
ATOM   1068 O  O     . LYS A 1 147 ? -1.695  -7.099  -16.642 1.00 26.44 ? 147 LYS A O     1 
ATOM   1069 C  CB    . LYS A 1 147 ? -0.279  -4.302  -17.572 1.00 27.17 ? 147 LYS A CB    1 
ATOM   1070 C  CG    . LYS A 1 147 ? 0.728   -5.413  -17.851 1.00 30.56 ? 147 LYS A CG    1 
ATOM   1071 C  CD    . LYS A 1 147 ? 1.916   -4.905  -18.652 1.00 34.42 ? 147 LYS A CD    1 
ATOM   1072 C  CE    . LYS A 1 147 ? 3.155   -4.830  -17.780 1.00 36.61 ? 147 LYS A CE    1 
ATOM   1073 N  NZ    . LYS A 1 147 ? 2.898   -4.006  -16.565 1.00 38.59 ? 147 LYS A NZ    1 
ATOM   1074 N  N     . TYR A 1 148 ? -1.755  -5.563  -14.978 1.00 26.59 ? 148 TYR A N     1 
ATOM   1075 C  CA    . TYR A 1 148 ? -1.828  -6.531  -13.874 1.00 26.52 ? 148 TYR A CA    1 
ATOM   1076 C  C     . TYR A 1 148 ? -3.247  -6.861  -13.433 1.00 26.06 ? 148 TYR A C     1 
ATOM   1077 O  O     . TYR A 1 148 ? -3.458  -7.728  -12.565 1.00 25.98 ? 148 TYR A O     1 
ATOM   1078 C  CB    . TYR A 1 148 ? -1.038  -6.030  -12.649 1.00 27.09 ? 148 TYR A CB    1 
ATOM   1079 C  CG    . TYR A 1 148 ? 0.437   -5.841  -12.897 1.00 28.06 ? 148 TYR A CG    1 
ATOM   1080 C  CD1   . TYR A 1 148 ? 1.212   -6.863  -13.466 1.00 28.55 ? 148 TYR A CD1   1 
ATOM   1081 C  CD2   . TYR A 1 148 ? 1.061   -4.635  -12.564 1.00 28.27 ? 148 TYR A CD2   1 
ATOM   1082 C  CE1   . TYR A 1 148 ? 2.578   -6.685  -13.702 1.00 29.08 ? 148 TYR A CE1   1 
ATOM   1083 C  CE2   . TYR A 1 148 ? 2.416   -4.446  -12.791 1.00 29.89 ? 148 TYR A CE2   1 
ATOM   1084 C  CZ    . TYR A 1 148 ? 3.169   -5.471  -13.357 1.00 30.22 ? 148 TYR A CZ    1 
ATOM   1085 O  OH    . TYR A 1 148 ? 4.508   -5.265  -13.587 1.00 31.37 ? 148 TYR A OH    1 
ATOM   1086 N  N     . ASN A 1 149 ? -4.220  -6.156  -14.008 1.00 25.70 ? 149 ASN A N     1 
ATOM   1087 C  CA    . ASN A 1 149 ? -5.638  -6.341  -13.648 1.00 25.26 ? 149 ASN A CA    1 
ATOM   1088 C  C     . ASN A 1 149 ? -5.898  -6.135  -12.151 1.00 24.06 ? 149 ASN A C     1 
ATOM   1089 O  O     . ASN A 1 149 ? -6.519  -6.958  -11.495 1.00 23.55 ? 149 ASN A O     1 
ATOM   1090 C  CB    . ASN A 1 149 ? -6.158  -7.715  -14.125 1.00 25.67 ? 149 ASN A CB    1 
ATOM   1091 C  CG    . ASN A 1 149 ? -7.677  -7.817  -14.072 1.00 27.36 ? 149 ASN A CG    1 
ATOM   1092 O  OD1   . ASN A 1 149 ? -8.382  -6.904  -14.495 1.00 30.64 ? 149 ASN A OD1   1 
ATOM   1093 N  ND2   . ASN A 1 149 ? -8.184  -8.926  -13.531 1.00 29.47 ? 149 ASN A ND2   1 
ATOM   1094 N  N     . ILE A 1 150 ? -5.385  -5.031  -11.614 1.00 23.30 ? 150 ILE A N     1 
ATOM   1095 C  CA    . ILE A 1 150 ? -5.564  -4.687  -10.198 1.00 21.95 ? 150 ILE A CA    1 
ATOM   1096 C  C     . ILE A 1 150 ? -6.029  -3.225  -10.145 1.00 21.61 ? 150 ILE A C     1 
ATOM   1097 O  O     . ILE A 1 150 ? -5.789  -2.477  -11.097 1.00 21.13 ? 150 ILE A O     1 
ATOM   1098 C  CB    . ILE A 1 150 ? -4.230  -4.882  -9.409  1.00 21.87 ? 150 ILE A CB    1 
ATOM   1099 C  CG1   . ILE A 1 150 ? -3.124  -3.969  -9.969  1.00 21.20 ? 150 ILE A CG1   1 
ATOM   1100 C  CG2   . ILE A 1 150 ? -3.812  -6.369  -9.381  1.00 20.90 ? 150 ILE A CG2   1 
ATOM   1101 C  CD1   . ILE A 1 150 ? -1.840  -3.910  -9.118  1.00 22.21 ? 150 ILE A CD1   1 
ATOM   1102 N  N     . PRO A 1 151 ? -6.707  -2.814  -9.070  1.00 21.21 ? 151 PRO A N     1 
ATOM   1103 C  CA    . PRO A 1 151 ? -7.111  -1.412  -8.938  1.00 21.13 ? 151 PRO A CA    1 
ATOM   1104 C  C     . PRO A 1 151 ? -5.919  -0.453  -8.848  1.00 21.49 ? 151 PRO A C     1 
ATOM   1105 O  O     . PRO A 1 151 ? -4.789  -0.829  -8.488  1.00 21.70 ? 151 PRO A O     1 
ATOM   1106 C  CB    . PRO A 1 151 ? -7.933  -1.398  -7.646  1.00 21.29 ? 151 PRO A CB    1 
ATOM   1107 C  CG    . PRO A 1 151 ? -8.366  -2.793  -7.486  1.00 21.11 ? 151 PRO A CG    1 
ATOM   1108 C  CD    . PRO A 1 151 ? -7.210  -3.631  -7.952  1.00 20.67 ? 151 PRO A CD    1 
ATOM   1109 N  N     . TYR A 1 152 ? -6.201  0.787   -9.222  1.00 21.30 ? 152 TYR A N     1 
ATOM   1110 C  CA    . TYR A 1 152 ? -5.253  1.880   -9.233  1.00 20.87 ? 152 TYR A CA    1 
ATOM   1111 C  C     . TYR A 1 152 ? -5.867  2.998   -8.403  1.00 20.53 ? 152 TYR A C     1 
ATOM   1112 O  O     . TYR A 1 152 ? -7.056  3.273   -8.515  1.00 20.14 ? 152 TYR A O     1 
ATOM   1113 C  CB    . TYR A 1 152 ? -5.040  2.370   -10.667 1.00 20.70 ? 152 TYR A CB    1 
ATOM   1114 C  CG    . TYR A 1 152 ? -4.222  3.641   -10.780 1.00 21.45 ? 152 TYR A CG    1 
ATOM   1115 C  CD1   . TYR A 1 152 ? -2.831  3.601   -10.729 1.00 21.60 ? 152 TYR A CD1   1 
ATOM   1116 C  CD2   . TYR A 1 152 ? -4.842  4.888   -10.926 1.00 21.34 ? 152 TYR A CD2   1 
ATOM   1117 C  CE1   . TYR A 1 152 ? -2.074  4.765   -10.835 1.00 22.92 ? 152 TYR A CE1   1 
ATOM   1118 C  CE2   . TYR A 1 152 ? -4.097  6.048   -11.025 1.00 21.28 ? 152 TYR A CE2   1 
ATOM   1119 C  CZ    . TYR A 1 152 ? -2.711  5.981   -10.976 1.00 21.47 ? 152 TYR A CZ    1 
ATOM   1120 O  OH    . TYR A 1 152 ? -1.939  7.120   -11.084 1.00 21.86 ? 152 TYR A OH    1 
ATOM   1121 N  N     . ILE A 1 153 ? -5.043  3.633   -7.577  1.00 20.43 ? 153 ILE A N     1 
ATOM   1122 C  CA    . ILE A 1 153 ? -5.468  4.764   -6.759  1.00 19.81 ? 153 ILE A CA    1 
ATOM   1123 C  C     . ILE A 1 153 ? -4.292  5.697   -6.486  1.00 19.68 ? 153 ILE A C     1 
ATOM   1124 O  O     . ILE A 1 153 ? -3.159  5.249   -6.288  1.00 19.25 ? 153 ILE A O     1 
ATOM   1125 C  CB    . ILE A 1 153 ? -6.109  4.270   -5.443  1.00 19.78 ? 153 ILE A CB    1 
ATOM   1126 C  CG1   . ILE A 1 153 ? -6.998  5.366   -4.814  1.00 19.80 ? 153 ILE A CG1   1 
ATOM   1127 C  CG2   . ILE A 1 153 ? -5.054  3.749   -4.484  1.00 19.76 ? 153 ILE A CG2   1 
ATOM   1128 C  CD1   . ILE A 1 153 ? -7.927  4.863   -3.678  1.00 17.78 ? 153 ILE A CD1   1 
ATOM   1129 N  N     . GLU A 1 154 ? -4.584  6.993   -6.476  1.00 19.22 ? 154 GLU A N     1 
ATOM   1130 C  CA    . GLU A 1 154 ? -3.602  8.021   -6.201  1.00 19.49 ? 154 GLU A CA    1 
ATOM   1131 C  C     . GLU A 1 154 ? -3.790  8.517   -4.767  1.00 19.38 ? 154 GLU A C     1 
ATOM   1132 O  O     . GLU A 1 154 ? -4.918  8.683   -4.298  1.00 19.51 ? 154 GLU A O     1 
ATOM   1133 C  CB    . GLU A 1 154 ? -3.725  9.162   -7.233  1.00 19.70 ? 154 GLU A CB    1 
ATOM   1134 C  CG    . GLU A 1 154 ? -3.321  8.733   -8.645  1.00 21.95 ? 154 GLU A CG    1 
ATOM   1135 C  CD    . GLU A 1 154 ? -3.288  9.856   -9.693  1.00 24.69 ? 154 GLU A CD    1 
ATOM   1136 O  OE1   . GLU A 1 154 ? -3.532  11.030  -9.373  1.00 25.70 ? 154 GLU A OE1   1 
ATOM   1137 O  OE2   . GLU A 1 154 ? -2.997  9.560   -10.868 1.00 25.36 ? 154 GLU A OE2   1 
ATOM   1138 N  N     . THR A 1 155 ? -2.681  8.727   -4.062  1.00 18.64 ? 155 THR A N     1 
ATOM   1139 C  CA    . THR A 1 155 ? -2.738  9.161   -2.680  1.00 18.10 ? 155 THR A CA    1 
ATOM   1140 C  C     . THR A 1 155 ? -1.766  10.283  -2.388  1.00 18.37 ? 155 THR A C     1 
ATOM   1141 O  O     . THR A 1 155 ? -0.783  10.492  -3.108  1.00 17.96 ? 155 THR A O     1 
ATOM   1142 C  CB    . THR A 1 155 ? -2.390  8.008   -1.713  1.00 18.08 ? 155 THR A CB    1 
ATOM   1143 O  OG1   . THR A 1 155 ? -1.090  7.496   -2.039  1.00 17.00 ? 155 THR A OG1   1 
ATOM   1144 C  CG2   . THR A 1 155 ? -3.331  6.840   -1.883  1.00 16.98 ? 155 THR A CG2   1 
ATOM   1145 N  N     . SER A 1 156 ? -2.051  10.977  -1.296  1.00 18.07 ? 156 SER A N     1 
ATOM   1146 C  CA    . SER A 1 156 ? -1.093  11.846  -0.645  1.00 18.41 ? 156 SER A CA    1 
ATOM   1147 C  C     . SER A 1 156 ? -1.215  11.614  0.855   1.00 18.47 ? 156 SER A C     1 
ATOM   1148 O  O     . SER A 1 156 ? -2.308  11.724  1.411   1.00 18.35 ? 156 SER A O     1 
ATOM   1149 C  CB    . SER A 1 156 ? -1.355  13.320  -0.992  1.00 18.32 ? 156 SER A CB    1 
ATOM   1150 O  OG    . SER A 1 156 ? -0.537  14.166  -0.184  1.00 18.75 ? 156 SER A OG    1 
ATOM   1151 N  N     . ALA A 1 157 ? -0.102  11.270  1.499   1.00 19.11 ? 157 ALA A N     1 
ATOM   1152 C  CA    . ALA A 1 157 ? -0.056  11.093  2.957   1.00 19.88 ? 157 ALA A CA    1 
ATOM   1153 C  C     . ALA A 1 157 ? 0.040   12.428  3.704   1.00 20.72 ? 157 ALA A C     1 
ATOM   1154 O  O     . ALA A 1 157 ? -0.206  12.505  4.914   1.00 20.86 ? 157 ALA A O     1 
ATOM   1155 C  CB    . ALA A 1 157 ? 1.102   10.195  3.330   1.00 19.65 ? 157 ALA A CB    1 
ATOM   1156 N  N     . LYS A 1 158 ? 0.390   13.483  2.973   1.00 21.80 ? 158 LYS A N     1 
ATOM   1157 C  CA    . LYS A 1 158 ? 0.513   14.822  3.534   1.00 22.73 ? 158 LYS A CA    1 
ATOM   1158 C  C     . LYS A 1 158 ? -0.874  15.404  3.846   1.00 23.37 ? 158 LYS A C     1 
ATOM   1159 O  O     . LYS A 1 158 ? -1.817  15.162  3.096   1.00 23.47 ? 158 LYS A O     1 
ATOM   1160 C  CB    . LYS A 1 158 ? 1.244   15.709  2.526   1.00 22.83 ? 158 LYS A CB    1 
ATOM   1161 C  CG    . LYS A 1 158 ? 1.477   17.143  2.997   1.00 24.25 ? 158 LYS A CG    1 
ATOM   1162 C  CD    . LYS A 1 158 ? 2.610   17.786  2.239   1.00 26.14 ? 158 LYS A CD    1 
ATOM   1163 C  CE    . LYS A 1 158 ? 2.582   19.294  2.409   1.00 27.96 ? 158 LYS A CE    1 
ATOM   1164 N  NZ    . LYS A 1 158 ? 3.571   19.901  1.487   1.00 29.83 ? 158 LYS A NZ    1 
ATOM   1165 N  N     . ASP A 1 159 ? -0.994  16.140  4.958   1.00 24.09 ? 159 ASP A N     1 
ATOM   1166 C  CA    . ASP A 1 159 ? -2.249  16.791  5.351   1.00 25.17 ? 159 ASP A CA    1 
ATOM   1167 C  C     . ASP A 1 159 ? -2.587  17.931  4.381   1.00 24.63 ? 159 ASP A C     1 
ATOM   1168 O  O     . ASP A 1 159 ? -1.702  18.697  4.002   1.00 24.63 ? 159 ASP A O     1 
ATOM   1169 C  CB    . ASP A 1 159 ? -2.151  17.376  6.774   1.00 26.18 ? 159 ASP A CB    1 
ATOM   1170 C  CG    . ASP A 1 159 ? -2.035  16.306  7.875   1.00 30.13 ? 159 ASP A CG    1 
ATOM   1171 O  OD1   . ASP A 1 159 ? -2.620  15.189  7.768   1.00 31.24 ? 159 ASP A OD1   1 
ATOM   1172 O  OD2   . ASP A 1 159 ? -1.378  16.530  8.926   1.00 35.77 ? 159 ASP A OD2   1 
ATOM   1173 N  N     . PRO A 1 160 ? -3.849  18.065  3.970   1.00 24.48 ? 160 PRO A N     1 
ATOM   1174 C  CA    . PRO A 1 160 ? -4.923  17.106  4.274   1.00 23.96 ? 160 PRO A CA    1 
ATOM   1175 C  C     . PRO A 1 160 ? -4.786  15.901  3.343   1.00 23.46 ? 160 PRO A C     1 
ATOM   1176 O  O     . PRO A 1 160 ? -4.589  16.110  2.135   1.00 23.55 ? 160 PRO A O     1 
ATOM   1177 C  CB    . PRO A 1 160 ? -6.205  17.892  3.930   1.00 23.89 ? 160 PRO A CB    1 
ATOM   1178 C  CG    . PRO A 1 160 ? -5.749  19.310  3.714   1.00 24.44 ? 160 PRO A CG    1 
ATOM   1179 C  CD    . PRO A 1 160 ? -4.340  19.208  3.182   1.00 24.38 ? 160 PRO A CD    1 
ATOM   1180 N  N     . PRO A 1 161 ? -4.877  14.681  3.878   1.00 22.80 ? 161 PRO A N     1 
ATOM   1181 C  CA    . PRO A 1 161 ? -4.523  13.474  3.110   1.00 22.26 ? 161 PRO A CA    1 
ATOM   1182 C  C     . PRO A 1 161 ? -5.514  13.147  1.992   1.00 21.97 ? 161 PRO A C     1 
ATOM   1183 O  O     . PRO A 1 161 ? -6.687  13.462  2.110   1.00 22.39 ? 161 PRO A O     1 
ATOM   1184 C  CB    . PRO A 1 161 ? -4.524  12.370  4.167   1.00 21.65 ? 161 PRO A CB    1 
ATOM   1185 C  CG    . PRO A 1 161 ? -5.452  12.837  5.192   1.00 22.36 ? 161 PRO A CG    1 
ATOM   1186 C  CD    . PRO A 1 161 ? -5.333  14.360  5.244   1.00 22.63 ? 161 PRO A CD    1 
ATOM   1187 N  N     . LEU A 1 162 ? -5.036  12.505  0.929   1.00 21.72 ? 162 LEU A N     1 
ATOM   1188 C  CA    . LEU A 1 162 ? -5.892  12.117  -0.190  1.00 20.55 ? 162 LEU A CA    1 
ATOM   1189 C  C     . LEU A 1 162 ? -5.944  10.600  -0.357  1.00 20.33 ? 162 LEU A C     1 
ATOM   1190 O  O     . LEU A 1 162 ? -4.909  9.954   -0.566  1.00 19.98 ? 162 LEU A O     1 
ATOM   1191 C  CB    . LEU A 1 162 ? -5.389  12.761  -1.485  1.00 20.49 ? 162 LEU A CB    1 
ATOM   1192 C  CG    . LEU A 1 162 ? -6.089  12.313  -2.767  1.00 20.03 ? 162 LEU A CG    1 
ATOM   1193 C  CD1   . LEU A 1 162 ? -7.512  12.845  -2.818  1.00 20.29 ? 162 LEU A CD1   1 
ATOM   1194 C  CD2   . LEU A 1 162 ? -5.307  12.736  -3.995  1.00 19.34 ? 162 LEU A CD2   1 
ATOM   1195 N  N     . ASN A 1 163 ? -7.150  10.044  -0.263  1.00 19.86 ? 163 ASN A N     1 
ATOM   1196 C  CA    . ASN A 1 163 ? -7.412  8.615   -0.535  1.00 19.74 ? 163 ASN A CA    1 
ATOM   1197 C  C     . ASN A 1 163 ? -6.701  7.629   0.391   1.00 19.24 ? 163 ASN A C     1 
ATOM   1198 O  O     . ASN A 1 163 ? -6.581  6.454   0.065   1.00 19.71 ? 163 ASN A O     1 
ATOM   1199 C  CB    . ASN A 1 163 ? -7.143  8.252   -2.014  1.00 18.97 ? 163 ASN A CB    1 
ATOM   1200 C  CG    . ASN A 1 163 ? -8.183  8.839   -2.963  1.00 20.64 ? 163 ASN A CG    1 
ATOM   1201 O  OD1   . ASN A 1 163 ? -7.883  9.181   -4.118  1.00 21.96 ? 163 ASN A OD1   1 
ATOM   1202 N  ND2   . ASN A 1 163 ? -9.409  8.949   -2.492  1.00 21.63 ? 163 ASN A ND2   1 
ATOM   1203 N  N     . VAL A 1 164 ? -6.267  8.087   1.560   1.00 19.02 ? 164 VAL A N     1 
ATOM   1204 C  CA    . VAL A 1 164 ? -5.533  7.217   2.464   1.00 18.97 ? 164 VAL A CA    1 
ATOM   1205 C  C     . VAL A 1 164 ? -6.443  6.153   3.104   1.00 19.67 ? 164 VAL A C     1 
ATOM   1206 O  O     . VAL A 1 164 ? -6.117  4.956   3.038   1.00 19.16 ? 164 VAL A O     1 
ATOM   1207 C  CB    . VAL A 1 164 ? -4.683  8.006   3.494   1.00 19.27 ? 164 VAL A CB    1 
ATOM   1208 C  CG1   . VAL A 1 164 ? -3.985  7.061   4.484   1.00 17.98 ? 164 VAL A CG1   1 
ATOM   1209 C  CG2   . VAL A 1 164 ? -3.648  8.872   2.759   1.00 18.42 ? 164 VAL A CG2   1 
ATOM   1210 N  N     . ASP A 1 165 ? -7.572  6.570   3.690   1.00 20.09 ? 165 ASP A N     1 
ATOM   1211 C  CA    . ASP A 1 165 ? -8.566  5.602   4.203   1.00 20.82 ? 165 ASP A CA    1 
ATOM   1212 C  C     . ASP A 1 165 ? -9.125  4.749   3.077   1.00 20.20 ? 165 ASP A C     1 
ATOM   1213 O  O     . ASP A 1 165 ? -9.236  3.539   3.217   1.00 20.29 ? 165 ASP A O     1 
ATOM   1214 C  CB    . ASP A 1 165 ? -9.733  6.285   4.918   1.00 21.51 ? 165 ASP A CB    1 
ATOM   1215 C  CG    . ASP A 1 165 ? -9.299  7.049   6.141   1.00 24.24 ? 165 ASP A CG    1 
ATOM   1216 O  OD1   . ASP A 1 165 ? -9.630  8.255   6.213   1.00 29.30 ? 165 ASP A OD1   1 
ATOM   1217 O  OD2   . ASP A 1 165 ? -8.640  6.542   7.073   1.00 25.14 ? 165 ASP A OD2   1 
ATOM   1218 N  N     . LYS A 1 166 ? -9.460  5.390   1.958   1.00 19.86 ? 166 LYS A N     1 
ATOM   1219 C  CA    . LYS A 1 166 ? -10.042 4.689   0.817   1.00 19.74 ? 166 LYS A CA    1 
ATOM   1220 C  C     . LYS A 1 166 ? -9.103  3.586   0.333   1.00 19.43 ? 166 LYS A C     1 
ATOM   1221 O  O     . LYS A 1 166 ? -9.546  2.479   0.054   1.00 19.95 ? 166 LYS A O     1 
ATOM   1222 C  CB    . LYS A 1 166 ? -10.352 5.645   -0.336  1.00 19.03 ? 166 LYS A CB    1 
ATOM   1223 C  CG    . LYS A 1 166 ? -11.043 4.958   -1.508  1.00 19.91 ? 166 LYS A CG    1 
ATOM   1224 C  CD    . LYS A 1 166 ? -11.294 5.909   -2.687  1.00 21.27 ? 166 LYS A CD    1 
ATOM   1225 C  CE    . LYS A 1 166 ? -12.472 5.440   -3.554  1.00 24.26 ? 166 LYS A CE    1 
ATOM   1226 N  NZ    . LYS A 1 166 ? -12.222 4.158   -4.299  1.00 21.17 ? 166 LYS A NZ    1 
ATOM   1227 N  N     . THR A 1 167 ? -7.811  3.892   0.243   1.00 19.24 ? 167 THR A N     1 
ATOM   1228 C  CA    . THR A 1 167 ? -6.816  2.894   -0.162  1.00 18.57 ? 167 THR A CA    1 
ATOM   1229 C  C     . THR A 1 167 ? -6.881  1.646   0.716   1.00 18.67 ? 167 THR A C     1 
ATOM   1230 O  O     . THR A 1 167 ? -7.090  0.546   0.207   1.00 18.55 ? 167 THR A O     1 
ATOM   1231 C  CB    . THR A 1 167 ? -5.403  3.477   -0.160  1.00 18.30 ? 167 THR A CB    1 
ATOM   1232 O  OG1   . THR A 1 167 ? -5.303  4.471   -1.182  1.00 18.06 ? 167 THR A OG1   1 
ATOM   1233 C  CG2   . THR A 1 167 ? -4.390  2.427   -0.596  1.00 16.96 ? 167 THR A CG2   1 
ATOM   1234 N  N     . PHE A 1 168 ? -6.723  1.819   2.025   1.00 18.69 ? 168 PHE A N     1 
ATOM   1235 C  CA    . PHE A 1 168 ? -6.759  0.682   2.931   1.00 18.90 ? 168 PHE A CA    1 
ATOM   1236 C  C     . PHE A 1 168 ? -8.116  -0.018  2.915   1.00 19.47 ? 168 PHE A C     1 
ATOM   1237 O  O     . PHE A 1 168 ? -8.184  -1.252  2.897   1.00 19.58 ? 168 PHE A O     1 
ATOM   1238 C  CB    . PHE A 1 168 ? -6.359  1.094   4.349   1.00 18.99 ? 168 PHE A CB    1 
ATOM   1239 C  CG    . PHE A 1 168 ? -4.874  1.267   4.531   1.00 18.95 ? 168 PHE A CG    1 
ATOM   1240 C  CD1   . PHE A 1 168 ? -4.266  2.494   4.275   1.00 17.58 ? 168 PHE A CD1   1 
ATOM   1241 C  CD2   . PHE A 1 168 ? -4.080  0.196   4.949   1.00 18.50 ? 168 PHE A CD2   1 
ATOM   1242 C  CE1   . PHE A 1 168 ? -2.886  2.646   4.420   1.00 18.22 ? 168 PHE A CE1   1 
ATOM   1243 C  CE2   . PHE A 1 168 ? -2.706  0.340   5.107   1.00 17.46 ? 168 PHE A CE2   1 
ATOM   1244 C  CZ    . PHE A 1 168 ? -2.110  1.570   4.848   1.00 18.50 ? 168 PHE A CZ    1 
ATOM   1245 N  N     . HIS A 1 169 ? -9.196  0.759   2.898   1.00 19.89 ? 169 HIS A N     1 
ATOM   1246 C  CA    . HIS A 1 169 ? -10.540 0.165   2.912   1.00 20.44 ? 169 HIS A CA    1 
ATOM   1247 C  C     . HIS A 1 169 ? -10.812 -0.594  1.626   1.00 20.06 ? 169 HIS A C     1 
ATOM   1248 O  O     . HIS A 1 169 ? -11.384 -1.676  1.664   1.00 20.33 ? 169 HIS A O     1 
ATOM   1249 C  CB    . HIS A 1 169 ? -11.627 1.220   3.179   1.00 20.66 ? 169 HIS A CB    1 
ATOM   1250 C  CG    . HIS A 1 169 ? -11.591 1.774   4.570   1.00 23.04 ? 169 HIS A CG    1 
ATOM   1251 N  ND1   . HIS A 1 169 ? -12.542 2.647   5.051   1.00 25.08 ? 169 HIS A ND1   1 
ATOM   1252 C  CD2   . HIS A 1 169 ? -10.708 1.583   5.583   1.00 22.88 ? 169 HIS A CD2   1 
ATOM   1253 C  CE1   . HIS A 1 169 ? -12.250 2.963   6.302   1.00 24.45 ? 169 HIS A CE1   1 
ATOM   1254 N  NE2   . HIS A 1 169 ? -11.138 2.339   6.643   1.00 22.95 ? 169 HIS A NE2   1 
ATOM   1255 N  N     . ASP A 1 170 ? -10.378 -0.037  0.502   1.00 19.99 ? 170 ASP A N     1 
ATOM   1256 C  CA    . ASP A 1 170 ? -10.504 -0.701  -0.801  1.00 20.48 ? 170 ASP A CA    1 
ATOM   1257 C  C     . ASP A 1 170 ? -9.801  -2.051  -0.901  1.00 20.81 ? 170 ASP A C     1 
ATOM   1258 O  O     . ASP A 1 170 ? -10.331 -2.982  -1.542  1.00 20.89 ? 170 ASP A O     1 
ATOM   1259 C  CB    . ASP A 1 170 ? -10.021 0.213   -1.926  1.00 20.15 ? 170 ASP A CB    1 
ATOM   1260 C  CG    . ASP A 1 170 ? -11.079 1.226   -2.332  1.00 21.44 ? 170 ASP A CG    1 
ATOM   1261 O  OD1   . ASP A 1 170 ? -10.826 2.028   -3.259  1.00 20.45 ? 170 ASP A OD1   1 
ATOM   1262 O  OD2   . ASP A 1 170 ? -12.193 1.282   -1.759  1.00 22.03 ? 170 ASP A OD2   1 
ATOM   1263 N  N     . LEU A 1 171 ? -8.621  -2.159  -0.280  1.00 20.45 ? 171 LEU A N     1 
ATOM   1264 C  CA    . LEU A 1 171 ? -7.898  -3.430  -0.235  1.00 20.84 ? 171 LEU A CA    1 
ATOM   1265 C  C     . LEU A 1 171 ? -8.721  -4.476  0.502   1.00 20.91 ? 171 LEU A C     1 
ATOM   1266 O  O     . LEU A 1 171 ? -8.823  -5.616  0.049   1.00 20.79 ? 171 LEU A O     1 
ATOM   1267 C  CB    . LEU A 1 171 ? -6.503  -3.282  0.414   1.00 20.30 ? 171 LEU A CB    1 
ATOM   1268 C  CG    . LEU A 1 171 ? -5.618  -4.543  0.489   1.00 20.55 ? 171 LEU A CG    1 
ATOM   1269 C  CD1   . LEU A 1 171 ? -5.445  -5.258  -0.868  1.00 18.69 ? 171 LEU A CD1   1 
ATOM   1270 C  CD2   . LEU A 1 171 ? -4.247  -4.245  1.121   1.00 17.38 ? 171 LEU A CD2   1 
ATOM   1271 N  N     . VAL A 1 172 ? -9.293  -4.078  1.636   1.00 21.18 ? 172 VAL A N     1 
ATOM   1272 C  CA    . VAL A 1 172 ? -10.183 -4.949  2.398   1.00 22.13 ? 172 VAL A CA    1 
ATOM   1273 C  C     . VAL A 1 172 ? -11.393 -5.364  1.546   1.00 22.85 ? 172 VAL A C     1 
ATOM   1274 O  O     . VAL A 1 172 ? -11.826 -6.519  1.603   1.00 22.87 ? 172 VAL A O     1 
ATOM   1275 C  CB    . VAL A 1 172 ? -10.657 -4.280  3.711   1.00 22.02 ? 172 VAL A CB    1 
ATOM   1276 C  CG1   . VAL A 1 172 ? -11.745 -5.119  4.405   1.00 21.94 ? 172 VAL A CG1   1 
ATOM   1277 C  CG2   . VAL A 1 172 ? -9.477  -4.061  4.647   1.00 21.18 ? 172 VAL A CG2   1 
ATOM   1278 N  N     . ARG A 1 173 ? -11.919 -4.423  0.759   1.00 23.21 ? 173 ARG A N     1 
ATOM   1279 C  CA    . ARG A 1 173 ? -13.034 -4.709  -0.150  1.00 24.14 ? 173 ARG A CA    1 
ATOM   1280 C  C     . ARG A 1 173 ? -12.606 -5.712  -1.215  1.00 24.86 ? 173 ARG A C     1 
ATOM   1281 O  O     . ARG A 1 173 ? -13.376 -6.607  -1.577  1.00 25.28 ? 173 ARG A O     1 
ATOM   1282 C  CB    . ARG A 1 173 ? -13.573 -3.437  -0.818  1.00 23.50 ? 173 ARG A CB    1 
ATOM   1283 C  CG    . ARG A 1 173 ? -14.268 -2.494  0.117   1.00 23.02 ? 173 ARG A CG    1 
ATOM   1284 C  CD    . ARG A 1 173 ? -14.812 -1.239  -0.548  1.00 22.68 ? 173 ARG A CD    1 
ATOM   1285 N  NE    . ARG A 1 173 ? -15.496 -0.387  0.428   1.00 23.33 ? 173 ARG A NE    1 
ATOM   1286 C  CZ    . ARG A 1 173 ? -15.020 0.762   0.930   1.00 23.76 ? 173 ARG A CZ    1 
ATOM   1287 N  NH1   . ARG A 1 173 ? -13.838 1.240   0.558   1.00 22.23 ? 173 ARG A NH1   1 
ATOM   1288 N  NH2   . ARG A 1 173 ? -15.742 1.437   1.813   1.00 22.67 ? 173 ARG A NH2   1 
ATOM   1289 N  N     . VAL A 1 174 ? -11.381 -5.576  -1.720  1.00 25.34 ? 174 VAL A N     1 
ATOM   1290 C  CA    . VAL A 1 174 ? -10.873 -6.552  -2.679  1.00 26.00 ? 174 VAL A CA    1 
ATOM   1291 C  C     . VAL A 1 174 ? -10.807 -7.953  -2.045  1.00 27.19 ? 174 VAL A C     1 
ATOM   1292 O  O     . VAL A 1 174 ? -11.244 -8.937  -2.653  1.00 27.65 ? 174 VAL A O     1 
ATOM   1293 C  CB    . VAL A 1 174 ? -9.518  -6.117  -3.305  1.00 25.81 ? 174 VAL A CB    1 
ATOM   1294 C  CG1   . VAL A 1 174 ? -8.880  -7.258  -4.081  1.00 25.34 ? 174 VAL A CG1   1 
ATOM   1295 C  CG2   . VAL A 1 174 ? -9.713  -4.896  -4.225  1.00 24.92 ? 174 VAL A CG2   1 
ATOM   1296 N  N     . ILE A 1 175 ? -10.287 -8.032  -0.821  1.00 28.31 ? 175 ILE A N     1 
ATOM   1297 C  CA    . ILE A 1 175 ? -10.173 -9.296  -0.102  1.00 29.56 ? 175 ILE A CA    1 
ATOM   1298 C  C     . ILE A 1 175 ? -11.549 -9.931  0.109   1.00 30.90 ? 175 ILE A C     1 
ATOM   1299 O  O     . ILE A 1 175 ? -11.726 -11.122 -0.135  1.00 31.40 ? 175 ILE A O     1 
ATOM   1300 C  CB    . ILE A 1 175 ? -9.436  -9.107  1.260   1.00 29.23 ? 175 ILE A CB    1 
ATOM   1301 C  CG1   . ILE A 1 175 ? -7.986  -8.658  1.025   1.00 28.60 ? 175 ILE A CG1   1 
ATOM   1302 C  CG2   . ILE A 1 175 ? -9.480  -10.406 2.093   1.00 29.10 ? 175 ILE A CG2   1 
ATOM   1303 C  CD1   . ILE A 1 175 ? -7.325  -7.982  2.218   1.00 27.88 ? 175 ILE A CD1   1 
ATOM   1304 N  N     . ARG A 1 176 ? -12.512 -9.124  0.553   1.00 32.28 ? 176 ARG A N     1 
ATOM   1305 C  CA    . ARG A 1 176 ? -13.870 -9.585  0.822   1.00 33.42 ? 176 ARG A CA    1 
ATOM   1306 C  C     . ARG A 1 176 ? -14.589 -10.044 -0.447  1.00 35.06 ? 176 ARG A C     1 
ATOM   1307 O  O     . ARG A 1 176 ? -15.424 -10.935 -0.394  1.00 35.57 ? 176 ARG A O     1 
ATOM   1308 C  CB    . ARG A 1 176 ? -14.694 -8.473  1.464   1.00 32.86 ? 176 ARG A CB    1 
ATOM   1309 C  CG    . ARG A 1 176 ? -14.396 -8.175  2.915   1.00 30.91 ? 176 ARG A CG    1 
ATOM   1310 C  CD    . ARG A 1 176 ? -15.142 -6.946  3.401   1.00 28.17 ? 176 ARG A CD    1 
ATOM   1311 N  NE    . ARG A 1 176 ? -14.947 -6.685  4.825   1.00 26.04 ? 176 ARG A NE    1 
ATOM   1312 C  CZ    . ARG A 1 176 ? -15.379 -5.594  5.448   1.00 23.86 ? 176 ARG A CZ    1 
ATOM   1313 N  NH1   . ARG A 1 176 ? -16.037 -4.654  4.769   1.00 22.25 ? 176 ARG A NH1   1 
ATOM   1314 N  NH2   . ARG A 1 176 ? -15.149 -5.437  6.748   1.00 20.95 ? 176 ARG A NH2   1 
ATOM   1315 N  N     . GLN A 1 177 ? -14.278 -9.427  -1.582  1.00 36.89 ? 177 GLN A N     1 
ATOM   1316 C  CA    . GLN A 1 177 ? -15.016 -9.702  -2.809  1.00 38.71 ? 177 GLN A CA    1 
ATOM   1317 C  C     . GLN A 1 177 ? -14.330 -10.733 -3.688  1.00 39.86 ? 177 GLN A C     1 
ATOM   1318 O  O     . GLN A 1 177 ? -14.758 -10.969 -4.819  1.00 40.10 ? 177 GLN A O     1 
ATOM   1319 C  CB    . GLN A 1 177 ? -15.228 -8.424  -3.615  1.00 38.69 ? 177 GLN A CB    1 
ATOM   1320 C  CG    . GLN A 1 177 ? -15.987 -7.321  -2.898  1.00 39.26 ? 177 GLN A CG    1 
ATOM   1321 C  CD    . GLN A 1 177 ? -15.673 -5.956  -3.499  1.00 39.80 ? 177 GLN A CD    1 
ATOM   1322 O  OE1   . GLN A 1 177 ? -14.847 -5.855  -4.415  1.00 39.97 ? 177 GLN A OE1   1 
ATOM   1323 N  NE2   . GLN A 1 177 ? -16.320 -4.911  -2.990  1.00 39.28 ? 177 GLN A NE2   1 
ATOM   1324 N  N     . GLN A 1 178 ? -13.257 -11.337 -3.192  1.00 41.43 ? 178 GLN A N     1 
ATOM   1325 C  CA    . GLN A 1 178 ? -12.634 -12.418 -3.944  1.00 42.94 ? 178 GLN A CA    1 
ATOM   1326 C  C     . GLN A 1 178 ? -13.469 -13.693 -3.775  1.00 43.69 ? 178 GLN A C     1 
ATOM   1327 O  O     . GLN A 1 178 ? -13.629 -14.446 -4.743  1.00 44.52 ? 178 GLN A O     1 
ATOM   1328 C  CB    . GLN A 1 178 ? -11.146 -12.604 -3.585  1.00 42.85 ? 178 GLN A CB    1 
ATOM   1329 C  CG    . GLN A 1 178 ? -10.856 -13.290 -2.251  1.00 44.16 ? 178 GLN A CG    1 
ATOM   1330 C  CD    . GLN A 1 178 ? -9.358  -13.493 -1.995  1.00 45.51 ? 178 GLN A CD    1 
ATOM   1331 O  OE1   . GLN A 1 178 ? -8.880  -13.267 -0.879  1.00 45.81 ? 178 GLN A OE1   1 
ATOM   1332 N  NE2   . GLN A 1 178 ? -8.624  -13.928 -3.021  1.00 45.58 ? 178 GLN A NE2   1 
ATOM   1333 O  OXT   . GLN A 1 178 ? -14.025 -13.965 -2.695  1.00 44.05 ? 178 GLN A OXT   1 
HETATM 1334 MG MG    . MG  B 2 .   ? 9.467   3.544   6.039   1.00 22.29 ? 180 MG  A MG    1 
HETATM 1335 P  PG    . GNP C 3 .   ? 11.504  3.321   3.495   1.00 23.21 ? 179 GNP A PG    1 
HETATM 1336 O  O1G   . GNP C 3 .   ? 12.945  3.628   3.440   1.00 24.40 ? 179 GNP A O1G   1 
HETATM 1337 O  O2G   . GNP C 3 .   ? 10.991  3.000   4.853   1.00 21.09 ? 179 GNP A O2G   1 
HETATM 1338 O  O3G   . GNP C 3 .   ? 11.320  2.229   2.452   1.00 20.62 ? 179 GNP A O3G   1 
HETATM 1339 N  N3B   . GNP C 3 .   ? 10.742  4.644   3.005   1.00 20.71 ? 179 GNP A N3B   1 
HETATM 1340 P  PB    . GNP C 3 .   ? 9.156   4.857   3.007   1.00 18.13 ? 179 GNP A PB    1 
HETATM 1341 O  O1B   . GNP C 3 .   ? 8.613   4.197   1.810   1.00 18.98 ? 179 GNP A O1B   1 
HETATM 1342 O  O2B   . GNP C 3 .   ? 8.627   4.389   4.308   1.00 17.36 ? 179 GNP A O2B   1 
HETATM 1343 O  O3A   . GNP C 3 .   ? 8.906   6.373   2.832   1.00 20.36 ? 179 GNP A O3A   1 
HETATM 1344 P  PA    . GNP C 3 .   ? 8.556   7.424   3.920   1.00 20.86 ? 179 GNP A PA    1 
HETATM 1345 O  O1A   . GNP C 3 .   ? 9.556   7.333   5.010   1.00 21.04 ? 179 GNP A O1A   1 
HETATM 1346 O  O2A   . GNP C 3 .   ? 7.144   7.339   4.371   1.00 21.91 ? 179 GNP A O2A   1 
HETATM 1347 O  "O5'" . GNP C 3 .   ? 8.622   8.803   3.183   1.00 22.04 ? 179 GNP A "O5'" 1 
HETATM 1348 C  "C5'" . GNP C 3 .   ? 9.825   9.350   2.668   1.00 23.49 ? 179 GNP A "C5'" 1 
HETATM 1349 C  "C4'" . GNP C 3 .   ? 9.714   10.872  2.703   1.00 24.01 ? 179 GNP A "C4'" 1 
HETATM 1350 O  "O4'" . GNP C 3 .   ? 8.682   11.346  1.785   1.00 23.14 ? 179 GNP A "O4'" 1 
HETATM 1351 C  "C3'" . GNP C 3 .   ? 9.371   11.508  4.050   1.00 23.47 ? 179 GNP A "C3'" 1 
HETATM 1352 O  "O3'" . GNP C 3 .   ? 10.042  12.747  4.150   1.00 23.48 ? 179 GNP A "O3'" 1 
HETATM 1353 C  "C2'" . GNP C 3 .   ? 7.869   11.760  3.950   1.00 23.81 ? 179 GNP A "C2'" 1 
HETATM 1354 O  "O2'" . GNP C 3 .   ? 7.422   12.837  4.746   1.00 24.81 ? 179 GNP A "O2'" 1 
HETATM 1355 C  "C1'" . GNP C 3 .   ? 7.699   12.108  2.476   1.00 22.07 ? 179 GNP A "C1'" 1 
HETATM 1356 N  N9    . GNP C 3 .   ? 6.370   11.759  1.957   1.00 22.27 ? 179 GNP A N9    1 
HETATM 1357 C  C8    . GNP C 3 .   ? 5.733   10.540  2.034   1.00 21.52 ? 179 GNP A C8    1 
HETATM 1358 N  N7    . GNP C 3 .   ? 4.552   10.523  1.476   1.00 21.20 ? 179 GNP A N7    1 
HETATM 1359 C  C5    . GNP C 3 .   ? 4.383   11.807  0.994   1.00 21.54 ? 179 GNP A C5    1 
HETATM 1360 C  C6    . GNP C 3 .   ? 3.296   12.394  0.289   1.00 22.14 ? 179 GNP A C6    1 
HETATM 1361 O  O6    . GNP C 3 .   ? 2.227   11.862  -0.051  1.00 22.50 ? 179 GNP A O6    1 
HETATM 1362 N  N1    . GNP C 3 .   ? 3.534   13.732  -0.028  1.00 22.45 ? 179 GNP A N1    1 
HETATM 1363 C  C2    . GNP C 3 .   ? 4.690   14.423  0.301   1.00 24.20 ? 179 GNP A C2    1 
HETATM 1364 N  N2    . GNP C 3 .   ? 4.771   15.719  -0.071  1.00 24.96 ? 179 GNP A N2    1 
HETATM 1365 N  N3    . GNP C 3 .   ? 5.704   13.879  0.968   1.00 22.32 ? 179 GNP A N3    1 
HETATM 1366 C  C4    . GNP C 3 .   ? 5.494   12.580  1.278   1.00 21.56 ? 179 GNP A C4    1 
HETATM 1367 O  O     . HOH D 4 .   ? 8.433   1.676   5.609   1.00 14.80 ? 181 HOH A O     1 
HETATM 1368 O  O     . HOH D 4 .   ? 10.179  5.345   6.368   1.00 16.77 ? 182 HOH A O     1 
HETATM 1369 O  O     . HOH D 4 .   ? 10.330  2.566   7.612   1.00 20.40 ? 183 HOH A O     1 
HETATM 1370 O  O     . HOH D 4 .   ? -7.228  10.292  3.162   1.00 22.35 ? 184 HOH A O     1 
HETATM 1371 O  O     . HOH D 4 .   ? 11.170  7.082   -3.834  1.00 23.68 ? 185 HOH A O     1 
HETATM 1372 O  O     . HOH D 4 .   ? -13.393 4.313   1.709   1.00 24.53 ? 186 HOH A O     1 
HETATM 1373 O  O     . HOH D 4 .   ? 7.001   17.722  1.015   1.00 28.24 ? 187 HOH A O     1 
HETATM 1374 O  O     . HOH D 4 .   ? -3.029  -9.826  -8.615  1.00 23.04 ? 188 HOH A O     1 
HETATM 1375 O  O     . HOH D 4 .   ? -9.762  8.442   1.816   1.00 18.64 ? 189 HOH A O     1 
HETATM 1376 O  O     . HOH D 4 .   ? 0.763   7.643   -11.891 1.00 17.56 ? 190 HOH A O     1 
HETATM 1377 O  O     . HOH D 4 .   ? -7.231  7.576   9.154   1.00 22.05 ? 191 HOH A O     1 
HETATM 1378 O  O     . HOH D 4 .   ? 13.354  4.147   -6.065  1.00 18.74 ? 192 HOH A O     1 
HETATM 1379 O  O     . HOH D 4 .   ? 9.743   9.648   -3.900  1.00 20.50 ? 193 HOH A O     1 
HETATM 1380 O  O     . HOH D 4 .   ? 8.033   1.111   -5.747  1.00 17.57 ? 194 HOH A O     1 
HETATM 1381 O  O     . HOH D 4 .   ? 6.505   11.277  6.909   1.00 23.66 ? 195 HOH A O     1 
HETATM 1382 O  O     . HOH D 4 .   ? -6.419  -6.858  -6.736  1.00 15.28 ? 196 HOH A O     1 
HETATM 1383 O  O     . HOH D 4 .   ? 1.921   10.315  7.678   1.00 18.67 ? 197 HOH A O     1 
HETATM 1384 O  O     . HOH D 4 .   ? -7.368  7.948   -7.474  1.00 16.20 ? 198 HOH A O     1 
HETATM 1385 O  O     . HOH D 4 .   ? -16.884 -4.433  2.097   1.00 30.24 ? 199 HOH A O     1 
HETATM 1386 O  O     . HOH D 4 .   ? -14.508 1.961   -3.168  1.00 31.02 ? 200 HOH A O     1 
HETATM 1387 O  O     . HOH D 4 .   ? -0.723  12.833  -14.960 1.00 29.41 ? 201 HOH A O     1 
HETATM 1388 O  O     . HOH D 4 .   ? -6.773  -13.025 0.607   1.00 29.25 ? 202 HOH A O     1 
HETATM 1389 O  O     . HOH D 4 .   ? -8.645  1.139   -10.758 1.00 24.04 ? 203 HOH A O     1 
HETATM 1390 O  O     . HOH D 4 .   ? 14.533  0.884   -2.911  1.00 25.78 ? 204 HOH A O     1 
HETATM 1391 O  O     . HOH D 4 .   ? -17.324 2.224   5.176   1.00 29.69 ? 205 HOH A O     1 
HETATM 1392 O  O     . HOH D 4 .   ? -5.535  1.860   -18.838 1.00 32.70 ? 206 HOH A O     1 
HETATM 1393 O  O     . HOH D 4 .   ? -9.607  11.564  0.272   1.00 26.69 ? 207 HOH A O     1 
HETATM 1394 O  O     . HOH D 4 .   ? -5.602  -9.238  -7.981  1.00 26.77 ? 208 HOH A O     1 
HETATM 1395 O  O     . HOH D 4 .   ? 9.369   13.606  -1.612  1.00 26.40 ? 209 HOH A O     1 
HETATM 1396 O  O     . HOH D 4 .   ? 2.646   2.078   -17.882 1.00 32.17 ? 210 HOH A O     1 
HETATM 1397 O  O     . HOH D 4 .   ? -9.303  2.979   -7.225  1.00 22.35 ? 211 HOH A O     1 
HETATM 1398 O  O     . HOH D 4 .   ? 9.684   13.705  -4.297  1.00 23.70 ? 212 HOH A O     1 
HETATM 1399 O  O     . HOH D 4 .   ? -3.412  -16.315 2.015   1.00 40.17 ? 213 HOH A O     1 
HETATM 1400 O  O     . HOH D 4 .   ? 12.355  9.999   -11.383 1.00 33.53 ? 214 HOH A O     1 
HETATM 1401 O  O     . HOH D 4 .   ? -19.153 1.762   7.511   1.00 32.61 ? 215 HOH A O     1 
HETATM 1402 O  O     . HOH D 4 .   ? 8.862   -3.230  0.255   1.00 22.91 ? 216 HOH A O     1 
HETATM 1403 O  O     . HOH D 4 .   ? 2.769   19.642  -1.173  1.00 29.19 ? 217 HOH A O     1 
HETATM 1404 O  O     . HOH D 4 .   ? -2.497  16.079  0.628   1.00 22.17 ? 218 HOH A O     1 
HETATM 1405 O  O     . HOH D 4 .   ? -7.378  9.768   5.663   1.00 27.51 ? 219 HOH A O     1 
HETATM 1406 O  O     . HOH D 4 .   ? 10.637  -4.106  -12.182 1.00 36.32 ? 220 HOH A O     1 
HETATM 1407 O  O     . HOH D 4 .   ? -7.103  -10.726 -6.191  1.00 38.97 ? 221 HOH A O     1 
HETATM 1408 O  O     . HOH D 4 .   ? -11.025 9.441   -0.485  1.00 25.31 ? 222 HOH A O     1 
HETATM 1409 O  O     . HOH D 4 .   ? 7.300   20.992  -13.113 1.00 32.81 ? 223 HOH A O     1 
HETATM 1410 O  O     . HOH D 4 .   ? -8.970  -6.720  -7.778  1.00 32.52 ? 224 HOH A O     1 
HETATM 1411 O  O     . HOH D 4 .   ? 4.342   10.790  8.850   1.00 23.61 ? 225 HOH A O     1 
HETATM 1412 O  O     . HOH D 4 .   ? 15.512  3.824   5.090   1.00 41.09 ? 226 HOH A O     1 
HETATM 1413 O  O     . HOH D 4 .   ? 7.308   -1.998  -13.298 1.00 36.09 ? 227 HOH A O     1 
HETATM 1414 O  O     . HOH D 4 .   ? 8.151   15.448  0.591   1.00 28.19 ? 228 HOH A O     1 
HETATM 1415 O  O     . HOH D 4 .   ? -9.609  -3.035  -11.168 1.00 39.06 ? 229 HOH A O     1 
HETATM 1416 O  O     . HOH D 4 .   ? -9.179  1.094   -5.298  1.00 22.72 ? 230 HOH A O     1 
HETATM 1417 O  O     . HOH D 4 .   ? -6.090  10.005  8.071   1.00 24.15 ? 231 HOH A O     1 
HETATM 1418 O  O     . HOH D 4 .   ? 2.476   2.463   18.031  1.00 35.98 ? 232 HOH A O     1 
HETATM 1419 O  O     . HOH D 4 .   ? -7.509  -2.686  17.599  1.00 37.46 ? 233 HOH A O     1 
HETATM 1420 O  O     . HOH D 4 .   ? -10.987 -1.141  -5.818  1.00 33.84 ? 234 HOH A O     1 
HETATM 1421 O  O     . HOH D 4 .   ? 0.994   17.974  6.709   1.00 35.55 ? 235 HOH A O     1 
HETATM 1422 O  O     . HOH D 4 .   ? 9.293   17.358  -12.676 1.00 32.79 ? 236 HOH A O     1 
HETATM 1423 O  O     . HOH D 4 .   ? 13.922  7.433   -11.032 1.00 33.17 ? 237 HOH A O     1 
HETATM 1424 O  O     . HOH D 4 .   ? 12.099  13.264  -0.822  1.00 32.66 ? 238 HOH A O     1 
HETATM 1425 O  O     . HOH D 4 .   ? -11.382 9.015   -5.012  1.00 40.96 ? 239 HOH A O     1 
HETATM 1426 O  O     . HOH D 4 .   ? -11.185 -5.381  -7.452  1.00 34.38 ? 240 HOH A O     1 
HETATM 1427 O  O     . HOH D 4 .   ? 2.648   -0.554  -18.091 1.00 41.93 ? 241 HOH A O     1 
HETATM 1428 O  O     . HOH D 4 .   ? 0.159   -10.211 -14.616 1.00 37.71 ? 242 HOH A O     1 
HETATM 1429 O  O     . HOH D 4 .   ? 12.949  8.888   -2.364  1.00 35.04 ? 243 HOH A O     1 
HETATM 1430 O  O     . HOH D 4 .   ? 12.022  -1.461  -0.104  1.00 33.96 ? 244 HOH A O     1 
HETATM 1431 O  O     . HOH D 4 .   ? 13.722  -12.636 -9.915  1.00 37.84 ? 245 HOH A O     1 
HETATM 1432 O  O     . HOH D 4 .   ? -2.390  11.310  -17.613 1.00 40.43 ? 246 HOH A O     1 
HETATM 1433 O  O     . HOH D 4 .   ? -5.538  -13.062 8.684   1.00 39.21 ? 247 HOH A O     1 
HETATM 1434 O  O     . HOH D 4 .   ? 11.721  11.062  -5.069  1.00 33.71 ? 248 HOH A O     1 
HETATM 1435 O  O     . HOH D 4 .   ? -14.162 3.091   -6.579  1.00 42.37 ? 249 HOH A O     1 
HETATM 1436 O  O     . HOH D 4 .   ? 11.349  -0.772  8.745   1.00 39.29 ? 250 HOH A O     1 
HETATM 1437 O  O     . HOH D 4 .   ? -9.820  12.259  2.874   1.00 42.58 ? 251 HOH A O     1 
HETATM 1438 O  O     . HOH D 4 .   ? -13.629 8.589   -0.364  1.00 31.67 ? 252 HOH A O     1 
HETATM 1439 O  O     . HOH D 4 .   ? 14.680  5.382   -14.012 1.00 42.79 ? 253 HOH A O     1 
HETATM 1440 O  O     . HOH D 4 .   ? -4.905  14.078  9.216   1.00 37.59 ? 254 HOH A O     1 
HETATM 1441 O  O     . HOH D 4 .   ? 19.318  -1.165  -12.336 1.00 40.81 ? 255 HOH A O     1 
HETATM 1442 O  O     . HOH D 4 .   ? -12.737 -6.941  -6.098  1.00 37.71 ? 256 HOH A O     1 
HETATM 1443 O  O     . HOH D 4 .   ? 2.300   -1.857  17.500  0.50 39.15 ? 257 HOH A O     1 
HETATM 1444 O  O     . HOH D 4 .   ? 11.619  10.588  -0.490  1.00 28.62 ? 258 HOH A O     1 
HETATM 1445 O  O     . HOH D 4 .   ? -2.101  -9.526  -10.818 1.00 26.67 ? 259 HOH A O     1 
HETATM 1446 O  O     . HOH D 4 .   ? 12.645  6.955   3.228   1.00 33.62 ? 260 HOH A O     1 
HETATM 1447 O  O     . HOH D 4 .   ? -18.559 1.182   -0.343  1.00 38.44 ? 261 HOH A O     1 
HETATM 1448 O  O     . HOH D 4 .   ? 5.062   3.083   -18.527 1.00 34.26 ? 262 HOH A O     1 
HETATM 1449 O  O     . HOH D 4 .   ? -2.744  14.210  -13.420 1.00 41.77 ? 263 HOH A O     1 
HETATM 1450 O  O     . HOH D 4 .   ? -19.451 3.164   15.927  1.00 44.48 ? 264 HOH A O     1 
HETATM 1451 O  O     . HOH D 4 .   ? 7.712   8.669   6.998   1.00 35.04 ? 265 HOH A O     1 
HETATM 1452 O  O     . HOH D 4 .   ? -3.881  -18.915 -8.508  1.00 47.79 ? 266 HOH A O     1 
HETATM 1453 O  O     . HOH D 4 .   ? 5.819   3.625   10.845  1.00 40.43 ? 267 HOH A O     1 
HETATM 1454 O  O     . HOH D 4 .   ? 11.670  -4.814  6.223   1.00 38.34 ? 268 HOH A O     1 
HETATM 1455 O  O     . HOH D 4 .   ? 8.395   -6.519  14.667  1.00 41.22 ? 269 HOH A O     1 
HETATM 1456 O  O     . HOH D 4 .   ? -15.470 4.250   -1.076  1.00 40.07 ? 270 HOH A O     1 
HETATM 1457 O  O     . HOH D 4 .   ? -10.189 -13.634 -10.364 1.00 41.60 ? 271 HOH A O     1 
HETATM 1458 O  O     . HOH D 4 .   ? -9.652  -13.508 10.613  1.00 39.26 ? 272 HOH A O     1 
HETATM 1459 O  O     . HOH D 4 .   ? -17.556 3.181   12.684  1.00 38.14 ? 273 HOH A O     1 
HETATM 1460 O  O     . HOH D 4 .   ? -6.444  0.851   -14.525 1.00 39.99 ? 274 HOH A O     1 
HETATM 1461 O  O     . HOH D 4 .   ? 0.178   20.074  5.131   1.00 36.81 ? 275 HOH A O     1 
HETATM 1462 O  O     . HOH D 4 .   ? -0.391  11.869  -19.669 1.00 48.06 ? 276 HOH A O     1 
HETATM 1463 O  O     . HOH D 4 .   ? -9.576  -9.651  -7.073  1.00 33.25 ? 277 HOH A O     1 
HETATM 1464 O  O     . HOH D 4 .   ? 10.758  14.179  -9.126  1.00 42.80 ? 278 HOH A O     1 
# 
loop_
_pdbx_poly_seq_scheme.asym_id 
_pdbx_poly_seq_scheme.entity_id 
_pdbx_poly_seq_scheme.seq_id 
_pdbx_poly_seq_scheme.mon_id 
_pdbx_poly_seq_scheme.ndb_seq_num 
_pdbx_poly_seq_scheme.pdb_seq_num 
_pdbx_poly_seq_scheme.auth_seq_num 
_pdbx_poly_seq_scheme.pdb_mon_id 
_pdbx_poly_seq_scheme.auth_mon_id 
_pdbx_poly_seq_scheme.pdb_strand_id 
_pdbx_poly_seq_scheme.pdb_ins_code 
_pdbx_poly_seq_scheme.hetero 
A 1 1   MET 1   1   ?   ?   ?   A . n 
A 1 2   ALA 2   2   ?   ?   ?   A . n 
A 1 3   THR 3   3   ?   ?   ?   A . n 
A 1 4   SER 4   4   ?   ?   ?   A . n 
A 1 5   ALA 5   5   ?   ?   ?   A . n 
A 1 6   VAL 6   6   ?   ?   ?   A . n 
A 1 7   PRO 7   7   ?   ?   ?   A . n 
A 1 8   SER 8   8   ?   ?   ?   A . n 
A 1 9   GLU 9   9   ?   ?   ?   A . n 
A 1 10  ASN 10  10  ?   ?   ?   A . n 
A 1 11  LEU 11  11  11  LEU LEU A . n 
A 1 12  PRO 12  12  12  PRO PRO A . n 
A 1 13  THR 13  13  13  THR THR A . n 
A 1 14  TYR 14  14  14  TYR TYR A . n 
A 1 15  LYS 15  15  15  LYS LYS A . n 
A 1 16  LEU 16  16  16  LEU LEU A . n 
A 1 17  VAL 17  17  17  VAL VAL A . n 
A 1 18  VAL 18  18  18  VAL VAL A . n 
A 1 19  VAL 19  19  19  VAL VAL A . n 
A 1 20  GLY 20  20  20  GLY GLY A . n 
A 1 21  ASP 21  21  21  ASP ASP A . n 
A 1 22  GLY 22  22  22  GLY GLY A . n 
A 1 23  GLY 23  23  23  GLY GLY A . n 
A 1 24  VAL 24  24  24  VAL VAL A . n 
A 1 25  GLY 25  25  25  GLY GLY A . n 
A 1 26  LYS 26  26  26  LYS LYS A . n 
A 1 27  SER 27  27  27  SER SER A . n 
A 1 28  ALA 28  28  28  ALA ALA A . n 
A 1 29  LEU 29  29  29  LEU LEU A . n 
A 1 30  THR 30  30  30  THR THR A . n 
A 1 31  ILE 31  31  31  ILE ILE A . n 
A 1 32  GLN 32  32  32  GLN GLN A . n 
A 1 33  PHE 33  33  33  PHE PHE A . n 
A 1 34  PHE 34  34  34  PHE PHE A . n 
A 1 35  GLN 35  35  35  GLN GLN A . n 
A 1 36  LYS 36  36  36  LYS LYS A . n 
A 1 37  ILE 37  37  37  ILE ILE A . n 
A 1 38  PHE 38  38  38  PHE PHE A . n 
A 1 39  VAL 39  39  39  VAL VAL A . n 
A 1 40  PRO 40  40  40  PRO PRO A . n 
A 1 41  ASP 41  41  41  ASP ASP A . n 
A 1 42  TYR 42  42  42  TYR TYR A . n 
A 1 43  ASP 43  43  43  ASP ASP A . n 
A 1 44  PRO 44  44  44  PRO PRO A . n 
A 1 45  THR 45  45  45  THR THR A . n 
A 1 46  ILE 46  46  46  ILE ILE A . n 
A 1 47  GLU 47  47  47  GLU GLU A . n 
A 1 48  ASP 48  48  48  ASP ASP A . n 
A 1 49  SER 49  49  49  SER SER A . n 
A 1 50  TYR 50  50  50  TYR TYR A . n 
A 1 51  LEU 51  51  51  LEU LEU A . n 
A 1 52  LYS 52  52  52  LYS LYS A . n 
A 1 53  HIS 53  53  53  HIS HIS A . n 
A 1 54  THR 54  54  54  THR THR A . n 
A 1 55  GLU 55  55  55  GLU GLU A . n 
A 1 56  ILE 56  56  56  ILE ILE A . n 
A 1 57  ASP 57  57  57  ASP ASP A . n 
A 1 58  ASN 58  58  58  ASN ASN A . n 
A 1 59  GLN 59  59  59  GLN GLN A . n 
A 1 60  TRP 60  60  60  TRP TRP A . n 
A 1 61  ALA 61  61  61  ALA ALA A . n 
A 1 62  ILE 62  62  62  ILE ILE A . n 
A 1 63  LEU 63  63  63  LEU LEU A . n 
A 1 64  ASP 64  64  64  ASP ASP A . n 
A 1 65  VAL 65  65  65  VAL VAL A . n 
A 1 66  LEU 66  66  66  LEU LEU A . n 
A 1 67  ASP 67  67  67  ASP ASP A . n 
A 1 68  THR 68  68  68  THR THR A . n 
A 1 69  ALA 69  69  ?   ?   ?   A . n 
A 1 70  GLY 70  70  ?   ?   ?   A . n 
A 1 71  GLN 71  71  ?   ?   ?   A . n 
A 1 72  GLU 72  72  ?   ?   ?   A . n 
A 1 73  GLU 73  73  ?   ?   ?   A . n 
A 1 74  PHE 74  74  74  PHE PHE A . n 
A 1 75  SER 75  75  75  SER SER A . n 
A 1 76  ALA 76  76  76  ALA ALA A . n 
A 1 77  MET 77  77  77  MET MET A . n 
A 1 78  ARG 78  78  78  ARG ARG A . n 
A 1 79  GLU 79  79  79  GLU GLU A . n 
A 1 80  GLN 80  80  80  GLN GLN A . n 
A 1 81  TYR 81  81  81  TYR TYR A . n 
A 1 82  MET 82  82  82  MET MET A . n 
A 1 83  ARG 83  83  83  ARG ARG A . n 
A 1 84  THR 84  84  84  THR THR A . n 
A 1 85  GLY 85  85  85  GLY GLY A . n 
A 1 86  ASP 86  86  86  ASP ASP A . n 
A 1 87  GLY 87  87  87  GLY GLY A . n 
A 1 88  PHE 88  88  88  PHE PHE A . n 
A 1 89  LEU 89  89  89  LEU LEU A . n 
A 1 90  ILE 90  90  90  ILE ILE A . n 
A 1 91  VAL 91  91  91  VAL VAL A . n 
A 1 92  TYR 92  92  92  TYR TYR A . n 
A 1 93  SER 93  93  93  SER SER A . n 
A 1 94  VAL 94  94  94  VAL VAL A . n 
A 1 95  THR 95  95  95  THR THR A . n 
A 1 96  ASP 96  96  96  ASP ASP A . n 
A 1 97  LYS 97  97  97  LYS LYS A . n 
A 1 98  ALA 98  98  98  ALA ALA A . n 
A 1 99  SER 99  99  99  SER SER A . n 
A 1 100 PHE 100 100 100 PHE PHE A . n 
A 1 101 GLU 101 101 101 GLU GLU A . n 
A 1 102 HIS 102 102 102 HIS HIS A . n 
A 1 103 VAL 103 103 103 VAL VAL A . n 
A 1 104 ASP 104 104 104 ASP ASP A . n 
A 1 105 ARG 105 105 105 ARG ARG A . n 
A 1 106 PHE 106 106 106 PHE PHE A . n 
A 1 107 HIS 107 107 107 HIS HIS A . n 
A 1 108 GLN 108 108 108 GLN GLN A . n 
A 1 109 LEU 109 109 109 LEU LEU A . n 
A 1 110 ILE 110 110 110 ILE ILE A . n 
A 1 111 LEU 111 111 111 LEU LEU A . n 
A 1 112 ARG 112 112 112 ARG ARG A . n 
A 1 113 VAL 113 113 113 VAL VAL A . n 
A 1 114 LYS 114 114 114 LYS LYS A . n 
A 1 115 ASP 115 115 115 ASP ASP A . n 
A 1 116 ARG 116 116 116 ARG ARG A . n 
A 1 117 GLU 117 117 117 GLU GLU A . n 
A 1 118 SER 118 118 118 SER SER A . n 
A 1 119 PHE 119 119 119 PHE PHE A . n 
A 1 120 PRO 120 120 120 PRO PRO A . n 
A 1 121 MET 121 121 121 MET MET A . n 
A 1 122 ILE 122 122 122 ILE ILE A . n 
A 1 123 LEU 123 123 123 LEU LEU A . n 
A 1 124 VAL 124 124 124 VAL VAL A . n 
A 1 125 ALA 125 125 125 ALA ALA A . n 
A 1 126 ASN 126 126 126 ASN ASN A . n 
A 1 127 LYS 127 127 127 LYS LYS A . n 
A 1 128 VAL 128 128 128 VAL VAL A . n 
A 1 129 ASP 129 129 129 ASP ASP A . n 
A 1 130 LEU 130 130 130 LEU LEU A . n 
A 1 131 MET 131 131 131 MET MET A . n 
A 1 132 HIS 132 132 132 HIS HIS A . n 
A 1 133 LEU 133 133 133 LEU LEU A . n 
A 1 134 ARG 134 134 134 ARG ARG A . n 
A 1 135 LYS 135 135 135 LYS LYS A . n 
A 1 136 VAL 136 136 136 VAL VAL A . n 
A 1 137 THR 137 137 137 THR THR A . n 
A 1 138 ARG 138 138 138 ARG ARG A . n 
A 1 139 ASP 139 139 139 ASP ASP A . n 
A 1 140 GLN 140 140 140 GLN GLN A . n 
A 1 141 GLY 141 141 141 GLY GLY A . n 
A 1 142 LYS 142 142 142 LYS LYS A . n 
A 1 143 GLU 143 143 143 GLU GLU A . n 
A 1 144 MET 144 144 144 MET MET A . n 
A 1 145 ALA 145 145 145 ALA ALA A . n 
A 1 146 THR 146 146 146 THR THR A . n 
A 1 147 LYS 147 147 147 LYS LYS A . n 
A 1 148 TYR 148 148 148 TYR TYR A . n 
A 1 149 ASN 149 149 149 ASN ASN A . n 
A 1 150 ILE 150 150 150 ILE ILE A . n 
A 1 151 PRO 151 151 151 PRO PRO A . n 
A 1 152 TYR 152 152 152 TYR TYR A . n 
A 1 153 ILE 153 153 153 ILE ILE A . n 
A 1 154 GLU 154 154 154 GLU GLU A . n 
A 1 155 THR 155 155 155 THR THR A . n 
A 1 156 SER 156 156 156 SER SER A . n 
A 1 157 ALA 157 157 157 ALA ALA A . n 
A 1 158 LYS 158 158 158 LYS LYS A . n 
A 1 159 ASP 159 159 159 ASP ASP A . n 
A 1 160 PRO 160 160 160 PRO PRO A . n 
A 1 161 PRO 161 161 161 PRO PRO A . n 
A 1 162 LEU 162 162 162 LEU LEU A . n 
A 1 163 ASN 163 163 163 ASN ASN A . n 
A 1 164 VAL 164 164 164 VAL VAL A . n 
A 1 165 ASP 165 165 165 ASP ASP A . n 
A 1 166 LYS 166 166 166 LYS LYS A . n 
A 1 167 THR 167 167 167 THR THR A . n 
A 1 168 PHE 168 168 168 PHE PHE A . n 
A 1 169 HIS 169 169 169 HIS HIS A . n 
A 1 170 ASP 170 170 170 ASP ASP A . n 
A 1 171 LEU 171 171 171 LEU LEU A . n 
A 1 172 VAL 172 172 172 VAL VAL A . n 
A 1 173 ARG 173 173 173 ARG ARG A . n 
A 1 174 VAL 174 174 174 VAL VAL A . n 
A 1 175 ILE 175 175 175 ILE ILE A . n 
A 1 176 ARG 176 176 176 ARG ARG A . n 
A 1 177 GLN 177 177 177 GLN GLN A . n 
A 1 178 GLN 178 178 178 GLN GLN A . n 
# 
loop_
_pdbx_nonpoly_scheme.asym_id 
_pdbx_nonpoly_scheme.entity_id 
_pdbx_nonpoly_scheme.mon_id 
_pdbx_nonpoly_scheme.ndb_seq_num 
_pdbx_nonpoly_scheme.pdb_seq_num 
_pdbx_nonpoly_scheme.auth_seq_num 
_pdbx_nonpoly_scheme.pdb_mon_id 
_pdbx_nonpoly_scheme.auth_mon_id 
_pdbx_nonpoly_scheme.pdb_strand_id 
_pdbx_nonpoly_scheme.pdb_ins_code 
B 2 MG  1  180 180 MG  MG  A . 
C 3 GNP 1  179 179 GNP GNP A . 
D 4 HOH 1  181 1   HOH HOH A . 
D 4 HOH 2  182 2   HOH HOH A . 
D 4 HOH 3  183 3   HOH HOH A . 
D 4 HOH 4  184 4   HOH HOH A . 
D 4 HOH 5  185 5   HOH HOH A . 
D 4 HOH 6  186 6   HOH HOH A . 
D 4 HOH 7  187 7   HOH HOH A . 
D 4 HOH 8  188 8   HOH HOH A . 
D 4 HOH 9  189 9   HOH HOH A . 
D 4 HOH 10 190 10  HOH HOH A . 
D 4 HOH 11 191 11  HOH HOH A . 
D 4 HOH 12 192 12  HOH HOH A . 
D 4 HOH 13 193 13  HOH HOH A . 
D 4 HOH 14 194 14  HOH HOH A . 
D 4 HOH 15 195 15  HOH HOH A . 
D 4 HOH 16 196 16  HOH HOH A . 
D 4 HOH 17 197 17  HOH HOH A . 
D 4 HOH 18 198 18  HOH HOH A . 
D 4 HOH 19 199 19  HOH HOH A . 
D 4 HOH 20 200 20  HOH HOH A . 
D 4 HOH 21 201 21  HOH HOH A . 
D 4 HOH 22 202 22  HOH HOH A . 
D 4 HOH 23 203 23  HOH HOH A . 
D 4 HOH 24 204 24  HOH HOH A . 
D 4 HOH 25 205 25  HOH HOH A . 
D 4 HOH 26 206 26  HOH HOH A . 
D 4 HOH 27 207 27  HOH HOH A . 
D 4 HOH 28 208 28  HOH HOH A . 
D 4 HOH 29 209 29  HOH HOH A . 
D 4 HOH 30 210 30  HOH HOH A . 
D 4 HOH 31 211 31  HOH HOH A . 
D 4 HOH 32 212 32  HOH HOH A . 
D 4 HOH 33 213 33  HOH HOH A . 
D 4 HOH 34 214 34  HOH HOH A . 
D 4 HOH 35 215 35  HOH HOH A . 
D 4 HOH 36 216 36  HOH HOH A . 
D 4 HOH 37 217 37  HOH HOH A . 
D 4 HOH 38 218 38  HOH HOH A . 
D 4 HOH 39 219 39  HOH HOH A . 
D 4 HOH 40 220 40  HOH HOH A . 
D 4 HOH 41 221 41  HOH HOH A . 
D 4 HOH 42 222 42  HOH HOH A . 
D 4 HOH 43 223 43  HOH HOH A . 
D 4 HOH 44 224 44  HOH HOH A . 
D 4 HOH 45 225 45  HOH HOH A . 
D 4 HOH 46 226 46  HOH HOH A . 
D 4 HOH 47 227 47  HOH HOH A . 
D 4 HOH 48 228 48  HOH HOH A . 
D 4 HOH 49 229 49  HOH HOH A . 
D 4 HOH 50 230 50  HOH HOH A . 
D 4 HOH 51 231 51  HOH HOH A . 
D 4 HOH 52 232 52  HOH HOH A . 
D 4 HOH 53 233 53  HOH HOH A . 
D 4 HOH 54 234 54  HOH HOH A . 
D 4 HOH 55 235 55  HOH HOH A . 
D 4 HOH 56 236 56  HOH HOH A . 
D 4 HOH 57 237 57  HOH HOH A . 
D 4 HOH 58 238 58  HOH HOH A . 
D 4 HOH 59 239 59  HOH HOH A . 
D 4 HOH 60 240 60  HOH HOH A . 
D 4 HOH 61 241 61  HOH HOH A . 
D 4 HOH 62 242 62  HOH HOH A . 
D 4 HOH 63 243 63  HOH HOH A . 
D 4 HOH 64 244 64  HOH HOH A . 
D 4 HOH 65 245 65  HOH HOH A . 
D 4 HOH 66 246 66  HOH HOH A . 
D 4 HOH 67 247 67  HOH HOH A . 
D 4 HOH 68 248 68  HOH HOH A . 
D 4 HOH 69 249 69  HOH HOH A . 
D 4 HOH 70 250 70  HOH HOH A . 
D 4 HOH 71 251 71  HOH HOH A . 
D 4 HOH 72 252 72  HOH HOH A . 
D 4 HOH 73 253 73  HOH HOH A . 
D 4 HOH 74 254 74  HOH HOH A . 
D 4 HOH 75 255 75  HOH HOH A . 
D 4 HOH 76 256 76  HOH HOH A . 
D 4 HOH 77 257 77  HOH HOH A . 
D 4 HOH 78 258 78  HOH HOH A . 
D 4 HOH 79 259 79  HOH HOH A . 
D 4 HOH 80 260 80  HOH HOH A . 
D 4 HOH 81 261 81  HOH HOH A . 
D 4 HOH 82 262 82  HOH HOH A . 
D 4 HOH 83 263 83  HOH HOH A . 
D 4 HOH 84 264 84  HOH HOH A . 
D 4 HOH 85 265 85  HOH HOH A . 
D 4 HOH 86 266 86  HOH HOH A . 
D 4 HOH 87 267 87  HOH HOH A . 
D 4 HOH 88 268 88  HOH HOH A . 
D 4 HOH 89 269 89  HOH HOH A . 
D 4 HOH 90 270 90  HOH HOH A . 
D 4 HOH 91 271 91  HOH HOH A . 
D 4 HOH 92 272 92  HOH HOH A . 
D 4 HOH 93 273 93  HOH HOH A . 
D 4 HOH 94 274 94  HOH HOH A . 
D 4 HOH 95 275 95  HOH HOH A . 
D 4 HOH 96 276 96  HOH HOH A . 
D 4 HOH 97 277 97  HOH HOH A . 
D 4 HOH 98 278 98  HOH HOH A . 
# 
_pdbx_struct_assembly.id                   1 
_pdbx_struct_assembly.details              author_defined_assembly 
_pdbx_struct_assembly.method_details       ? 
_pdbx_struct_assembly.oligomeric_details   monomeric 
_pdbx_struct_assembly.oligomeric_count     1 
# 
_pdbx_struct_assembly_gen.assembly_id       1 
_pdbx_struct_assembly_gen.oper_expression   1 
_pdbx_struct_assembly_gen.asym_id_list      A,B,C,D 
# 
_pdbx_struct_oper_list.id                   1 
_pdbx_struct_oper_list.type                 'identity operation' 
_pdbx_struct_oper_list.name                 1_555 
_pdbx_struct_oper_list.symmetry_operation   x,y,z 
_pdbx_struct_oper_list.matrix[1][1]         1.0000000000 
_pdbx_struct_oper_list.matrix[1][2]         0.0000000000 
_pdbx_struct_oper_list.matrix[1][3]         0.0000000000 
_pdbx_struct_oper_list.vector[1]            0.0000000000 
_pdbx_struct_oper_list.matrix[2][1]         0.0000000000 
_pdbx_struct_oper_list.matrix[2][2]         1.0000000000 
_pdbx_struct_oper_list.matrix[2][3]         0.0000000000 
_pdbx_struct_oper_list.vector[2]            0.0000000000 
_pdbx_struct_oper_list.matrix[3][1]         0.0000000000 
_pdbx_struct_oper_list.matrix[3][2]         0.0000000000 
_pdbx_struct_oper_list.matrix[3][3]         1.0000000000 
_pdbx_struct_oper_list.vector[3]            0.0000000000 
# 
loop_
_pdbx_struct_conn_angle.id 
_pdbx_struct_conn_angle.ptnr1_label_atom_id 
_pdbx_struct_conn_angle.ptnr1_label_alt_id 
_pdbx_struct_conn_angle.ptnr1_label_asym_id 
_pdbx_struct_conn_angle.ptnr1_label_comp_id 
_pdbx_struct_conn_angle.ptnr1_label_seq_id 
_pdbx_struct_conn_angle.ptnr1_auth_atom_id 
_pdbx_struct_conn_angle.ptnr1_auth_asym_id 
_pdbx_struct_conn_angle.ptnr1_auth_comp_id 
_pdbx_struct_conn_angle.ptnr1_auth_seq_id 
_pdbx_struct_conn_angle.ptnr1_PDB_ins_code 
_pdbx_struct_conn_angle.ptnr1_symmetry 
_pdbx_struct_conn_angle.ptnr2_label_atom_id 
_pdbx_struct_conn_angle.ptnr2_label_alt_id 
_pdbx_struct_conn_angle.ptnr2_label_asym_id 
_pdbx_struct_conn_angle.ptnr2_label_comp_id 
_pdbx_struct_conn_angle.ptnr2_label_seq_id 
_pdbx_struct_conn_angle.ptnr2_auth_atom_id 
_pdbx_struct_conn_angle.ptnr2_auth_asym_id 
_pdbx_struct_conn_angle.ptnr2_auth_comp_id 
_pdbx_struct_conn_angle.ptnr2_auth_seq_id 
_pdbx_struct_conn_angle.ptnr2_PDB_ins_code 
_pdbx_struct_conn_angle.ptnr2_symmetry 
_pdbx_struct_conn_angle.ptnr3_label_atom_id 
_pdbx_struct_conn_angle.ptnr3_label_alt_id 
_pdbx_struct_conn_angle.ptnr3_label_asym_id 
_pdbx_struct_conn_angle.ptnr3_label_comp_id 
_pdbx_struct_conn_angle.ptnr3_label_seq_id 
_pdbx_struct_conn_angle.ptnr3_auth_atom_id 
_pdbx_struct_conn_angle.ptnr3_auth_asym_id 
_pdbx_struct_conn_angle.ptnr3_auth_comp_id 
_pdbx_struct_conn_angle.ptnr3_auth_seq_id 
_pdbx_struct_conn_angle.ptnr3_PDB_ins_code 
_pdbx_struct_conn_angle.ptnr3_symmetry 
_pdbx_struct_conn_angle.value 
_pdbx_struct_conn_angle.value_esd 
1  OG  ? A SER 27 ? A SER 27  ? 1_555 MG ? B MG . ? A MG 180 ? 1_555 O2G ? C GNP . ? A GNP 179 ? 1_555 171.1 ? 
2  OG  ? A SER 27 ? A SER 27  ? 1_555 MG ? B MG . ? A MG 180 ? 1_555 O2B ? C GNP . ? A GNP 179 ? 1_555 89.5  ? 
3  O2G ? C GNP .  ? A GNP 179 ? 1_555 MG ? B MG . ? A MG 180 ? 1_555 O2B ? C GNP . ? A GNP 179 ? 1_555 85.7  ? 
4  OG  ? A SER 27 ? A SER 27  ? 1_555 MG ? B MG . ? A MG 180 ? 1_555 O   ? D HOH . ? A HOH 181 ? 1_555 81.8  ? 
5  O2G ? C GNP .  ? A GNP 179 ? 1_555 MG ? B MG . ? A MG 180 ? 1_555 O   ? D HOH . ? A HOH 181 ? 1_555 90.7  ? 
6  O2B ? C GNP .  ? A GNP 179 ? 1_555 MG ? B MG . ? A MG 180 ? 1_555 O   ? D HOH . ? A HOH 181 ? 1_555 89.6  ? 
7  OG  ? A SER 27 ? A SER 27  ? 1_555 MG ? B MG . ? A MG 180 ? 1_555 O   ? D HOH . ? A HOH 182 ? 1_555 92.9  ? 
8  O2G ? C GNP .  ? A GNP 179 ? 1_555 MG ? B MG . ? A MG 180 ? 1_555 O   ? D HOH . ? A HOH 182 ? 1_555 94.1  ? 
9  O2B ? C GNP .  ? A GNP 179 ? 1_555 MG ? B MG . ? A MG 180 ? 1_555 O   ? D HOH . ? A HOH 182 ? 1_555 85.1  ? 
10 O   ? D HOH .  ? A HOH 181 ? 1_555 MG ? B MG . ? A MG 180 ? 1_555 O   ? D HOH . ? A HOH 182 ? 1_555 172.5 ? 
11 OG  ? A SER 27 ? A SER 27  ? 1_555 MG ? B MG . ? A MG 180 ? 1_555 O   ? D HOH . ? A HOH 183 ? 1_555 94.0  ? 
12 O2G ? C GNP .  ? A GNP 179 ? 1_555 MG ? B MG . ? A MG 180 ? 1_555 O   ? D HOH . ? A HOH 183 ? 1_555 90.3  ? 
13 O2B ? C GNP .  ? A GNP 179 ? 1_555 MG ? B MG . ? A MG 180 ? 1_555 O   ? D HOH . ? A HOH 183 ? 1_555 174.5 ? 
14 O   ? D HOH .  ? A HOH 181 ? 1_555 MG ? B MG . ? A MG 180 ? 1_555 O   ? D HOH . ? A HOH 183 ? 1_555 86.7  ? 
15 O   ? D HOH .  ? A HOH 182 ? 1_555 MG ? B MG . ? A MG 180 ? 1_555 O   ? D HOH . ? A HOH 183 ? 1_555 99.0  ? 
# 
loop_
_pdbx_audit_revision_history.ordinal 
_pdbx_audit_revision_history.data_content_type 
_pdbx_audit_revision_history.major_revision 
_pdbx_audit_revision_history.minor_revision 
_pdbx_audit_revision_history.revision_date 
1 'Structure model' 1 0 2005-07-26 
2 'Structure model' 1 1 2008-04-30 
3 'Structure model' 1 2 2011-07-13 
4 'Structure model' 1 3 2023-10-25 
# 
_pdbx_audit_revision_details.ordinal             1 
_pdbx_audit_revision_details.revision_ordinal    1 
_pdbx_audit_revision_details.data_content_type   'Structure model' 
_pdbx_audit_revision_details.provider            repository 
_pdbx_audit_revision_details.type                'Initial release' 
_pdbx_audit_revision_details.description         ? 
_pdbx_audit_revision_details.details             ? 
# 
loop_
_pdbx_audit_revision_group.ordinal 
_pdbx_audit_revision_group.revision_ordinal 
_pdbx_audit_revision_group.data_content_type 
_pdbx_audit_revision_group.group 
1 2 'Structure model' 'Version format compliance' 
2 3 'Structure model' 'Version format compliance' 
3 4 'Structure model' 'Data collection'           
4 4 'Structure model' 'Database references'       
5 4 'Structure model' 'Derived calculations'      
6 4 'Structure model' 'Refinement description'    
# 
loop_
_pdbx_audit_revision_category.ordinal 
_pdbx_audit_revision_category.revision_ordinal 
_pdbx_audit_revision_category.data_content_type 
_pdbx_audit_revision_category.category 
1 4 'Structure model' chem_comp_atom                
2 4 'Structure model' chem_comp_bond                
3 4 'Structure model' database_2                    
4 4 'Structure model' pdbx_initial_refinement_model 
5 4 'Structure model' pdbx_struct_conn_angle        
6 4 'Structure model' struct_conn                   
7 4 'Structure model' struct_site                   
# 
loop_
_pdbx_audit_revision_item.ordinal 
_pdbx_audit_revision_item.revision_ordinal 
_pdbx_audit_revision_item.data_content_type 
_pdbx_audit_revision_item.item 
1  4 'Structure model' '_database_2.pdbx_DOI'                        
2  4 'Structure model' '_database_2.pdbx_database_accession'         
3  4 'Structure model' '_pdbx_struct_conn_angle.ptnr1_auth_comp_id'  
4  4 'Structure model' '_pdbx_struct_conn_angle.ptnr1_auth_seq_id'   
5  4 'Structure model' '_pdbx_struct_conn_angle.ptnr1_label_asym_id' 
6  4 'Structure model' '_pdbx_struct_conn_angle.ptnr1_label_atom_id' 
7  4 'Structure model' '_pdbx_struct_conn_angle.ptnr1_label_comp_id' 
8  4 'Structure model' '_pdbx_struct_conn_angle.ptnr1_label_seq_id'  
9  4 'Structure model' '_pdbx_struct_conn_angle.ptnr3_auth_comp_id'  
10 4 'Structure model' '_pdbx_struct_conn_angle.ptnr3_auth_seq_id'   
11 4 'Structure model' '_pdbx_struct_conn_angle.ptnr3_label_asym_id' 
12 4 'Structure model' '_pdbx_struct_conn_angle.ptnr3_label_atom_id' 
13 4 'Structure model' '_pdbx_struct_conn_angle.ptnr3_label_comp_id' 
14 4 'Structure model' '_pdbx_struct_conn_angle.ptnr3_label_seq_id'  
15 4 'Structure model' '_pdbx_struct_conn_angle.value'               
16 4 'Structure model' '_struct_conn.pdbx_dist_value'                
17 4 'Structure model' '_struct_conn.ptnr1_auth_comp_id'             
18 4 'Structure model' '_struct_conn.ptnr1_auth_seq_id'              
19 4 'Structure model' '_struct_conn.ptnr1_label_asym_id'            
20 4 'Structure model' '_struct_conn.ptnr1_label_atom_id'            
21 4 'Structure model' '_struct_conn.ptnr1_label_comp_id'            
22 4 'Structure model' '_struct_conn.ptnr1_label_seq_id'             
23 4 'Structure model' '_struct_conn.ptnr2_auth_comp_id'             
24 4 'Structure model' '_struct_conn.ptnr2_auth_seq_id'              
25 4 'Structure model' '_struct_conn.ptnr2_label_asym_id'            
26 4 'Structure model' '_struct_conn.ptnr2_label_atom_id'            
27 4 'Structure model' '_struct_conn.ptnr2_label_comp_id'            
28 4 'Structure model' '_struct_conn.ptnr2_label_seq_id'             
29 4 'Structure model' '_struct_site.pdbx_auth_asym_id'              
30 4 'Structure model' '_struct_site.pdbx_auth_comp_id'              
31 4 'Structure model' '_struct_site.pdbx_auth_seq_id'               
# 
loop_
_software.name 
_software.classification 
_software.version 
_software.citation_id 
_software.pdbx_ordinal 
REFMAC refinement       5.1.24    ? 1 
MOSFLM 'data reduction' .         ? 2 
CCP4   'data scaling'   '(SCALA)' ? 3 
AMoRE  phasing          .         ? 4 
# 
loop_
_pdbx_validate_torsion.id 
_pdbx_validate_torsion.PDB_model_num 
_pdbx_validate_torsion.auth_comp_id 
_pdbx_validate_torsion.auth_asym_id 
_pdbx_validate_torsion.auth_seq_id 
_pdbx_validate_torsion.PDB_ins_code 
_pdbx_validate_torsion.label_alt_id 
_pdbx_validate_torsion.phi 
_pdbx_validate_torsion.psi 
1 1 PRO A 44 ? ? -36.84  137.41 
2 1 SER A 75 ? ? -165.48 118.65 
# 
loop_
_pdbx_unobs_or_zero_occ_residues.id 
_pdbx_unobs_or_zero_occ_residues.PDB_model_num 
_pdbx_unobs_or_zero_occ_residues.polymer_flag 
_pdbx_unobs_or_zero_occ_residues.occupancy_flag 
_pdbx_unobs_or_zero_occ_residues.auth_asym_id 
_pdbx_unobs_or_zero_occ_residues.auth_comp_id 
_pdbx_unobs_or_zero_occ_residues.auth_seq_id 
_pdbx_unobs_or_zero_occ_residues.PDB_ins_code 
_pdbx_unobs_or_zero_occ_residues.label_asym_id 
_pdbx_unobs_or_zero_occ_residues.label_comp_id 
_pdbx_unobs_or_zero_occ_residues.label_seq_id 
1  1 Y 1 A MET 1  ? A MET 1  
2  1 Y 1 A ALA 2  ? A ALA 2  
3  1 Y 1 A THR 3  ? A THR 3  
4  1 Y 1 A SER 4  ? A SER 4  
5  1 Y 1 A ALA 5  ? A ALA 5  
6  1 Y 1 A VAL 6  ? A VAL 6  
7  1 Y 1 A PRO 7  ? A PRO 7  
8  1 Y 1 A SER 8  ? A SER 8  
9  1 Y 1 A GLU 9  ? A GLU 9  
10 1 Y 1 A ASN 10 ? A ASN 10 
11 1 Y 1 A ALA 69 ? A ALA 69 
12 1 Y 1 A GLY 70 ? A GLY 70 
13 1 Y 1 A GLN 71 ? A GLN 71 
14 1 Y 1 A GLU 72 ? A GLU 72 
15 1 Y 1 A GLU 73 ? A GLU 73 
# 
loop_
_chem_comp_atom.comp_id 
_chem_comp_atom.atom_id 
_chem_comp_atom.type_symbol 
_chem_comp_atom.pdbx_aromatic_flag 
_chem_comp_atom.pdbx_stereo_config 
_chem_comp_atom.pdbx_ordinal 
ALA N      N  N N 1   
ALA CA     C  N S 2   
ALA C      C  N N 3   
ALA O      O  N N 4   
ALA CB     C  N N 5   
ALA OXT    O  N N 6   
ALA H      H  N N 7   
ALA H2     H  N N 8   
ALA HA     H  N N 9   
ALA HB1    H  N N 10  
ALA HB2    H  N N 11  
ALA HB3    H  N N 12  
ALA HXT    H  N N 13  
ARG N      N  N N 14  
ARG CA     C  N S 15  
ARG C      C  N N 16  
ARG O      O  N N 17  
ARG CB     C  N N 18  
ARG CG     C  N N 19  
ARG CD     C  N N 20  
ARG NE     N  N N 21  
ARG CZ     C  N N 22  
ARG NH1    N  N N 23  
ARG NH2    N  N N 24  
ARG OXT    O  N N 25  
ARG H      H  N N 26  
ARG H2     H  N N 27  
ARG HA     H  N N 28  
ARG HB2    H  N N 29  
ARG HB3    H  N N 30  
ARG HG2    H  N N 31  
ARG HG3    H  N N 32  
ARG HD2    H  N N 33  
ARG HD3    H  N N 34  
ARG HE     H  N N 35  
ARG HH11   H  N N 36  
ARG HH12   H  N N 37  
ARG HH21   H  N N 38  
ARG HH22   H  N N 39  
ARG HXT    H  N N 40  
ASN N      N  N N 41  
ASN CA     C  N S 42  
ASN C      C  N N 43  
ASN O      O  N N 44  
ASN CB     C  N N 45  
ASN CG     C  N N 46  
ASN OD1    O  N N 47  
ASN ND2    N  N N 48  
ASN OXT    O  N N 49  
ASN H      H  N N 50  
ASN H2     H  N N 51  
ASN HA     H  N N 52  
ASN HB2    H  N N 53  
ASN HB3    H  N N 54  
ASN HD21   H  N N 55  
ASN HD22   H  N N 56  
ASN HXT    H  N N 57  
ASP N      N  N N 58  
ASP CA     C  N S 59  
ASP C      C  N N 60  
ASP O      O  N N 61  
ASP CB     C  N N 62  
ASP CG     C  N N 63  
ASP OD1    O  N N 64  
ASP OD2    O  N N 65  
ASP OXT    O  N N 66  
ASP H      H  N N 67  
ASP H2     H  N N 68  
ASP HA     H  N N 69  
ASP HB2    H  N N 70  
ASP HB3    H  N N 71  
ASP HD2    H  N N 72  
ASP HXT    H  N N 73  
GLN N      N  N N 74  
GLN CA     C  N S 75  
GLN C      C  N N 76  
GLN O      O  N N 77  
GLN CB     C  N N 78  
GLN CG     C  N N 79  
GLN CD     C  N N 80  
GLN OE1    O  N N 81  
GLN NE2    N  N N 82  
GLN OXT    O  N N 83  
GLN H      H  N N 84  
GLN H2     H  N N 85  
GLN HA     H  N N 86  
GLN HB2    H  N N 87  
GLN HB3    H  N N 88  
GLN HG2    H  N N 89  
GLN HG3    H  N N 90  
GLN HE21   H  N N 91  
GLN HE22   H  N N 92  
GLN HXT    H  N N 93  
GLU N      N  N N 94  
GLU CA     C  N S 95  
GLU C      C  N N 96  
GLU O      O  N N 97  
GLU CB     C  N N 98  
GLU CG     C  N N 99  
GLU CD     C  N N 100 
GLU OE1    O  N N 101 
GLU OE2    O  N N 102 
GLU OXT    O  N N 103 
GLU H      H  N N 104 
GLU H2     H  N N 105 
GLU HA     H  N N 106 
GLU HB2    H  N N 107 
GLU HB3    H  N N 108 
GLU HG2    H  N N 109 
GLU HG3    H  N N 110 
GLU HE2    H  N N 111 
GLU HXT    H  N N 112 
GLY N      N  N N 113 
GLY CA     C  N N 114 
GLY C      C  N N 115 
GLY O      O  N N 116 
GLY OXT    O  N N 117 
GLY H      H  N N 118 
GLY H2     H  N N 119 
GLY HA2    H  N N 120 
GLY HA3    H  N N 121 
GLY HXT    H  N N 122 
GNP PG     P  N N 123 
GNP O1G    O  N N 124 
GNP O2G    O  N N 125 
GNP O3G    O  N N 126 
GNP N3B    N  N N 127 
GNP PB     P  N R 128 
GNP O1B    O  N N 129 
GNP O2B    O  N N 130 
GNP O3A    O  N N 131 
GNP PA     P  N S 132 
GNP O1A    O  N N 133 
GNP O2A    O  N N 134 
GNP "O5'"  O  N N 135 
GNP "C5'"  C  N N 136 
GNP "C4'"  C  N R 137 
GNP "O4'"  O  N N 138 
GNP "C3'"  C  N S 139 
GNP "O3'"  O  N N 140 
GNP "C2'"  C  N R 141 
GNP "O2'"  O  N N 142 
GNP "C1'"  C  N R 143 
GNP N9     N  Y N 144 
GNP C8     C  Y N 145 
GNP N7     N  Y N 146 
GNP C5     C  Y N 147 
GNP C6     C  Y N 148 
GNP O6     O  N N 149 
GNP N1     N  Y N 150 
GNP C2     C  Y N 151 
GNP N2     N  N N 152 
GNP N3     N  Y N 153 
GNP C4     C  Y N 154 
GNP HOG2   H  N N 155 
GNP HOG3   H  N N 156 
GNP HNB3   H  N N 157 
GNP HOB2   H  N N 158 
GNP HOA2   H  N N 159 
GNP "H5'2" H  N N 160 
GNP "H5'1" H  N N 161 
GNP "H4'"  H  N N 162 
GNP "H3'"  H  N N 163 
GNP "HO3'" H  N N 164 
GNP "H2'"  H  N N 165 
GNP "HO2'" H  N N 166 
GNP "H1'"  H  N N 167 
GNP H8     H  N N 168 
GNP HN1    H  N N 169 
GNP HN21   H  N N 170 
GNP HN22   H  N N 171 
HIS N      N  N N 172 
HIS CA     C  N S 173 
HIS C      C  N N 174 
HIS O      O  N N 175 
HIS CB     C  N N 176 
HIS CG     C  Y N 177 
HIS ND1    N  Y N 178 
HIS CD2    C  Y N 179 
HIS CE1    C  Y N 180 
HIS NE2    N  Y N 181 
HIS OXT    O  N N 182 
HIS H      H  N N 183 
HIS H2     H  N N 184 
HIS HA     H  N N 185 
HIS HB2    H  N N 186 
HIS HB3    H  N N 187 
HIS HD1    H  N N 188 
HIS HD2    H  N N 189 
HIS HE1    H  N N 190 
HIS HE2    H  N N 191 
HIS HXT    H  N N 192 
HOH O      O  N N 193 
HOH H1     H  N N 194 
HOH H2     H  N N 195 
ILE N      N  N N 196 
ILE CA     C  N S 197 
ILE C      C  N N 198 
ILE O      O  N N 199 
ILE CB     C  N S 200 
ILE CG1    C  N N 201 
ILE CG2    C  N N 202 
ILE CD1    C  N N 203 
ILE OXT    O  N N 204 
ILE H      H  N N 205 
ILE H2     H  N N 206 
ILE HA     H  N N 207 
ILE HB     H  N N 208 
ILE HG12   H  N N 209 
ILE HG13   H  N N 210 
ILE HG21   H  N N 211 
ILE HG22   H  N N 212 
ILE HG23   H  N N 213 
ILE HD11   H  N N 214 
ILE HD12   H  N N 215 
ILE HD13   H  N N 216 
ILE HXT    H  N N 217 
LEU N      N  N N 218 
LEU CA     C  N S 219 
LEU C      C  N N 220 
LEU O      O  N N 221 
LEU CB     C  N N 222 
LEU CG     C  N N 223 
LEU CD1    C  N N 224 
LEU CD2    C  N N 225 
LEU OXT    O  N N 226 
LEU H      H  N N 227 
LEU H2     H  N N 228 
LEU HA     H  N N 229 
LEU HB2    H  N N 230 
LEU HB3    H  N N 231 
LEU HG     H  N N 232 
LEU HD11   H  N N 233 
LEU HD12   H  N N 234 
LEU HD13   H  N N 235 
LEU HD21   H  N N 236 
LEU HD22   H  N N 237 
LEU HD23   H  N N 238 
LEU HXT    H  N N 239 
LYS N      N  N N 240 
LYS CA     C  N S 241 
LYS C      C  N N 242 
LYS O      O  N N 243 
LYS CB     C  N N 244 
LYS CG     C  N N 245 
LYS CD     C  N N 246 
LYS CE     C  N N 247 
LYS NZ     N  N N 248 
LYS OXT    O  N N 249 
LYS H      H  N N 250 
LYS H2     H  N N 251 
LYS HA     H  N N 252 
LYS HB2    H  N N 253 
LYS HB3    H  N N 254 
LYS HG2    H  N N 255 
LYS HG3    H  N N 256 
LYS HD2    H  N N 257 
LYS HD3    H  N N 258 
LYS HE2    H  N N 259 
LYS HE3    H  N N 260 
LYS HZ1    H  N N 261 
LYS HZ2    H  N N 262 
LYS HZ3    H  N N 263 
LYS HXT    H  N N 264 
MET N      N  N N 265 
MET CA     C  N S 266 
MET C      C  N N 267 
MET O      O  N N 268 
MET CB     C  N N 269 
MET CG     C  N N 270 
MET SD     S  N N 271 
MET CE     C  N N 272 
MET OXT    O  N N 273 
MET H      H  N N 274 
MET H2     H  N N 275 
MET HA     H  N N 276 
MET HB2    H  N N 277 
MET HB3    H  N N 278 
MET HG2    H  N N 279 
MET HG3    H  N N 280 
MET HE1    H  N N 281 
MET HE2    H  N N 282 
MET HE3    H  N N 283 
MET HXT    H  N N 284 
MG  MG     MG N N 285 
PHE N      N  N N 286 
PHE CA     C  N S 287 
PHE C      C  N N 288 
PHE O      O  N N 289 
PHE CB     C  N N 290 
PHE CG     C  Y N 291 
PHE CD1    C  Y N 292 
PHE CD2    C  Y N 293 
PHE CE1    C  Y N 294 
PHE CE2    C  Y N 295 
PHE CZ     C  Y N 296 
PHE OXT    O  N N 297 
PHE H      H  N N 298 
PHE H2     H  N N 299 
PHE HA     H  N N 300 
PHE HB2    H  N N 301 
PHE HB3    H  N N 302 
PHE HD1    H  N N 303 
PHE HD2    H  N N 304 
PHE HE1    H  N N 305 
PHE HE2    H  N N 306 
PHE HZ     H  N N 307 
PHE HXT    H  N N 308 
PRO N      N  N N 309 
PRO CA     C  N S 310 
PRO C      C  N N 311 
PRO O      O  N N 312 
PRO CB     C  N N 313 
PRO CG     C  N N 314 
PRO CD     C  N N 315 
PRO OXT    O  N N 316 
PRO H      H  N N 317 
PRO HA     H  N N 318 
PRO HB2    H  N N 319 
PRO HB3    H  N N 320 
PRO HG2    H  N N 321 
PRO HG3    H  N N 322 
PRO HD2    H  N N 323 
PRO HD3    H  N N 324 
PRO HXT    H  N N 325 
SER N      N  N N 326 
SER CA     C  N S 327 
SER C      C  N N 328 
SER O      O  N N 329 
SER CB     C  N N 330 
SER OG     O  N N 331 
SER OXT    O  N N 332 
SER H      H  N N 333 
SER H2     H  N N 334 
SER HA     H  N N 335 
SER HB2    H  N N 336 
SER HB3    H  N N 337 
SER HG     H  N N 338 
SER HXT    H  N N 339 
THR N      N  N N 340 
THR CA     C  N S 341 
THR C      C  N N 342 
THR O      O  N N 343 
THR CB     C  N R 344 
THR OG1    O  N N 345 
THR CG2    C  N N 346 
THR OXT    O  N N 347 
THR H      H  N N 348 
THR H2     H  N N 349 
THR HA     H  N N 350 
THR HB     H  N N 351 
THR HG1    H  N N 352 
THR HG21   H  N N 353 
THR HG22   H  N N 354 
THR HG23   H  N N 355 
THR HXT    H  N N 356 
TRP N      N  N N 357 
TRP CA     C  N S 358 
TRP C      C  N N 359 
TRP O      O  N N 360 
TRP CB     C  N N 361 
TRP CG     C  Y N 362 
TRP CD1    C  Y N 363 
TRP CD2    C  Y N 364 
TRP NE1    N  Y N 365 
TRP CE2    C  Y N 366 
TRP CE3    C  Y N 367 
TRP CZ2    C  Y N 368 
TRP CZ3    C  Y N 369 
TRP CH2    C  Y N 370 
TRP OXT    O  N N 371 
TRP H      H  N N 372 
TRP H2     H  N N 373 
TRP HA     H  N N 374 
TRP HB2    H  N N 375 
TRP HB3    H  N N 376 
TRP HD1    H  N N 377 
TRP HE1    H  N N 378 
TRP HE3    H  N N 379 
TRP HZ2    H  N N 380 
TRP HZ3    H  N N 381 
TRP HH2    H  N N 382 
TRP HXT    H  N N 383 
TYR N      N  N N 384 
TYR CA     C  N S 385 
TYR C      C  N N 386 
TYR O      O  N N 387 
TYR CB     C  N N 388 
TYR CG     C  Y N 389 
TYR CD1    C  Y N 390 
TYR CD2    C  Y N 391 
TYR CE1    C  Y N 392 
TYR CE2    C  Y N 393 
TYR CZ     C  Y N 394 
TYR OH     O  N N 395 
TYR OXT    O  N N 396 
TYR H      H  N N 397 
TYR H2     H  N N 398 
TYR HA     H  N N 399 
TYR HB2    H  N N 400 
TYR HB3    H  N N 401 
TYR HD1    H  N N 402 
TYR HD2    H  N N 403 
TYR HE1    H  N N 404 
TYR HE2    H  N N 405 
TYR HH     H  N N 406 
TYR HXT    H  N N 407 
VAL N      N  N N 408 
VAL CA     C  N S 409 
VAL C      C  N N 410 
VAL O      O  N N 411 
VAL CB     C  N N 412 
VAL CG1    C  N N 413 
VAL CG2    C  N N 414 
VAL OXT    O  N N 415 
VAL H      H  N N 416 
VAL H2     H  N N 417 
VAL HA     H  N N 418 
VAL HB     H  N N 419 
VAL HG11   H  N N 420 
VAL HG12   H  N N 421 
VAL HG13   H  N N 422 
VAL HG21   H  N N 423 
VAL HG22   H  N N 424 
VAL HG23   H  N N 425 
VAL HXT    H  N N 426 
# 
loop_
_chem_comp_bond.comp_id 
_chem_comp_bond.atom_id_1 
_chem_comp_bond.atom_id_2 
_chem_comp_bond.value_order 
_chem_comp_bond.pdbx_aromatic_flag 
_chem_comp_bond.pdbx_stereo_config 
_chem_comp_bond.pdbx_ordinal 
ALA N     CA     sing N N 1   
ALA N     H      sing N N 2   
ALA N     H2     sing N N 3   
ALA CA    C      sing N N 4   
ALA CA    CB     sing N N 5   
ALA CA    HA     sing N N 6   
ALA C     O      doub N N 7   
ALA C     OXT    sing N N 8   
ALA CB    HB1    sing N N 9   
ALA CB    HB2    sing N N 10  
ALA CB    HB3    sing N N 11  
ALA OXT   HXT    sing N N 12  
ARG N     CA     sing N N 13  
ARG N     H      sing N N 14  
ARG N     H2     sing N N 15  
ARG CA    C      sing N N 16  
ARG CA    CB     sing N N 17  
ARG CA    HA     sing N N 18  
ARG C     O      doub N N 19  
ARG C     OXT    sing N N 20  
ARG CB    CG     sing N N 21  
ARG CB    HB2    sing N N 22  
ARG CB    HB3    sing N N 23  
ARG CG    CD     sing N N 24  
ARG CG    HG2    sing N N 25  
ARG CG    HG3    sing N N 26  
ARG CD    NE     sing N N 27  
ARG CD    HD2    sing N N 28  
ARG CD    HD3    sing N N 29  
ARG NE    CZ     sing N N 30  
ARG NE    HE     sing N N 31  
ARG CZ    NH1    sing N N 32  
ARG CZ    NH2    doub N N 33  
ARG NH1   HH11   sing N N 34  
ARG NH1   HH12   sing N N 35  
ARG NH2   HH21   sing N N 36  
ARG NH2   HH22   sing N N 37  
ARG OXT   HXT    sing N N 38  
ASN N     CA     sing N N 39  
ASN N     H      sing N N 40  
ASN N     H2     sing N N 41  
ASN CA    C      sing N N 42  
ASN CA    CB     sing N N 43  
ASN CA    HA     sing N N 44  
ASN C     O      doub N N 45  
ASN C     OXT    sing N N 46  
ASN CB    CG     sing N N 47  
ASN CB    HB2    sing N N 48  
ASN CB    HB3    sing N N 49  
ASN CG    OD1    doub N N 50  
ASN CG    ND2    sing N N 51  
ASN ND2   HD21   sing N N 52  
ASN ND2   HD22   sing N N 53  
ASN OXT   HXT    sing N N 54  
ASP N     CA     sing N N 55  
ASP N     H      sing N N 56  
ASP N     H2     sing N N 57  
ASP CA    C      sing N N 58  
ASP CA    CB     sing N N 59  
ASP CA    HA     sing N N 60  
ASP C     O      doub N N 61  
ASP C     OXT    sing N N 62  
ASP CB    CG     sing N N 63  
ASP CB    HB2    sing N N 64  
ASP CB    HB3    sing N N 65  
ASP CG    OD1    doub N N 66  
ASP CG    OD2    sing N N 67  
ASP OD2   HD2    sing N N 68  
ASP OXT   HXT    sing N N 69  
GLN N     CA     sing N N 70  
GLN N     H      sing N N 71  
GLN N     H2     sing N N 72  
GLN CA    C      sing N N 73  
GLN CA    CB     sing N N 74  
GLN CA    HA     sing N N 75  
GLN C     O      doub N N 76  
GLN C     OXT    sing N N 77  
GLN CB    CG     sing N N 78  
GLN CB    HB2    sing N N 79  
GLN CB    HB3    sing N N 80  
GLN CG    CD     sing N N 81  
GLN CG    HG2    sing N N 82  
GLN CG    HG3    sing N N 83  
GLN CD    OE1    doub N N 84  
GLN CD    NE2    sing N N 85  
GLN NE2   HE21   sing N N 86  
GLN NE2   HE22   sing N N 87  
GLN OXT   HXT    sing N N 88  
GLU N     CA     sing N N 89  
GLU N     H      sing N N 90  
GLU N     H2     sing N N 91  
GLU CA    C      sing N N 92  
GLU CA    CB     sing N N 93  
GLU CA    HA     sing N N 94  
GLU C     O      doub N N 95  
GLU C     OXT    sing N N 96  
GLU CB    CG     sing N N 97  
GLU CB    HB2    sing N N 98  
GLU CB    HB3    sing N N 99  
GLU CG    CD     sing N N 100 
GLU CG    HG2    sing N N 101 
GLU CG    HG3    sing N N 102 
GLU CD    OE1    doub N N 103 
GLU CD    OE2    sing N N 104 
GLU OE2   HE2    sing N N 105 
GLU OXT   HXT    sing N N 106 
GLY N     CA     sing N N 107 
GLY N     H      sing N N 108 
GLY N     H2     sing N N 109 
GLY CA    C      sing N N 110 
GLY CA    HA2    sing N N 111 
GLY CA    HA3    sing N N 112 
GLY C     O      doub N N 113 
GLY C     OXT    sing N N 114 
GLY OXT   HXT    sing N N 115 
GNP PG    O1G    doub N N 116 
GNP PG    O2G    sing N N 117 
GNP PG    O3G    sing N N 118 
GNP PG    N3B    sing N N 119 
GNP O2G   HOG2   sing N N 120 
GNP O3G   HOG3   sing N N 121 
GNP N3B   PB     sing N N 122 
GNP N3B   HNB3   sing N N 123 
GNP PB    O1B    doub N N 124 
GNP PB    O2B    sing N N 125 
GNP PB    O3A    sing N N 126 
GNP O2B   HOB2   sing N N 127 
GNP O3A   PA     sing N N 128 
GNP PA    O1A    doub N N 129 
GNP PA    O2A    sing N N 130 
GNP PA    "O5'"  sing N N 131 
GNP O2A   HOA2   sing N N 132 
GNP "O5'" "C5'"  sing N N 133 
GNP "C5'" "C4'"  sing N N 134 
GNP "C5'" "H5'2" sing N N 135 
GNP "C5'" "H5'1" sing N N 136 
GNP "C4'" "O4'"  sing N N 137 
GNP "C4'" "C3'"  sing N N 138 
GNP "C4'" "H4'"  sing N N 139 
GNP "O4'" "C1'"  sing N N 140 
GNP "C3'" "O3'"  sing N N 141 
GNP "C3'" "C2'"  sing N N 142 
GNP "C3'" "H3'"  sing N N 143 
GNP "O3'" "HO3'" sing N N 144 
GNP "C2'" "O2'"  sing N N 145 
GNP "C2'" "C1'"  sing N N 146 
GNP "C2'" "H2'"  sing N N 147 
GNP "O2'" "HO2'" sing N N 148 
GNP "C1'" N9     sing N N 149 
GNP "C1'" "H1'"  sing N N 150 
GNP N9    C8     sing Y N 151 
GNP N9    C4     sing Y N 152 
GNP C8    N7     doub Y N 153 
GNP C8    H8     sing N N 154 
GNP N7    C5     sing Y N 155 
GNP C5    C6     sing Y N 156 
GNP C5    C4     doub Y N 157 
GNP C6    O6     doub N N 158 
GNP C6    N1     sing Y N 159 
GNP N1    C2     sing Y N 160 
GNP N1    HN1    sing N N 161 
GNP C2    N2     sing N N 162 
GNP C2    N3     doub Y N 163 
GNP N2    HN21   sing N N 164 
GNP N2    HN22   sing N N 165 
GNP N3    C4     sing Y N 166 
HIS N     CA     sing N N 167 
HIS N     H      sing N N 168 
HIS N     H2     sing N N 169 
HIS CA    C      sing N N 170 
HIS CA    CB     sing N N 171 
HIS CA    HA     sing N N 172 
HIS C     O      doub N N 173 
HIS C     OXT    sing N N 174 
HIS CB    CG     sing N N 175 
HIS CB    HB2    sing N N 176 
HIS CB    HB3    sing N N 177 
HIS CG    ND1    sing Y N 178 
HIS CG    CD2    doub Y N 179 
HIS ND1   CE1    doub Y N 180 
HIS ND1   HD1    sing N N 181 
HIS CD2   NE2    sing Y N 182 
HIS CD2   HD2    sing N N 183 
HIS CE1   NE2    sing Y N 184 
HIS CE1   HE1    sing N N 185 
HIS NE2   HE2    sing N N 186 
HIS OXT   HXT    sing N N 187 
HOH O     H1     sing N N 188 
HOH O     H2     sing N N 189 
ILE N     CA     sing N N 190 
ILE N     H      sing N N 191 
ILE N     H2     sing N N 192 
ILE CA    C      sing N N 193 
ILE CA    CB     sing N N 194 
ILE CA    HA     sing N N 195 
ILE C     O      doub N N 196 
ILE C     OXT    sing N N 197 
ILE CB    CG1    sing N N 198 
ILE CB    CG2    sing N N 199 
ILE CB    HB     sing N N 200 
ILE CG1   CD1    sing N N 201 
ILE CG1   HG12   sing N N 202 
ILE CG1   HG13   sing N N 203 
ILE CG2   HG21   sing N N 204 
ILE CG2   HG22   sing N N 205 
ILE CG2   HG23   sing N N 206 
ILE CD1   HD11   sing N N 207 
ILE CD1   HD12   sing N N 208 
ILE CD1   HD13   sing N N 209 
ILE OXT   HXT    sing N N 210 
LEU N     CA     sing N N 211 
LEU N     H      sing N N 212 
LEU N     H2     sing N N 213 
LEU CA    C      sing N N 214 
LEU CA    CB     sing N N 215 
LEU CA    HA     sing N N 216 
LEU C     O      doub N N 217 
LEU C     OXT    sing N N 218 
LEU CB    CG     sing N N 219 
LEU CB    HB2    sing N N 220 
LEU CB    HB3    sing N N 221 
LEU CG    CD1    sing N N 222 
LEU CG    CD2    sing N N 223 
LEU CG    HG     sing N N 224 
LEU CD1   HD11   sing N N 225 
LEU CD1   HD12   sing N N 226 
LEU CD1   HD13   sing N N 227 
LEU CD2   HD21   sing N N 228 
LEU CD2   HD22   sing N N 229 
LEU CD2   HD23   sing N N 230 
LEU OXT   HXT    sing N N 231 
LYS N     CA     sing N N 232 
LYS N     H      sing N N 233 
LYS N     H2     sing N N 234 
LYS CA    C      sing N N 235 
LYS CA    CB     sing N N 236 
LYS CA    HA     sing N N 237 
LYS C     O      doub N N 238 
LYS C     OXT    sing N N 239 
LYS CB    CG     sing N N 240 
LYS CB    HB2    sing N N 241 
LYS CB    HB3    sing N N 242 
LYS CG    CD     sing N N 243 
LYS CG    HG2    sing N N 244 
LYS CG    HG3    sing N N 245 
LYS CD    CE     sing N N 246 
LYS CD    HD2    sing N N 247 
LYS CD    HD3    sing N N 248 
LYS CE    NZ     sing N N 249 
LYS CE    HE2    sing N N 250 
LYS CE    HE3    sing N N 251 
LYS NZ    HZ1    sing N N 252 
LYS NZ    HZ2    sing N N 253 
LYS NZ    HZ3    sing N N 254 
LYS OXT   HXT    sing N N 255 
MET N     CA     sing N N 256 
MET N     H      sing N N 257 
MET N     H2     sing N N 258 
MET CA    C      sing N N 259 
MET CA    CB     sing N N 260 
MET CA    HA     sing N N 261 
MET C     O      doub N N 262 
MET C     OXT    sing N N 263 
MET CB    CG     sing N N 264 
MET CB    HB2    sing N N 265 
MET CB    HB3    sing N N 266 
MET CG    SD     sing N N 267 
MET CG    HG2    sing N N 268 
MET CG    HG3    sing N N 269 
MET SD    CE     sing N N 270 
MET CE    HE1    sing N N 271 
MET CE    HE2    sing N N 272 
MET CE    HE3    sing N N 273 
MET OXT   HXT    sing N N 274 
PHE N     CA     sing N N 275 
PHE N     H      sing N N 276 
PHE N     H2     sing N N 277 
PHE CA    C      sing N N 278 
PHE CA    CB     sing N N 279 
PHE CA    HA     sing N N 280 
PHE C     O      doub N N 281 
PHE C     OXT    sing N N 282 
PHE CB    CG     sing N N 283 
PHE CB    HB2    sing N N 284 
PHE CB    HB3    sing N N 285 
PHE CG    CD1    doub Y N 286 
PHE CG    CD2    sing Y N 287 
PHE CD1   CE1    sing Y N 288 
PHE CD1   HD1    sing N N 289 
PHE CD2   CE2    doub Y N 290 
PHE CD2   HD2    sing N N 291 
PHE CE1   CZ     doub Y N 292 
PHE CE1   HE1    sing N N 293 
PHE CE2   CZ     sing Y N 294 
PHE CE2   HE2    sing N N 295 
PHE CZ    HZ     sing N N 296 
PHE OXT   HXT    sing N N 297 
PRO N     CA     sing N N 298 
PRO N     CD     sing N N 299 
PRO N     H      sing N N 300 
PRO CA    C      sing N N 301 
PRO CA    CB     sing N N 302 
PRO CA    HA     sing N N 303 
PRO C     O      doub N N 304 
PRO C     OXT    sing N N 305 
PRO CB    CG     sing N N 306 
PRO CB    HB2    sing N N 307 
PRO CB    HB3    sing N N 308 
PRO CG    CD     sing N N 309 
PRO CG    HG2    sing N N 310 
PRO CG    HG3    sing N N 311 
PRO CD    HD2    sing N N 312 
PRO CD    HD3    sing N N 313 
PRO OXT   HXT    sing N N 314 
SER N     CA     sing N N 315 
SER N     H      sing N N 316 
SER N     H2     sing N N 317 
SER CA    C      sing N N 318 
SER CA    CB     sing N N 319 
SER CA    HA     sing N N 320 
SER C     O      doub N N 321 
SER C     OXT    sing N N 322 
SER CB    OG     sing N N 323 
SER CB    HB2    sing N N 324 
SER CB    HB3    sing N N 325 
SER OG    HG     sing N N 326 
SER OXT   HXT    sing N N 327 
THR N     CA     sing N N 328 
THR N     H      sing N N 329 
THR N     H2     sing N N 330 
THR CA    C      sing N N 331 
THR CA    CB     sing N N 332 
THR CA    HA     sing N N 333 
THR C     O      doub N N 334 
THR C     OXT    sing N N 335 
THR CB    OG1    sing N N 336 
THR CB    CG2    sing N N 337 
THR CB    HB     sing N N 338 
THR OG1   HG1    sing N N 339 
THR CG2   HG21   sing N N 340 
THR CG2   HG22   sing N N 341 
THR CG2   HG23   sing N N 342 
THR OXT   HXT    sing N N 343 
TRP N     CA     sing N N 344 
TRP N     H      sing N N 345 
TRP N     H2     sing N N 346 
TRP CA    C      sing N N 347 
TRP CA    CB     sing N N 348 
TRP CA    HA     sing N N 349 
TRP C     O      doub N N 350 
TRP C     OXT    sing N N 351 
TRP CB    CG     sing N N 352 
TRP CB    HB2    sing N N 353 
TRP CB    HB3    sing N N 354 
TRP CG    CD1    doub Y N 355 
TRP CG    CD2    sing Y N 356 
TRP CD1   NE1    sing Y N 357 
TRP CD1   HD1    sing N N 358 
TRP CD2   CE2    doub Y N 359 
TRP CD2   CE3    sing Y N 360 
TRP NE1   CE2    sing Y N 361 
TRP NE1   HE1    sing N N 362 
TRP CE2   CZ2    sing Y N 363 
TRP CE3   CZ3    doub Y N 364 
TRP CE3   HE3    sing N N 365 
TRP CZ2   CH2    doub Y N 366 
TRP CZ2   HZ2    sing N N 367 
TRP CZ3   CH2    sing Y N 368 
TRP CZ3   HZ3    sing N N 369 
TRP CH2   HH2    sing N N 370 
TRP OXT   HXT    sing N N 371 
TYR N     CA     sing N N 372 
TYR N     H      sing N N 373 
TYR N     H2     sing N N 374 
TYR CA    C      sing N N 375 
TYR CA    CB     sing N N 376 
TYR CA    HA     sing N N 377 
TYR C     O      doub N N 378 
TYR C     OXT    sing N N 379 
TYR CB    CG     sing N N 380 
TYR CB    HB2    sing N N 381 
TYR CB    HB3    sing N N 382 
TYR CG    CD1    doub Y N 383 
TYR CG    CD2    sing Y N 384 
TYR CD1   CE1    sing Y N 385 
TYR CD1   HD1    sing N N 386 
TYR CD2   CE2    doub Y N 387 
TYR CD2   HD2    sing N N 388 
TYR CE1   CZ     doub Y N 389 
TYR CE1   HE1    sing N N 390 
TYR CE2   CZ     sing Y N 391 
TYR CE2   HE2    sing N N 392 
TYR CZ    OH     sing N N 393 
TYR OH    HH     sing N N 394 
TYR OXT   HXT    sing N N 395 
VAL N     CA     sing N N 396 
VAL N     H      sing N N 397 
VAL N     H2     sing N N 398 
VAL CA    C      sing N N 399 
VAL CA    CB     sing N N 400 
VAL CA    HA     sing N N 401 
VAL C     O      doub N N 402 
VAL C     OXT    sing N N 403 
VAL CB    CG1    sing N N 404 
VAL CB    CG2    sing N N 405 
VAL CB    HB     sing N N 406 
VAL CG1   HG11   sing N N 407 
VAL CG1   HG12   sing N N 408 
VAL CG1   HG13   sing N N 409 
VAL CG2   HG21   sing N N 410 
VAL CG2   HG22   sing N N 411 
VAL CG2   HG23   sing N N 412 
VAL OXT   HXT    sing N N 413 
# 
loop_
_pdbx_entity_nonpoly.entity_id 
_pdbx_entity_nonpoly.name 
_pdbx_entity_nonpoly.comp_id 
2 'MAGNESIUM ION'                               MG  
3 'PHOSPHOAMINOPHOSPHONIC ACID-GUANYLATE ESTER' GNP 
4 water                                         HOH 
# 
_pdbx_initial_refinement_model.id               1 
_pdbx_initial_refinement_model.entity_id_list   ? 
_pdbx_initial_refinement_model.type             'experimental model' 
_pdbx_initial_refinement_model.source_name      PDB 
_pdbx_initial_refinement_model.accession_code   1X1R 
_pdbx_initial_refinement_model.details          'PDB ENTRY 1X1R' 
# 
